data_2NLQ
# 
_entry.id   2NLQ 
# 
_audit_conform.dict_name       mmcif_pdbx.dic 
_audit_conform.dict_version    5.398 
_audit_conform.dict_location   http://mmcif.pdb.org/dictionaries/ascii/mmcif_pdbx.dic 
# 
loop_
_database_2.database_id 
_database_2.database_code 
_database_2.pdbx_database_accession 
_database_2.pdbx_DOI 
PDB   2NLQ         pdb_00002nlq 10.2210/pdb2nlq/pdb 
RCSB  RCSB040017   ?            ?                   
WWPDB D_1000040017 ?            ?                   
# 
loop_
_pdbx_audit_revision_history.ordinal 
_pdbx_audit_revision_history.data_content_type 
_pdbx_audit_revision_history.major_revision 
_pdbx_audit_revision_history.minor_revision 
_pdbx_audit_revision_history.revision_date 
1 'Structure model' 1 0 2006-10-31 
2 'Structure model' 1 1 2008-05-01 
3 'Structure model' 1 2 2011-07-13 
4 'Structure model' 1 3 2017-10-18 
5 'Structure model' 1 4 2021-10-20 
6 'Structure model' 1 5 2023-08-30 
7 'Structure model' 1 6 2024-10-30 
# 
_pdbx_audit_revision_details.ordinal             1 
_pdbx_audit_revision_details.revision_ordinal    1 
_pdbx_audit_revision_details.data_content_type   'Structure model' 
_pdbx_audit_revision_details.provider            repository 
_pdbx_audit_revision_details.type                'Initial release' 
_pdbx_audit_revision_details.description         ? 
_pdbx_audit_revision_details.details             ? 
# 
loop_
_pdbx_audit_revision_group.ordinal 
_pdbx_audit_revision_group.revision_ordinal 
_pdbx_audit_revision_group.data_content_type 
_pdbx_audit_revision_group.group 
1 2 'Structure model' 'Version format compliance' 
2 3 'Structure model' 'Non-polymer description'   
3 3 'Structure model' 'Version format compliance' 
4 4 'Structure model' 'Refinement description'    
5 5 'Structure model' 'Database references'       
6 5 'Structure model' 'Derived calculations'      
7 6 'Structure model' 'Data collection'           
8 6 'Structure model' 'Refinement description'    
9 7 'Structure model' 'Structure summary'         
# 
loop_
_pdbx_audit_revision_category.ordinal 
_pdbx_audit_revision_category.revision_ordinal 
_pdbx_audit_revision_category.data_content_type 
_pdbx_audit_revision_category.category 
1 4 'Structure model' software                      
2 5 'Structure model' database_2                    
3 5 'Structure model' struct_ref_seq_dif            
4 5 'Structure model' struct_site                   
5 6 'Structure model' chem_comp_atom                
6 6 'Structure model' chem_comp_bond                
7 6 'Structure model' pdbx_initial_refinement_model 
8 7 'Structure model' pdbx_entry_details            
9 7 'Structure model' pdbx_modification_feature     
# 
loop_
_pdbx_audit_revision_item.ordinal 
_pdbx_audit_revision_item.revision_ordinal 
_pdbx_audit_revision_item.data_content_type 
_pdbx_audit_revision_item.item 
1 5 'Structure model' '_database_2.pdbx_DOI'                
2 5 'Structure model' '_database_2.pdbx_database_accession' 
3 5 'Structure model' '_struct_ref_seq_dif.details'         
4 5 'Structure model' '_struct_site.pdbx_auth_asym_id'      
5 5 'Structure model' '_struct_site.pdbx_auth_comp_id'      
6 5 'Structure model' '_struct_site.pdbx_auth_seq_id'       
# 
_pdbx_database_status.entry_id                        2NLQ 
_pdbx_database_status.deposit_site                    RCSB 
_pdbx_database_status.process_site                    RCSB 
_pdbx_database_status.recvd_initial_deposition_date   2006-10-20 
_pdbx_database_status.status_code                     REL 
_pdbx_database_status.status_code_sf                  REL 
_pdbx_database_status.status_code_mr                  ? 
_pdbx_database_status.SG_entry                        ? 
_pdbx_database_status.pdb_format_compatible           Y 
_pdbx_database_status.status_code_cs                  ? 
_pdbx_database_status.methods_development_category    ? 
_pdbx_database_status.status_code_nmr_data            ? 
# 
loop_
_pdbx_database_related.db_name 
_pdbx_database_related.db_id 
_pdbx_database_related.details 
_pdbx_database_related.content_type 
PDB 2NLB 'Human beta-defensin-1 (Mutant Asn4Ala)'   unspecified 
PDB 2NLC 'Human beta-defensin-1 (mutant Ser8Ala)'   unspecified 
PDB 2NLD 'Human beta-defensin-1 (Mutant Gln11Ala)'  unspecified 
PDB 2NLE 'Human beta-defensin-1 (Mutant Gln11Ala)'  unspecified 
PDB 2NLF 'Human beta-defensin-1 (Mutant Leu13Glu)'  unspecified 
PDB 2NLH 'Human beta-defensin-1 (mutant GLN24ALA)'  unspecified 
PDB 2NLP 'Human beta-defensin-1 (Mutant Gln24Glu)'  unspecified 
PDB 2NLS 'Human beta-defensin-1 (Mutant  GLN24ALA)' unspecified 
# 
loop_
_audit_author.name 
_audit_author.pdbx_ordinal 
'Lubkowski, J.' 1 
'Pazgier, M.'   2 
# 
_citation.id                        primary 
_citation.title                     'Studies of the Biological Properties of Human beta-Defensin 1.' 
_citation.journal_abbrev            J.Biol.Chem. 
_citation.journal_volume            282 
_citation.page_first                1819 
_citation.page_last                 1829 
_citation.year                      2007 
_citation.journal_id_ASTM           JBCHA3 
_citation.country                   US 
_citation.journal_id_ISSN           0021-9258 
_citation.journal_id_CSD            0071 
_citation.book_publisher            ? 
_citation.pdbx_database_id_PubMed   17071614 
_citation.pdbx_database_id_DOI      10.1074/jbc.M607210200 
# 
loop_
_citation_author.citation_id 
_citation_author.name 
_citation_author.ordinal 
_citation_author.identifier_ORCID 
primary 'Pazgier, M.'   1 ? 
primary 'Prahl, A.'     2 ? 
primary 'Hoover, D.M.'  3 ? 
primary 'Lubkowski, J.' 4 ? 
# 
loop_
_entity.id 
_entity.type 
_entity.src_method 
_entity.pdbx_description 
_entity.formula_weight 
_entity.pdbx_number_of_molecules 
_entity.pdbx_ec 
_entity.pdbx_mutation 
_entity.pdbx_fragment 
_entity.details 
1 polymer     man 'Beta-defensin 1' 3882.496 4   ? K31A 'human beta-defensin 1, residues 33-68' ? 
2 non-polymer syn 'SULFATE ION'     96.063   5   ? ?    ?                                       ? 
3 non-polymer syn GLYCINE           75.067   1   ? ?    ?                                       ? 
4 non-polymer syn GLYCEROL          92.094   1   ? ?    ?                                       ? 
5 water       nat water             18.015   266 ? ?    ?                                       ? 
# 
_entity_name_com.entity_id   1 
_entity_name_com.name        'BD-1, Defensin, beta 1, hBD-1' 
# 
_entity_poly.entity_id                      1 
_entity_poly.type                           'polypeptide(L)' 
_entity_poly.nstd_linkage                   no 
_entity_poly.nstd_monomer                   no 
_entity_poly.pdbx_seq_one_letter_code       DHYNCVSSGGQCLYSACPIFTKIQGTCYRGAAKCCK 
_entity_poly.pdbx_seq_one_letter_code_can   DHYNCVSSGGQCLYSACPIFTKIQGTCYRGAAKCCK 
_entity_poly.pdbx_strand_id                 A,B,C,D 
_entity_poly.pdbx_target_identifier         ? 
# 
loop_
_pdbx_entity_nonpoly.entity_id 
_pdbx_entity_nonpoly.name 
_pdbx_entity_nonpoly.comp_id 
2 'SULFATE ION' SO4 
3 GLYCINE       GLY 
4 GLYCEROL      GOL 
5 water         HOH 
# 
loop_
_entity_poly_seq.entity_id 
_entity_poly_seq.num 
_entity_poly_seq.mon_id 
_entity_poly_seq.hetero 
1 1  ASP n 
1 2  HIS n 
1 3  TYR n 
1 4  ASN n 
1 5  CYS n 
1 6  VAL n 
1 7  SER n 
1 8  SER n 
1 9  GLY n 
1 10 GLY n 
1 11 GLN n 
1 12 CYS n 
1 13 LEU n 
1 14 TYR n 
1 15 SER n 
1 16 ALA n 
1 17 CYS n 
1 18 PRO n 
1 19 ILE n 
1 20 PHE n 
1 21 THR n 
1 22 LYS n 
1 23 ILE n 
1 24 GLN n 
1 25 GLY n 
1 26 THR n 
1 27 CYS n 
1 28 TYR n 
1 29 ARG n 
1 30 GLY n 
1 31 ALA n 
1 32 ALA n 
1 33 LYS n 
1 34 CYS n 
1 35 CYS n 
1 36 LYS n 
# 
_entity_src_gen.entity_id                          1 
_entity_src_gen.pdbx_src_id                        1 
_entity_src_gen.pdbx_alt_source_flag               sample 
_entity_src_gen.pdbx_seq_type                      ? 
_entity_src_gen.pdbx_beg_seq_num                   ? 
_entity_src_gen.pdbx_end_seq_num                   ? 
_entity_src_gen.gene_src_common_name               human 
_entity_src_gen.gene_src_genus                     Homo 
_entity_src_gen.pdbx_gene_src_gene                 'DEFB1, BD1, HBD1' 
_entity_src_gen.gene_src_species                   ? 
_entity_src_gen.gene_src_strain                    ? 
_entity_src_gen.gene_src_tissue                    ? 
_entity_src_gen.gene_src_tissue_fraction           ? 
_entity_src_gen.gene_src_details                   ? 
_entity_src_gen.pdbx_gene_src_fragment             ? 
_entity_src_gen.pdbx_gene_src_scientific_name      'Homo sapiens' 
_entity_src_gen.pdbx_gene_src_ncbi_taxonomy_id     9606 
_entity_src_gen.pdbx_gene_src_variant              ? 
_entity_src_gen.pdbx_gene_src_cell_line            ? 
_entity_src_gen.pdbx_gene_src_atcc                 ? 
_entity_src_gen.pdbx_gene_src_organ                ? 
_entity_src_gen.pdbx_gene_src_organelle            ? 
_entity_src_gen.pdbx_gene_src_cell                 ? 
_entity_src_gen.pdbx_gene_src_cellular_location    ? 
_entity_src_gen.host_org_common_name               ? 
_entity_src_gen.pdbx_host_org_scientific_name      'Escherichia coli' 
_entity_src_gen.pdbx_host_org_ncbi_taxonomy_id     562 
_entity_src_gen.host_org_genus                     Escherichia 
_entity_src_gen.pdbx_host_org_gene                 ? 
_entity_src_gen.pdbx_host_org_organ                ? 
_entity_src_gen.host_org_species                   ? 
_entity_src_gen.pdbx_host_org_tissue               ? 
_entity_src_gen.pdbx_host_org_tissue_fraction      ? 
_entity_src_gen.pdbx_host_org_strain               'BL21(DE3)pLysE' 
_entity_src_gen.pdbx_host_org_variant              ? 
_entity_src_gen.pdbx_host_org_cell_line            ? 
_entity_src_gen.pdbx_host_org_atcc                 ? 
_entity_src_gen.pdbx_host_org_culture_collection   ? 
_entity_src_gen.pdbx_host_org_cell                 ? 
_entity_src_gen.pdbx_host_org_organelle            ? 
_entity_src_gen.pdbx_host_org_cellular_location    ? 
_entity_src_gen.pdbx_host_org_vector_type          plasmid 
_entity_src_gen.pdbx_host_org_vector               ? 
_entity_src_gen.host_org_details                   ? 
_entity_src_gen.expression_system_id               ? 
_entity_src_gen.plasmid_name                       pAED4 
_entity_src_gen.plasmid_details                    ? 
_entity_src_gen.pdbx_description                   ? 
# 
loop_
_chem_comp.id 
_chem_comp.type 
_chem_comp.mon_nstd_flag 
_chem_comp.name 
_chem_comp.pdbx_synonyms 
_chem_comp.formula 
_chem_comp.formula_weight 
ALA 'L-peptide linking' y ALANINE         ?                               'C3 H7 N O2'     89.093  
ARG 'L-peptide linking' y ARGININE        ?                               'C6 H15 N4 O2 1' 175.209 
ASN 'L-peptide linking' y ASPARAGINE      ?                               'C4 H8 N2 O3'    132.118 
ASP 'L-peptide linking' y 'ASPARTIC ACID' ?                               'C4 H7 N O4'     133.103 
CYS 'L-peptide linking' y CYSTEINE        ?                               'C3 H7 N O2 S'   121.158 
GLN 'L-peptide linking' y GLUTAMINE       ?                               'C5 H10 N2 O3'   146.144 
GLY 'peptide linking'   y GLYCINE         ?                               'C2 H5 N O2'     75.067  
GOL non-polymer         . GLYCEROL        'GLYCERIN; PROPANE-1,2,3-TRIOL' 'C3 H8 O3'       92.094  
HIS 'L-peptide linking' y HISTIDINE       ?                               'C6 H10 N3 O2 1' 156.162 
HOH non-polymer         . WATER           ?                               'H2 O'           18.015  
ILE 'L-peptide linking' y ISOLEUCINE      ?                               'C6 H13 N O2'    131.173 
LEU 'L-peptide linking' y LEUCINE         ?                               'C6 H13 N O2'    131.173 
LYS 'L-peptide linking' y LYSINE          ?                               'C6 H15 N2 O2 1' 147.195 
PHE 'L-peptide linking' y PHENYLALANINE   ?                               'C9 H11 N O2'    165.189 
PRO 'L-peptide linking' y PROLINE         ?                               'C5 H9 N O2'     115.130 
SER 'L-peptide linking' y SERINE          ?                               'C3 H7 N O3'     105.093 
SO4 non-polymer         . 'SULFATE ION'   ?                               'O4 S -2'        96.063  
THR 'L-peptide linking' y THREONINE       ?                               'C4 H9 N O3'     119.119 
TYR 'L-peptide linking' y TYROSINE        ?                               'C9 H11 N O3'    181.189 
VAL 'L-peptide linking' y VALINE          ?                               'C5 H11 N O2'    117.146 
# 
loop_
_pdbx_poly_seq_scheme.asym_id 
_pdbx_poly_seq_scheme.entity_id 
_pdbx_poly_seq_scheme.seq_id 
_pdbx_poly_seq_scheme.mon_id 
_pdbx_poly_seq_scheme.ndb_seq_num 
_pdbx_poly_seq_scheme.pdb_seq_num 
_pdbx_poly_seq_scheme.auth_seq_num 
_pdbx_poly_seq_scheme.pdb_mon_id 
_pdbx_poly_seq_scheme.auth_mon_id 
_pdbx_poly_seq_scheme.pdb_strand_id 
_pdbx_poly_seq_scheme.pdb_ins_code 
_pdbx_poly_seq_scheme.hetero 
A 1 1  ASP 1  1  1  ASP ASP A . n 
A 1 2  HIS 2  2  2  HIS HIS A . n 
A 1 3  TYR 3  3  3  TYR TYR A . n 
A 1 4  ASN 4  4  4  ASN ASN A . n 
A 1 5  CYS 5  5  5  CYS CYS A . n 
A 1 6  VAL 6  6  6  VAL VAL A . n 
A 1 7  SER 7  7  7  SER SER A . n 
A 1 8  SER 8  8  8  SER SER A . n 
A 1 9  GLY 9  9  9  GLY GLY A . n 
A 1 10 GLY 10 10 10 GLY GLY A . n 
A 1 11 GLN 11 11 11 GLN GLN A . n 
A 1 12 CYS 12 12 12 CYS CYS A . n 
A 1 13 LEU 13 13 13 LEU LEU A . n 
A 1 14 TYR 14 14 14 TYR TYR A . n 
A 1 15 SER 15 15 15 SER SER A . n 
A 1 16 ALA 16 16 16 ALA ALA A . n 
A 1 17 CYS 17 17 17 CYS CYS A . n 
A 1 18 PRO 18 18 18 PRO PRO A . n 
A 1 19 ILE 19 19 19 ILE ILE A . n 
A 1 20 PHE 20 20 20 PHE PHE A . n 
A 1 21 THR 21 21 21 THR THR A . n 
A 1 22 LYS 22 22 22 LYS LYS A . n 
A 1 23 ILE 23 23 23 ILE ILE A . n 
A 1 24 GLN 24 24 24 GLN GLN A . n 
A 1 25 GLY 25 25 25 GLY GLY A . n 
A 1 26 THR 26 26 26 THR THR A . n 
A 1 27 CYS 27 27 27 CYS CYS A . n 
A 1 28 TYR 28 28 28 TYR TYR A . n 
A 1 29 ARG 29 29 29 ARG ARG A . n 
A 1 30 GLY 30 30 30 GLY GLY A . n 
A 1 31 ALA 31 31 31 ALA ALA A . n 
A 1 32 ALA 32 32 32 ALA ALA A . n 
A 1 33 LYS 33 33 33 LYS LYS A . n 
A 1 34 CYS 34 34 34 CYS CYS A . n 
A 1 35 CYS 35 35 35 CYS CYS A . n 
A 1 36 LYS 36 36 36 LYS LYS A . n 
B 1 1  ASP 1  1  1  ASP ASP B . n 
B 1 2  HIS 2  2  2  HIS HIS B . n 
B 1 3  TYR 3  3  3  TYR TYR B . n 
B 1 4  ASN 4  4  4  ASN ASN B . n 
B 1 5  CYS 5  5  5  CYS CYS B . n 
B 1 6  VAL 6  6  6  VAL VAL B . n 
B 1 7  SER 7  7  7  SER SER B . n 
B 1 8  SER 8  8  8  SER SER B . n 
B 1 9  GLY 9  9  9  GLY GLY B . n 
B 1 10 GLY 10 10 10 GLY GLY B . n 
B 1 11 GLN 11 11 11 GLN GLN B . n 
B 1 12 CYS 12 12 12 CYS CYS B . n 
B 1 13 LEU 13 13 13 LEU LEU B . n 
B 1 14 TYR 14 14 14 TYR TYR B . n 
B 1 15 SER 15 15 15 SER SER B . n 
B 1 16 ALA 16 16 16 ALA ALA B . n 
B 1 17 CYS 17 17 17 CYS CYS B . n 
B 1 18 PRO 18 18 18 PRO PRO B . n 
B 1 19 ILE 19 19 19 ILE ILE B . n 
B 1 20 PHE 20 20 20 PHE PHE B . n 
B 1 21 THR 21 21 21 THR THR B . n 
B 1 22 LYS 22 22 22 LYS LYS B . n 
B 1 23 ILE 23 23 23 ILE ILE B . n 
B 1 24 GLN 24 24 24 GLN GLN B . n 
B 1 25 GLY 25 25 25 GLY GLY B . n 
B 1 26 THR 26 26 26 THR THR B . n 
B 1 27 CYS 27 27 27 CYS CYS B . n 
B 1 28 TYR 28 28 28 TYR TYR B . n 
B 1 29 ARG 29 29 29 ARG ARG B . n 
B 1 30 GLY 30 30 30 GLY GLY B . n 
B 1 31 ALA 31 31 31 ALA ALA B . n 
B 1 32 ALA 32 32 32 ALA ALA B . n 
B 1 33 LYS 33 33 33 LYS LYS B . n 
B 1 34 CYS 34 34 34 CYS CYS B . n 
B 1 35 CYS 35 35 35 CYS CYS B . n 
B 1 36 LYS 36 36 36 LYS LYS B . n 
C 1 1  ASP 1  1  1  ASP ASP C . n 
C 1 2  HIS 2  2  2  HIS HIS C . n 
C 1 3  TYR 3  3  3  TYR TYR C . n 
C 1 4  ASN 4  4  4  ASN ASN C . n 
C 1 5  CYS 5  5  5  CYS CYS C . n 
C 1 6  VAL 6  6  6  VAL VAL C . n 
C 1 7  SER 7  7  7  SER SER C . n 
C 1 8  SER 8  8  8  SER SER C . n 
C 1 9  GLY 9  9  9  GLY GLY C . n 
C 1 10 GLY 10 10 10 GLY GLY C . n 
C 1 11 GLN 11 11 11 GLN GLN C . n 
C 1 12 CYS 12 12 12 CYS CYS C . n 
C 1 13 LEU 13 13 13 LEU LEU C . n 
C 1 14 TYR 14 14 14 TYR TYR C . n 
C 1 15 SER 15 15 15 SER SER C . n 
C 1 16 ALA 16 16 16 ALA ALA C . n 
C 1 17 CYS 17 17 17 CYS CYS C . n 
C 1 18 PRO 18 18 18 PRO PRO C . n 
C 1 19 ILE 19 19 19 ILE ILE C . n 
C 1 20 PHE 20 20 20 PHE PHE C . n 
C 1 21 THR 21 21 21 THR THR C . n 
C 1 22 LYS 22 22 22 LYS LYS C . n 
C 1 23 ILE 23 23 23 ILE ILE C . n 
C 1 24 GLN 24 24 24 GLN GLN C . n 
C 1 25 GLY 25 25 25 GLY GLY C . n 
C 1 26 THR 26 26 26 THR THR C . n 
C 1 27 CYS 27 27 27 CYS CYS C . n 
C 1 28 TYR 28 28 28 TYR TYR C . n 
C 1 29 ARG 29 29 29 ARG ARG C . n 
C 1 30 GLY 30 30 30 GLY GLY C . n 
C 1 31 ALA 31 31 31 ALA ALA C . n 
C 1 32 ALA 32 32 32 ALA ALA C . n 
C 1 33 LYS 33 33 33 LYS LYS C . n 
C 1 34 CYS 34 34 34 CYS CYS C . n 
C 1 35 CYS 35 35 35 CYS CYS C . n 
C 1 36 LYS 36 36 36 LYS LYS C . n 
D 1 1  ASP 1  1  1  ASP ASP D . n 
D 1 2  HIS 2  2  2  HIS HIS D . n 
D 1 3  TYR 3  3  3  TYR TYR D . n 
D 1 4  ASN 4  4  4  ASN ASN D . n 
D 1 5  CYS 5  5  5  CYS CYS D . n 
D 1 6  VAL 6  6  6  VAL VAL D . n 
D 1 7  SER 7  7  7  SER SER D . n 
D 1 8  SER 8  8  8  SER SER D . n 
D 1 9  GLY 9  9  9  GLY GLY D . n 
D 1 10 GLY 10 10 10 GLY GLY D . n 
D 1 11 GLN 11 11 11 GLN GLN D . n 
D 1 12 CYS 12 12 12 CYS CYS D . n 
D 1 13 LEU 13 13 13 LEU LEU D . n 
D 1 14 TYR 14 14 14 TYR TYR D . n 
D 1 15 SER 15 15 15 SER SER D . n 
D 1 16 ALA 16 16 16 ALA ALA D . n 
D 1 17 CYS 17 17 17 CYS CYS D . n 
D 1 18 PRO 18 18 18 PRO PRO D . n 
D 1 19 ILE 19 19 19 ILE ILE D . n 
D 1 20 PHE 20 20 20 PHE PHE D . n 
D 1 21 THR 21 21 21 THR THR D . n 
D 1 22 LYS 22 22 22 LYS LYS D . n 
D 1 23 ILE 23 23 23 ILE ILE D . n 
D 1 24 GLN 24 24 24 GLN GLN D . n 
D 1 25 GLY 25 25 25 GLY GLY D . n 
D 1 26 THR 26 26 26 THR THR D . n 
D 1 27 CYS 27 27 27 CYS CYS D . n 
D 1 28 TYR 28 28 28 TYR TYR D . n 
D 1 29 ARG 29 29 29 ARG ARG D . n 
D 1 30 GLY 30 30 30 GLY GLY D . n 
D 1 31 ALA 31 31 31 ALA ALA D . n 
D 1 32 ALA 32 32 32 ALA ALA D . n 
D 1 33 LYS 33 33 33 LYS LYS D . n 
D 1 34 CYS 34 34 34 CYS CYS D . n 
D 1 35 CYS 35 35 35 CYS CYS D . n 
D 1 36 LYS 36 36 36 LYS LYS D . n 
# 
loop_
_pdbx_nonpoly_scheme.asym_id 
_pdbx_nonpoly_scheme.entity_id 
_pdbx_nonpoly_scheme.mon_id 
_pdbx_nonpoly_scheme.ndb_seq_num 
_pdbx_nonpoly_scheme.pdb_seq_num 
_pdbx_nonpoly_scheme.auth_seq_num 
_pdbx_nonpoly_scheme.pdb_mon_id 
_pdbx_nonpoly_scheme.auth_mon_id 
_pdbx_nonpoly_scheme.pdb_strand_id 
_pdbx_nonpoly_scheme.pdb_ins_code 
E 2 SO4 1  301 301 SO4 SO4 A . 
F 2 SO4 1  302 302 SO4 SO4 B . 
G 2 SO4 1  303 303 SO4 SO4 C . 
H 2 SO4 1  304 304 SO4 SO4 C . 
I 2 SO4 1  305 305 SO4 SO4 D . 
J 3 GLY 1  401 401 GLY GLY D . 
K 4 GOL 1  501 501 GOL GOL D . 
L 5 HOH 1  302 12  HOH HOH A . 
L 5 HOH 2  303 18  HOH HOH A . 
L 5 HOH 3  304 27  HOH HOH A . 
L 5 HOH 4  305 28  HOH HOH A . 
L 5 HOH 5  306 29  HOH HOH A . 
L 5 HOH 6  307 30  HOH HOH A . 
L 5 HOH 7  308 33  HOH HOH A . 
L 5 HOH 8  309 36  HOH HOH A . 
L 5 HOH 9  310 41  HOH HOH A . 
L 5 HOH 10 311 43  HOH HOH A . 
L 5 HOH 11 312 45  HOH HOH A . 
L 5 HOH 12 313 54  HOH HOH A . 
L 5 HOH 13 314 56  HOH HOH A . 
L 5 HOH 14 315 58  HOH HOH A . 
L 5 HOH 15 316 60  HOH HOH A . 
L 5 HOH 16 317 69  HOH HOH A . 
L 5 HOH 17 318 71  HOH HOH A . 
L 5 HOH 18 319 74  HOH HOH A . 
L 5 HOH 19 320 79  HOH HOH A . 
L 5 HOH 20 321 82  HOH HOH A . 
L 5 HOH 21 322 84  HOH HOH A . 
L 5 HOH 22 323 85  HOH HOH A . 
L 5 HOH 23 324 87  HOH HOH A . 
L 5 HOH 24 325 91  HOH HOH A . 
L 5 HOH 25 326 92  HOH HOH A . 
L 5 HOH 26 327 93  HOH HOH A . 
L 5 HOH 27 328 102 HOH HOH A . 
L 5 HOH 28 329 113 HOH HOH A . 
L 5 HOH 29 330 118 HOH HOH A . 
L 5 HOH 30 331 126 HOH HOH A . 
L 5 HOH 31 332 127 HOH HOH A . 
L 5 HOH 32 333 131 HOH HOH A . 
L 5 HOH 33 334 133 HOH HOH A . 
L 5 HOH 34 335 140 HOH HOH A . 
L 5 HOH 35 336 144 HOH HOH A . 
L 5 HOH 36 337 149 HOH HOH A . 
L 5 HOH 37 338 152 HOH HOH A . 
L 5 HOH 38 339 155 HOH HOH A . 
L 5 HOH 39 340 159 HOH HOH A . 
L 5 HOH 40 341 161 HOH HOH A . 
L 5 HOH 41 342 164 HOH HOH A . 
L 5 HOH 42 343 165 HOH HOH A . 
L 5 HOH 43 344 166 HOH HOH A . 
L 5 HOH 44 345 175 HOH HOH A . 
L 5 HOH 45 346 179 HOH HOH A . 
L 5 HOH 46 347 182 HOH HOH A . 
L 5 HOH 47 348 188 HOH HOH A . 
L 5 HOH 48 349 191 HOH HOH A . 
L 5 HOH 49 350 193 HOH HOH A . 
L 5 HOH 50 351 194 HOH HOH A . 
L 5 HOH 51 352 196 HOH HOH A . 
L 5 HOH 52 353 203 HOH HOH A . 
L 5 HOH 53 354 205 HOH HOH A . 
L 5 HOH 54 355 209 HOH HOH A . 
L 5 HOH 55 356 213 HOH HOH A . 
L 5 HOH 56 357 218 HOH HOH A . 
L 5 HOH 57 358 219 HOH HOH A . 
L 5 HOH 58 359 220 HOH HOH A . 
L 5 HOH 59 360 226 HOH HOH A . 
L 5 HOH 60 361 228 HOH HOH A . 
L 5 HOH 61 362 235 HOH HOH A . 
L 5 HOH 62 363 236 HOH HOH A . 
L 5 HOH 63 364 238 HOH HOH A . 
L 5 HOH 64 365 240 HOH HOH A . 
L 5 HOH 65 366 242 HOH HOH A . 
L 5 HOH 66 367 243 HOH HOH A . 
L 5 HOH 67 368 244 HOH HOH A . 
L 5 HOH 68 369 246 HOH HOH A . 
L 5 HOH 69 370 251 HOH HOH A . 
L 5 HOH 70 371 258 HOH HOH A . 
L 5 HOH 71 372 261 HOH HOH A . 
L 5 HOH 72 373 263 HOH HOH A . 
L 5 HOH 73 374 264 HOH HOH A . 
L 5 HOH 74 375 265 HOH HOH A . 
L 5 HOH 75 376 267 HOH HOH A . 
L 5 HOH 76 377 270 HOH HOH A . 
M 5 HOH 1  303 1   HOH HOH B . 
M 5 HOH 2  304 2   HOH HOH B . 
M 5 HOH 3  305 3   HOH HOH B . 
M 5 HOH 4  306 6   HOH HOH B . 
M 5 HOH 5  307 7   HOH HOH B . 
M 5 HOH 6  308 8   HOH HOH B . 
M 5 HOH 7  309 10  HOH HOH B . 
M 5 HOH 8  310 14  HOH HOH B . 
M 5 HOH 9  311 17  HOH HOH B . 
M 5 HOH 10 312 20  HOH HOH B . 
M 5 HOH 11 313 21  HOH HOH B . 
M 5 HOH 12 314 23  HOH HOH B . 
M 5 HOH 13 315 25  HOH HOH B . 
M 5 HOH 14 316 37  HOH HOH B . 
M 5 HOH 15 317 44  HOH HOH B . 
M 5 HOH 16 318 46  HOH HOH B . 
M 5 HOH 17 319 47  HOH HOH B . 
M 5 HOH 18 320 50  HOH HOH B . 
M 5 HOH 19 321 51  HOH HOH B . 
M 5 HOH 20 322 52  HOH HOH B . 
M 5 HOH 21 323 55  HOH HOH B . 
M 5 HOH 22 324 57  HOH HOH B . 
M 5 HOH 23 325 59  HOH HOH B . 
M 5 HOH 24 326 61  HOH HOH B . 
M 5 HOH 25 327 63  HOH HOH B . 
M 5 HOH 26 328 64  HOH HOH B . 
M 5 HOH 27 329 67  HOH HOH B . 
M 5 HOH 28 330 72  HOH HOH B . 
M 5 HOH 29 331 75  HOH HOH B . 
M 5 HOH 30 332 76  HOH HOH B . 
M 5 HOH 31 333 78  HOH HOH B . 
M 5 HOH 32 334 89  HOH HOH B . 
M 5 HOH 33 335 90  HOH HOH B . 
M 5 HOH 34 336 94  HOH HOH B . 
M 5 HOH 35 337 95  HOH HOH B . 
M 5 HOH 36 338 98  HOH HOH B . 
M 5 HOH 37 339 99  HOH HOH B . 
M 5 HOH 38 340 104 HOH HOH B . 
M 5 HOH 39 341 110 HOH HOH B . 
M 5 HOH 40 342 114 HOH HOH B . 
M 5 HOH 41 343 119 HOH HOH B . 
M 5 HOH 42 344 120 HOH HOH B . 
M 5 HOH 43 345 121 HOH HOH B . 
M 5 HOH 44 346 125 HOH HOH B . 
M 5 HOH 45 347 134 HOH HOH B . 
M 5 HOH 46 348 136 HOH HOH B . 
M 5 HOH 47 349 139 HOH HOH B . 
M 5 HOH 48 350 141 HOH HOH B . 
M 5 HOH 49 351 142 HOH HOH B . 
M 5 HOH 50 352 143 HOH HOH B . 
M 5 HOH 51 353 150 HOH HOH B . 
M 5 HOH 52 354 154 HOH HOH B . 
M 5 HOH 53 355 158 HOH HOH B . 
M 5 HOH 54 356 163 HOH HOH B . 
M 5 HOH 55 357 172 HOH HOH B . 
M 5 HOH 56 358 174 HOH HOH B . 
M 5 HOH 57 359 181 HOH HOH B . 
M 5 HOH 58 360 183 HOH HOH B . 
M 5 HOH 59 361 189 HOH HOH B . 
M 5 HOH 60 362 201 HOH HOH B . 
M 5 HOH 61 363 204 HOH HOH B . 
M 5 HOH 62 364 207 HOH HOH B . 
M 5 HOH 63 365 208 HOH HOH B . 
M 5 HOH 64 366 223 HOH HOH B . 
M 5 HOH 65 367 239 HOH HOH B . 
M 5 HOH 66 368 247 HOH HOH B . 
M 5 HOH 67 369 252 HOH HOH B . 
M 5 HOH 68 370 253 HOH HOH B . 
M 5 HOH 69 371 254 HOH HOH B . 
M 5 HOH 70 372 255 HOH HOH B . 
M 5 HOH 71 373 259 HOH HOH B . 
M 5 HOH 72 374 271 HOH HOH B . 
M 5 HOH 73 375 274 HOH HOH B . 
M 5 HOH 74 376 275 HOH HOH B . 
N 5 HOH 1  305 4   HOH HOH C . 
N 5 HOH 2  306 5   HOH HOH C . 
N 5 HOH 3  307 11  HOH HOH C . 
N 5 HOH 4  308 13  HOH HOH C . 
N 5 HOH 5  309 15  HOH HOH C . 
N 5 HOH 6  310 16  HOH HOH C . 
N 5 HOH 7  311 19  HOH HOH C . 
N 5 HOH 8  312 22  HOH HOH C . 
N 5 HOH 9  313 34  HOH HOH C . 
N 5 HOH 10 314 38  HOH HOH C . 
N 5 HOH 11 315 40  HOH HOH C . 
N 5 HOH 12 316 42  HOH HOH C . 
N 5 HOH 13 317 48  HOH HOH C . 
N 5 HOH 14 318 53  HOH HOH C . 
N 5 HOH 15 319 62  HOH HOH C . 
N 5 HOH 16 320 66  HOH HOH C . 
N 5 HOH 17 321 68  HOH HOH C . 
N 5 HOH 18 322 80  HOH HOH C . 
N 5 HOH 19 323 81  HOH HOH C . 
N 5 HOH 20 324 86  HOH HOH C . 
N 5 HOH 21 325 101 HOH HOH C . 
N 5 HOH 22 326 103 HOH HOH C . 
N 5 HOH 23 327 106 HOH HOH C . 
N 5 HOH 24 328 108 HOH HOH C . 
N 5 HOH 25 329 109 HOH HOH C . 
N 5 HOH 26 330 111 HOH HOH C . 
N 5 HOH 27 331 123 HOH HOH C . 
N 5 HOH 28 332 124 HOH HOH C . 
N 5 HOH 29 333 130 HOH HOH C . 
N 5 HOH 30 334 135 HOH HOH C . 
N 5 HOH 31 335 138 HOH HOH C . 
N 5 HOH 32 336 147 HOH HOH C . 
N 5 HOH 33 337 148 HOH HOH C . 
N 5 HOH 34 338 151 HOH HOH C . 
N 5 HOH 35 339 153 HOH HOH C . 
N 5 HOH 36 340 157 HOH HOH C . 
N 5 HOH 37 341 168 HOH HOH C . 
N 5 HOH 38 342 169 HOH HOH C . 
N 5 HOH 39 343 170 HOH HOH C . 
N 5 HOH 40 344 176 HOH HOH C . 
N 5 HOH 41 345 178 HOH HOH C . 
N 5 HOH 42 346 180 HOH HOH C . 
N 5 HOH 43 347 184 HOH HOH C . 
N 5 HOH 44 348 186 HOH HOH C . 
N 5 HOH 45 349 192 HOH HOH C . 
N 5 HOH 46 350 195 HOH HOH C . 
N 5 HOH 47 351 197 HOH HOH C . 
N 5 HOH 48 352 198 HOH HOH C . 
N 5 HOH 49 353 199 HOH HOH C . 
N 5 HOH 50 354 206 HOH HOH C . 
N 5 HOH 51 355 210 HOH HOH C . 
N 5 HOH 52 356 212 HOH HOH C . 
N 5 HOH 53 357 217 HOH HOH C . 
N 5 HOH 54 358 224 HOH HOH C . 
N 5 HOH 55 359 229 HOH HOH C . 
N 5 HOH 56 360 230 HOH HOH C . 
N 5 HOH 57 361 231 HOH HOH C . 
N 5 HOH 58 362 233 HOH HOH C . 
N 5 HOH 59 363 237 HOH HOH C . 
N 5 HOH 60 364 248 HOH HOH C . 
N 5 HOH 61 365 250 HOH HOH C . 
N 5 HOH 62 366 256 HOH HOH C . 
O 5 HOH 1  502 9   HOH HOH D . 
O 5 HOH 2  503 24  HOH HOH D . 
O 5 HOH 3  504 26  HOH HOH D . 
O 5 HOH 4  505 31  HOH HOH D . 
O 5 HOH 5  506 32  HOH HOH D . 
O 5 HOH 6  507 35  HOH HOH D . 
O 5 HOH 7  508 39  HOH HOH D . 
O 5 HOH 8  509 49  HOH HOH D . 
O 5 HOH 9  510 65  HOH HOH D . 
O 5 HOH 10 511 70  HOH HOH D . 
O 5 HOH 11 512 73  HOH HOH D . 
O 5 HOH 12 513 77  HOH HOH D . 
O 5 HOH 13 514 83  HOH HOH D . 
O 5 HOH 14 515 88  HOH HOH D . 
O 5 HOH 15 516 96  HOH HOH D . 
O 5 HOH 16 517 97  HOH HOH D . 
O 5 HOH 17 518 100 HOH HOH D . 
O 5 HOH 18 519 105 HOH HOH D . 
O 5 HOH 19 520 107 HOH HOH D . 
O 5 HOH 20 521 112 HOH HOH D . 
O 5 HOH 21 522 115 HOH HOH D . 
O 5 HOH 22 523 116 HOH HOH D . 
O 5 HOH 23 524 117 HOH HOH D . 
O 5 HOH 24 525 128 HOH HOH D . 
O 5 HOH 25 526 129 HOH HOH D . 
O 5 HOH 26 527 132 HOH HOH D . 
O 5 HOH 27 528 137 HOH HOH D . 
O 5 HOH 28 529 145 HOH HOH D . 
O 5 HOH 29 530 146 HOH HOH D . 
O 5 HOH 30 531 156 HOH HOH D . 
O 5 HOH 31 532 160 HOH HOH D . 
O 5 HOH 32 533 167 HOH HOH D . 
O 5 HOH 33 534 171 HOH HOH D . 
O 5 HOH 34 535 173 HOH HOH D . 
O 5 HOH 35 536 177 HOH HOH D . 
O 5 HOH 36 537 185 HOH HOH D . 
O 5 HOH 37 538 187 HOH HOH D . 
O 5 HOH 38 539 200 HOH HOH D . 
O 5 HOH 39 540 202 HOH HOH D . 
O 5 HOH 40 541 211 HOH HOH D . 
O 5 HOH 41 542 214 HOH HOH D . 
O 5 HOH 42 543 215 HOH HOH D . 
O 5 HOH 43 544 216 HOH HOH D . 
O 5 HOH 44 545 222 HOH HOH D . 
O 5 HOH 45 546 225 HOH HOH D . 
O 5 HOH 46 547 227 HOH HOH D . 
O 5 HOH 47 548 232 HOH HOH D . 
O 5 HOH 48 549 234 HOH HOH D . 
O 5 HOH 49 550 241 HOH HOH D . 
O 5 HOH 50 551 260 HOH HOH D . 
O 5 HOH 51 552 262 HOH HOH D . 
O 5 HOH 52 553 266 HOH HOH D . 
O 5 HOH 53 554 268 HOH HOH D . 
O 5 HOH 54 555 277 HOH HOH D . 
# 
loop_
_software.name 
_software.version 
_software.date 
_software.type 
_software.contact_author 
_software.contact_author_email 
_software.classification 
_software.location 
_software.language 
_software.citation_id 
_software.pdbx_ordinal 
DENZO       .      ?               package 'Zbyszek Otwinowski' zbyszek@mix.swmed.edu    'data reduction'  
http://www.lnls.br/infra/linhasluz/denzo-hkl.htm ?       ? 1 
SCALEPACK   .      ?               package 'Zbyszek Otwinowski' zbyszek@mix.swmed.edu    'data scaling'    
http://www.lnls.br/infra/linhasluz/denzo-hkl.htm ?       ? 2 
REFMAC      .      ?               program 'Murshudov, G.N.'    ccp4@dl.ac.uk            refinement        
http://www.ccp4.ac.uk/main.html                  Fortran ? 3 
PDB_EXTRACT 1.401  'March 3, 2004' program H.Yang               sw-help@rcsb.rutgers.edu 'data extraction' 
http://pdb.rutgers.edu/software/                 C/C++   ? 4 
MAR345      345DTB ?               ?       ?                    ?                        'data collection' ? ?       ? 5 
HKL-2000    .      ?               ?       ?                    ?                        'data reduction'  ? ?       ? 6 
HKL-2000    .      ?               ?       ?                    ?                        'data scaling'    ? ?       ? 7 
AMoRE       .      ?               ?       ?                    ?                        phasing           ? ?       ? 8 
# 
_cell.entry_id           2NLQ 
_cell.length_a           97.890 
_cell.length_b           27.680 
_cell.length_c           58.260 
_cell.angle_alpha        90.00 
_cell.angle_beta         113.50 
_cell.angle_gamma        90.00 
_cell.Z_PDB              16 
_cell.pdbx_unique_axis   ? 
_cell.length_a_esd       ? 
_cell.length_b_esd       ? 
_cell.length_c_esd       ? 
_cell.angle_alpha_esd    ? 
_cell.angle_beta_esd     ? 
_cell.angle_gamma_esd    ? 
# 
_symmetry.entry_id                         2NLQ 
_symmetry.space_group_name_H-M             'C 1 2 1' 
_symmetry.pdbx_full_space_group_name_H-M   ? 
_symmetry.cell_setting                     ? 
_symmetry.Int_Tables_number                5 
_symmetry.space_group_name_Hall            ? 
# 
_exptl.crystals_number   1 
_exptl.method            'X-RAY DIFFRACTION' 
_exptl.entry_id          2NLQ 
# 
_exptl_crystal.id                    1 
_exptl_crystal.density_percent_sol   47.21 
_exptl_crystal.density_Matthews      2.33 
_exptl_crystal.density_meas          ? 
_exptl_crystal.description           ? 
_exptl_crystal.F_000                 ? 
_exptl_crystal.preparation           ? 
# 
_exptl_crystal_grow.crystal_id      1 
_exptl_crystal_grow.method          'VAPOR DIFFUSION' 
_exptl_crystal_grow.pH              ? 
_exptl_crystal_grow.temp            293 
_exptl_crystal_grow.pdbx_details    'PEG 8000, AMMONIUM SULFATE, vapor diffusion, temperature 293K' 
_exptl_crystal_grow.temp_details    ? 
_exptl_crystal_grow.pdbx_pH_range   . 
# 
_diffrn.id                     1 
_diffrn.ambient_temp           100 
_diffrn.ambient_temp_details   ? 
_diffrn.crystal_id             1 
# 
_diffrn_detector.diffrn_id              1 
_diffrn_detector.detector               'IMAGE PLATE' 
_diffrn_detector.type                   'MAR scanner 345 mm plate' 
_diffrn_detector.pdbx_collection_date   2005-05-10 
_diffrn_detector.details                'Osmic mirrors' 
# 
_diffrn_radiation.diffrn_id                        1 
_diffrn_radiation.pdbx_diffrn_protocol             'SINGLE WAVELENGTH' 
_diffrn_radiation.wavelength_id                    1 
_diffrn_radiation.monochromator                    ? 
_diffrn_radiation.pdbx_monochromatic_or_laue_m_l   M 
_diffrn_radiation.pdbx_scattering_type             x-ray 
# 
_diffrn_radiation_wavelength.id           1 
_diffrn_radiation_wavelength.wavelength   1.54178 
_diffrn_radiation_wavelength.wt           1.0 
# 
_diffrn_source.diffrn_id                   1 
_diffrn_source.source                      'ROTATING ANODE' 
_diffrn_source.type                        'RIGAKU RU200' 
_diffrn_source.pdbx_wavelength_list        1.54178 
_diffrn_source.pdbx_wavelength             ? 
_diffrn_source.pdbx_synchrotron_site       ? 
_diffrn_source.pdbx_synchrotron_beamline   ? 
# 
_reflns.d_resolution_low             30.00 
_reflns.d_resolution_high            1.80 
_reflns.number_obs                   13163 
_reflns.percent_possible_obs         96.5 
_reflns.pdbx_Rmerge_I_obs            0.066 
_reflns.pdbx_redundancy              3.20 
_reflns.pdbx_chi_squared             0.943 
_reflns.entry_id                     2NLQ 
_reflns.observed_criterion_sigma_F   ? 
_reflns.observed_criterion_sigma_I   -3 
_reflns.number_all                   13163 
_reflns.pdbx_Rsym_value              ? 
_reflns.pdbx_netI_over_sigmaI        17 
_reflns.B_iso_Wilson_estimate        ? 
_reflns.R_free_details               ? 
_reflns.limit_h_max                  ? 
_reflns.limit_h_min                  ? 
_reflns.limit_k_max                  ? 
_reflns.limit_k_min                  ? 
_reflns.limit_l_max                  ? 
_reflns.limit_l_min                  ? 
_reflns.observed_criterion_F_max     ? 
_reflns.observed_criterion_F_min     ? 
_reflns.pdbx_scaling_rejects         ? 
_reflns.pdbx_ordinal                 1 
_reflns.pdbx_diffrn_id               1 
# 
loop_
_reflns_shell.d_res_low 
_reflns_shell.d_res_high 
_reflns_shell.number_unique_all 
_reflns_shell.percent_possible_all 
_reflns_shell.Rmerge_I_obs 
_reflns_shell.pdbx_redundancy 
_reflns_shell.pdbx_chi_squared 
_reflns_shell.number_unique_obs 
_reflns_shell.meanI_over_sigI_obs 
_reflns_shell.pdbx_Rsym_value 
_reflns_shell.percent_possible_obs 
_reflns_shell.number_measured_all 
_reflns_shell.number_measured_obs 
_reflns_shell.pdbx_ordinal 
_reflns_shell.pdbx_diffrn_id 
1.86  1.80 1032 76.6  0.39  2.3 0.971 ? ? ? ? ? ? 1  1 
1.94  1.86 1257 93.1  0.31  2.8 0.787 ? ? ? ? ? ? 2  1 
2.03  1.94 1313 97.2  0.247 3.1 0.816 ? ? ? ? ? ? 3  1 
2.13  2.03 1345 98.8  0.178 3.3 0.865 ? ? ? ? ? ? 4  1 
2.27  2.13 1321 99.3  0.137 3.4 0.938 ? ? ? ? ? ? 5  1 
2.44  2.27 1349 99.5  0.108 3.4 0.935 ? ? ? ? ? ? 6  1 
2.69  2.44 1362 100.0 0.091 3.4 1.000 ? ? ? ? ? ? 7  1 
3.08  2.69 1378 100.0 0.062 3.4 1.001 ? ? ? ? ? ? 8  1 
3.88  3.08 1374 100.0 0.042 3.4 1.035 ? ? ? ? ? ? 9  1 
30.00 3.88 1432 100.0 0.035 3.3 1.024 ? ? ? ? ? ? 10 1 
# 
_refine.ls_d_res_high                            1.800 
_refine.ls_d_res_low                             30.000 
_refine.pdbx_ls_sigma_F                          ? 
_refine.ls_percent_reflns_obs                    96.470 
_refine.ls_number_reflns_obs                     13161 
_refine.pdbx_ls_cross_valid_method               THROUGHOUT 
_refine.pdbx_R_Free_selection_details            RANDOM 
_refine.ls_R_factor_all                          0.183 
_refine.ls_R_factor_R_work                       0.179 
_refine.ls_R_factor_R_free                       0.257 
_refine.ls_percent_reflns_R_free                 5.000 
_refine.ls_number_reflns_R_free                  654 
_refine.B_iso_mean                               23.510 
_refine.aniso_B[1][1]                            -1.230 
_refine.aniso_B[2][2]                            1.350 
_refine.aniso_B[3][3]                            -0.500 
_refine.aniso_B[1][2]                            0.000 
_refine.aniso_B[1][3]                            -0.480 
_refine.aniso_B[2][3]                            0.000 
_refine.correlation_coeff_Fo_to_Fc               0.961 
_refine.correlation_coeff_Fo_to_Fc_free          0.926 
_refine.overall_SU_R_Cruickshank_DPI             0.147 
_refine.pdbx_overall_ESU_R_Free                  0.158 
_refine.overall_SU_ML                            0.106 
_refine.overall_SU_B                             3.413 
_refine.solvent_model_details                    MASK 
_refine.pdbx_solvent_vdw_probe_radii             1.200 
_refine.pdbx_solvent_ion_probe_radii             0.800 
_refine.pdbx_solvent_shrinkage_radii             0.800 
_refine.entry_id                                 2NLQ 
_refine.pdbx_ls_sigma_I                          ? 
_refine.ls_number_reflns_all                     13161 
_refine.ls_R_factor_obs                          0.183 
_refine.ls_redundancy_reflns_obs                 ? 
_refine.pdbx_data_cutoff_high_absF               ? 
_refine.pdbx_data_cutoff_low_absF                ? 
_refine.ls_number_parameters                     ? 
_refine.ls_number_restraints                     ? 
_refine.ls_R_factor_R_free_error                 ? 
_refine.ls_R_factor_R_free_error_details         ? 
_refine.pdbx_method_to_determine_struct          'MOLECULAR REPLACEMENT' 
_refine.pdbx_starting_model                      'PDB ENTRY 1IJV' 
_refine.pdbx_stereochem_target_val_spec_case     ? 
_refine.pdbx_stereochemistry_target_values       'Engh & Huber' 
_refine.solvent_model_param_bsol                 ? 
_refine.solvent_model_param_ksol                 ? 
_refine.occupancy_max                            ? 
_refine.occupancy_min                            ? 
_refine.pdbx_isotropic_thermal_model             ? 
_refine.details                                  ? 
_refine.B_iso_min                                ? 
_refine.B_iso_max                                ? 
_refine.overall_SU_R_free                        ? 
_refine.pdbx_data_cutoff_high_rms_absF           ? 
_refine.pdbx_overall_ESU_R                       ? 
_refine.ls_wR_factor_R_free                      ? 
_refine.ls_wR_factor_R_work                      ? 
_refine.overall_FOM_free_R_set                   ? 
_refine.overall_FOM_work_R_set                   ? 
_refine.pdbx_refine_id                           'X-RAY DIFFRACTION' 
_refine.pdbx_diffrn_id                           1 
_refine.pdbx_TLS_residual_ADP_flag               ? 
_refine.pdbx_overall_phase_error                 ? 
_refine.pdbx_overall_SU_R_free_Cruickshank_DPI   ? 
_refine.pdbx_overall_SU_R_Blow_DPI               ? 
_refine.pdbx_overall_SU_R_free_Blow_DPI          ? 
# 
_refine_hist.pdbx_refine_id                   'X-RAY DIFFRACTION' 
_refine_hist.cycle_id                         LAST 
_refine_hist.pdbx_number_atoms_protein        1068 
_refine_hist.pdbx_number_atoms_nucleic_acid   0 
_refine_hist.pdbx_number_atoms_ligand         36 
_refine_hist.number_atoms_solvent             266 
_refine_hist.number_atoms_total               1370 
_refine_hist.d_res_high                       1.800 
_refine_hist.d_res_low                        30.000 
# 
loop_
_refine_ls_restr.type 
_refine_ls_restr.number 
_refine_ls_restr.dev_ideal 
_refine_ls_restr.weight 
_refine_ls_restr.dev_ideal_target 
_refine_ls_restr.pdbx_refine_id 
_refine_ls_restr.pdbx_restraint_function 
r_bond_refined_d         1129 0.018  0.022  ? 'X-RAY DIFFRACTION' ? 
r_angle_refined_deg      1523 1.612  1.975  ? 'X-RAY DIFFRACTION' ? 
r_dihedral_angle_1_deg   140  6.266  5.000  ? 'X-RAY DIFFRACTION' ? 
r_dihedral_angle_2_deg   40   33.350 23.000 ? 'X-RAY DIFFRACTION' ? 
r_dihedral_angle_3_deg   176  14.204 15.000 ? 'X-RAY DIFFRACTION' ? 
r_dihedral_angle_4_deg   4    19.291 15.000 ? 'X-RAY DIFFRACTION' ? 
r_chiral_restr           152  0.104  0.200  ? 'X-RAY DIFFRACTION' ? 
r_gen_planes_refined     828  0.007  0.020  ? 'X-RAY DIFFRACTION' ? 
r_nbd_refined            484  0.245  0.200  ? 'X-RAY DIFFRACTION' ? 
r_nbtor_refined          768  0.306  0.200  ? 'X-RAY DIFFRACTION' ? 
r_xyhbond_nbd_refined    176  0.191  0.200  ? 'X-RAY DIFFRACTION' ? 
r_symmetry_vdw_refined   128  0.225  0.200  ? 'X-RAY DIFFRACTION' ? 
r_symmetry_hbond_refined 62   0.206  0.200  ? 'X-RAY DIFFRACTION' ? 
r_mcbond_it              729  1.066  1.500  ? 'X-RAY DIFFRACTION' ? 
r_mcangle_it             1124 1.745  2.000  ? 'X-RAY DIFFRACTION' ? 
r_scbond_it              460  2.607  3.000  ? 'X-RAY DIFFRACTION' ? 
r_scangle_it             399  3.654  4.500  ? 'X-RAY DIFFRACTION' ? 
# 
_refine_ls_shell.d_res_high                       1.800 
_refine_ls_shell.d_res_low                        1.847 
_refine_ls_shell.pdbx_total_number_of_bins_used   20 
_refine_ls_shell.percent_reflns_obs               72.830 
_refine_ls_shell.number_reflns_R_work             712 
_refine_ls_shell.R_factor_R_work                  0.283 
_refine_ls_shell.R_factor_R_free                  0.381 
_refine_ls_shell.percent_reflns_R_free            ? 
_refine_ls_shell.number_reflns_R_free             33 
_refine_ls_shell.R_factor_R_free_error            ? 
_refine_ls_shell.number_reflns_obs                744 
_refine_ls_shell.redundancy_reflns_obs            ? 
_refine_ls_shell.number_reflns_all                ? 
_refine_ls_shell.R_factor_all                     ? 
_refine_ls_shell.pdbx_refine_id                   'X-RAY DIFFRACTION' 
# 
_struct.entry_id                  2NLQ 
_struct.title                     'Human beta-defensin-1 (Mutant Lys31Ala)' 
_struct.pdbx_model_details        ? 
_struct.pdbx_CASP_flag            ? 
_struct.pdbx_model_type_details   ? 
# 
_struct_keywords.text            'antimicrobial, chemotactic, defensin, mutant, ANTIMICROBIAL PROTEIN' 
_struct_keywords.entry_id        2NLQ 
_struct_keywords.pdbx_keywords   'ANTIMICROBIAL PROTEIN' 
# 
loop_
_struct_asym.id 
_struct_asym.pdbx_blank_PDB_chainid_flag 
_struct_asym.pdbx_modified 
_struct_asym.entity_id 
_struct_asym.details 
A N N 1 ? 
B N N 1 ? 
C N N 1 ? 
D N N 1 ? 
E N N 2 ? 
F N N 2 ? 
G N N 2 ? 
H N N 2 ? 
I N N 2 ? 
J N N 3 ? 
K N N 4 ? 
L N N 5 ? 
M N N 5 ? 
N N N 5 ? 
O N N 5 ? 
# 
_struct_ref.id                         1 
_struct_ref.db_name                    UNP 
_struct_ref.db_code                    BD01_HUMAN 
_struct_ref.pdbx_db_accession          P60022 
_struct_ref.entity_id                  1 
_struct_ref.pdbx_seq_one_letter_code   DHYNCVSSGGQCLYSACPIFTKIQGTCYRGKAKCCK 
_struct_ref.pdbx_align_begin           33 
_struct_ref.pdbx_db_isoform            ? 
# 
loop_
_struct_ref_seq.align_id 
_struct_ref_seq.ref_id 
_struct_ref_seq.pdbx_PDB_id_code 
_struct_ref_seq.pdbx_strand_id 
_struct_ref_seq.seq_align_beg 
_struct_ref_seq.pdbx_seq_align_beg_ins_code 
_struct_ref_seq.seq_align_end 
_struct_ref_seq.pdbx_seq_align_end_ins_code 
_struct_ref_seq.pdbx_db_accession 
_struct_ref_seq.db_align_beg 
_struct_ref_seq.pdbx_db_align_beg_ins_code 
_struct_ref_seq.db_align_end 
_struct_ref_seq.pdbx_db_align_end_ins_code 
_struct_ref_seq.pdbx_auth_seq_align_beg 
_struct_ref_seq.pdbx_auth_seq_align_end 
1 1 2NLQ A 1 ? 36 ? P60022 33 ? 68 ? 1 36 
2 1 2NLQ B 1 ? 36 ? P60022 33 ? 68 ? 1 36 
3 1 2NLQ C 1 ? 36 ? P60022 33 ? 68 ? 1 36 
4 1 2NLQ D 1 ? 36 ? P60022 33 ? 68 ? 1 36 
# 
loop_
_struct_ref_seq_dif.align_id 
_struct_ref_seq_dif.pdbx_pdb_id_code 
_struct_ref_seq_dif.mon_id 
_struct_ref_seq_dif.pdbx_pdb_strand_id 
_struct_ref_seq_dif.seq_num 
_struct_ref_seq_dif.pdbx_pdb_ins_code 
_struct_ref_seq_dif.pdbx_seq_db_name 
_struct_ref_seq_dif.pdbx_seq_db_accession_code 
_struct_ref_seq_dif.db_mon_id 
_struct_ref_seq_dif.pdbx_seq_db_seq_num 
_struct_ref_seq_dif.details 
_struct_ref_seq_dif.pdbx_auth_seq_num 
_struct_ref_seq_dif.pdbx_ordinal 
1 2NLQ ALA A 31 ? UNP P60022 LYS 63 'engineered mutation' 31 1 
2 2NLQ ALA B 31 ? UNP P60022 LYS 63 'engineered mutation' 31 2 
3 2NLQ ALA C 31 ? UNP P60022 LYS 63 'engineered mutation' 31 3 
4 2NLQ ALA D 31 ? UNP P60022 LYS 63 'engineered mutation' 31 4 
# 
loop_
_pdbx_struct_assembly.id 
_pdbx_struct_assembly.details 
_pdbx_struct_assembly.method_details 
_pdbx_struct_assembly.oligomeric_details 
_pdbx_struct_assembly.oligomeric_count 
1  author_and_software_defined_assembly PISA monomeric  1 
2  author_and_software_defined_assembly PISA monomeric  1 
3  author_and_software_defined_assembly PISA monomeric  1 
4  author_and_software_defined_assembly PISA monomeric  1 
5  software_defined_assembly            PISA tetrameric 4 
6  software_defined_assembly            PISA tetrameric 4 
7  software_defined_assembly            PISA tetrameric 4 
8  software_defined_assembly            PISA trimeric   3 
9  software_defined_assembly            PISA trimeric   3 
10 software_defined_assembly            PISA trimeric   3 
11 software_defined_assembly            PISA tetrameric 4 
# 
loop_
_pdbx_struct_assembly_prop.biol_id 
_pdbx_struct_assembly_prop.type 
_pdbx_struct_assembly_prop.value 
_pdbx_struct_assembly_prop.details 
5  'ABSA (A^2)' 3800 ? 
5  MORE         -100 ? 
5  'SSA (A^2)'  8380 ? 
6  'ABSA (A^2)' 3710 ? 
6  MORE         -99  ? 
6  'SSA (A^2)'  8470 ? 
7  'ABSA (A^2)' 3690 ? 
7  MORE         -99  ? 
7  'SSA (A^2)'  8490 ? 
8  'ABSA (A^2)' 2820 ? 
8  MORE         -73  ? 
8  'SSA (A^2)'  6470 ? 
9  'ABSA (A^2)' 2640 ? 
9  MORE         -76  ? 
9  'SSA (A^2)'  6650 ? 
10 'ABSA (A^2)' 2770 ? 
10 MORE         -77  ? 
10 'SSA (A^2)'  6530 ? 
11 'ABSA (A^2)' 3430 ? 
11 MORE         -95  ? 
11 'SSA (A^2)'  8550 ? 
# 
loop_
_pdbx_struct_assembly_gen.assembly_id 
_pdbx_struct_assembly_gen.oper_expression 
_pdbx_struct_assembly_gen.asym_id_list 
1  1 A,E,L     
2  1 B,F,M     
3  1 C,G,H,N   
4  1 D,I,J,K,O 
5  1 D,I,J,K,O 
5  2 A,E,L     
5  3 B,F,M     
5  4 C,G,H,N   
6  1 D,I,J,K,O 
6  5 C,G,H,N   
6  6 B,F,M     
6  2 A,E,L     
7  1 D,I,J,K,O 
7  5 C,G,H,N   
7  2 A,E,L     
7  3 B,F,M     
8  1 D,I,J,K,O 
8  3 B,F,M     
8  4 C,G,H,N   
9  1 D,I,J,K,O 
9  2 A,E,L     
9  3 B,F,M     
10 1 D,I,J,K,O 
10 5 C,G,H,N   
10 2 A,E,L     
11 1 C,G,H,N   
11 7 B,F,M     
11 8 A,E,L     
11 3 D,I,J,K,O 
# 
loop_
_pdbx_struct_oper_list.id 
_pdbx_struct_oper_list.type 
_pdbx_struct_oper_list.name 
_pdbx_struct_oper_list.symmetry_operation 
_pdbx_struct_oper_list.matrix[1][1] 
_pdbx_struct_oper_list.matrix[1][2] 
_pdbx_struct_oper_list.matrix[1][3] 
_pdbx_struct_oper_list.vector[1] 
_pdbx_struct_oper_list.matrix[2][1] 
_pdbx_struct_oper_list.matrix[2][2] 
_pdbx_struct_oper_list.matrix[2][3] 
_pdbx_struct_oper_list.vector[2] 
_pdbx_struct_oper_list.matrix[3][1] 
_pdbx_struct_oper_list.matrix[3][2] 
_pdbx_struct_oper_list.matrix[3][3] 
_pdbx_struct_oper_list.vector[3] 
1 'identity operation'         1_555 x,y,z             1.0000000000 0.0000000000 0.0000000000 0.0000000000   0.0000000000 1.0000000000  0.0000000000 0.0000000000   0.0000000000 0.0000000000 1.0000000000  0.0000000000   
2 'crystal symmetry operation' 3_555 x+1/2,y+1/2,z     1.0000000000 0.0000000000 0.0000000000 13.0439462996  0.0000000000 1.0000000000  0.0000000000 -34.9175084898 0.0000000000 0.0000000000 1.0000000000  34.6089828050  
3 'crystal symmetry operation' 4_646 -x+3/2,y-1/2,-z+1 0.9803676488 0.1118917361 0.1623561288 -14.1925736257 0.1118917361 -0.9936780624 0.0091732003 1.2039083564   0.1623561288 0.0091732003 -0.9866895864 2.6361627476   
4 'crystal symmetry operation' 4_656 -x+3/2,y+1/2,-z+1 0.9803676488 0.1118917361 0.1623561288 13.3512354613  0.1118917361 -0.9936780624 0.0091732003 2.7601469773   0.1623561288 0.0091732003 -0.9866895864 4.8942819498   
5 'crystal symmetry operation' 2_756 -x+2,y,-z+1       0.9803676488 0.1118917361 0.1623561288 -1.1486273261  0.1118917361 -0.9936780624 0.0091732003 -33.7136001334 0.1623561288 0.0091732003 -0.9866895864 37.2451455526  
6 'crystal symmetry operation' 2_746 -x+2,y-1,-z+1     0.9803676488 0.1118917361 0.1623561288 -28.6924364132 0.1118917361 -0.9936780624 0.0091732003 -35.2698387543 0.1623561288 0.0091732003 -0.9866895864 34.9870263504  
7 'crystal symmetry operation' 1_545 x,y-1,z           1.0000000000 0.0000000000 0.0000000000 -27.5438090870 0.0000000000 1.0000000000  0.0000000000 -1.5562386210  0.0000000000 0.0000000000 1.0000000000  -2.2581192022  
8 'crystal symmetry operation' 2_656 -x+1,y,-z+1       0.9803676488 0.1118917361 0.1623561288 0.3072891617   0.1118917361 -0.9936780624 0.0091732003 37.6776554671  0.1623561288 0.0091732003 -0.9866895864 -29.7147008552 
# 
loop_
_struct_biol.id 
_struct_biol.details 
_struct_biol.pdbx_parent_biol_id 
1 'Biological assembly is a monomer' ? 
2 ?                                  ? 
3 ?                                  ? 
4 ?                                  ? 
# 
loop_
_struct_conf.conf_type_id 
_struct_conf.id 
_struct_conf.pdbx_PDB_helix_id 
_struct_conf.beg_label_comp_id 
_struct_conf.beg_label_asym_id 
_struct_conf.beg_label_seq_id 
_struct_conf.pdbx_beg_PDB_ins_code 
_struct_conf.end_label_comp_id 
_struct_conf.end_label_asym_id 
_struct_conf.end_label_seq_id 
_struct_conf.pdbx_end_PDB_ins_code 
_struct_conf.beg_auth_comp_id 
_struct_conf.beg_auth_asym_id 
_struct_conf.beg_auth_seq_id 
_struct_conf.end_auth_comp_id 
_struct_conf.end_auth_asym_id 
_struct_conf.end_auth_seq_id 
_struct_conf.pdbx_PDB_helix_class 
_struct_conf.details 
_struct_conf.pdbx_PDB_helix_length 
HELX_P HELX_P1 1 ASP A 1 ? SER A 8 ? ASP A 1 SER A 8 1 ? 8 
HELX_P HELX_P2 2 ASP B 1 ? SER B 8 ? ASP B 1 SER B 8 1 ? 8 
HELX_P HELX_P3 3 ASP C 1 ? SER C 8 ? ASP C 1 SER C 8 1 ? 8 
HELX_P HELX_P4 4 ASP D 1 ? GLY D 9 ? ASP D 1 GLY D 9 1 ? 9 
# 
_struct_conf_type.id          HELX_P 
_struct_conf_type.criteria    ? 
_struct_conf_type.reference   ? 
# 
loop_
_struct_conn.id 
_struct_conn.conn_type_id 
_struct_conn.pdbx_leaving_atom_flag 
_struct_conn.pdbx_PDB_id 
_struct_conn.ptnr1_label_asym_id 
_struct_conn.ptnr1_label_comp_id 
_struct_conn.ptnr1_label_seq_id 
_struct_conn.ptnr1_label_atom_id 
_struct_conn.pdbx_ptnr1_label_alt_id 
_struct_conn.pdbx_ptnr1_PDB_ins_code 
_struct_conn.pdbx_ptnr1_standard_comp_id 
_struct_conn.ptnr1_symmetry 
_struct_conn.ptnr2_label_asym_id 
_struct_conn.ptnr2_label_comp_id 
_struct_conn.ptnr2_label_seq_id 
_struct_conn.ptnr2_label_atom_id 
_struct_conn.pdbx_ptnr2_label_alt_id 
_struct_conn.pdbx_ptnr2_PDB_ins_code 
_struct_conn.ptnr1_auth_asym_id 
_struct_conn.ptnr1_auth_comp_id 
_struct_conn.ptnr1_auth_seq_id 
_struct_conn.ptnr2_auth_asym_id 
_struct_conn.ptnr2_auth_comp_id 
_struct_conn.ptnr2_auth_seq_id 
_struct_conn.ptnr2_symmetry 
_struct_conn.pdbx_ptnr3_label_atom_id 
_struct_conn.pdbx_ptnr3_label_seq_id 
_struct_conn.pdbx_ptnr3_label_comp_id 
_struct_conn.pdbx_ptnr3_label_asym_id 
_struct_conn.pdbx_ptnr3_label_alt_id 
_struct_conn.pdbx_ptnr3_PDB_ins_code 
_struct_conn.details 
_struct_conn.pdbx_dist_value 
_struct_conn.pdbx_value_order 
_struct_conn.pdbx_role 
disulf1  disulf ? ? A CYS 5  SG ? ? ? 1_555 A CYS 34 SG ? ? A CYS 5  A CYS 34 1_555 ? ? ? ? ? ? ? 2.083 ? ? 
disulf2  disulf ? ? A CYS 12 SG ? ? ? 1_555 A CYS 27 SG ? ? A CYS 12 A CYS 27 1_555 ? ? ? ? ? ? ? 2.015 ? ? 
disulf3  disulf ? ? A CYS 17 SG ? ? ? 1_555 A CYS 35 SG ? ? A CYS 17 A CYS 35 1_555 ? ? ? ? ? ? ? 2.024 ? ? 
disulf4  disulf ? ? B CYS 5  SG ? ? ? 1_555 B CYS 34 SG ? ? B CYS 5  B CYS 34 1_555 ? ? ? ? ? ? ? 2.042 ? ? 
disulf5  disulf ? ? B CYS 12 SG ? ? ? 1_555 B CYS 27 SG ? ? B CYS 12 B CYS 27 1_555 ? ? ? ? ? ? ? 2.060 ? ? 
disulf6  disulf ? ? B CYS 17 SG ? ? ? 1_555 B CYS 35 SG ? ? B CYS 17 B CYS 35 1_555 ? ? ? ? ? ? ? 2.024 ? ? 
disulf7  disulf ? ? C CYS 5  SG ? ? ? 1_555 C CYS 34 SG ? ? C CYS 5  C CYS 34 1_555 ? ? ? ? ? ? ? 2.080 ? ? 
disulf8  disulf ? ? C CYS 12 SG ? ? ? 1_555 C CYS 27 SG ? ? C CYS 12 C CYS 27 1_555 ? ? ? ? ? ? ? 2.026 ? ? 
disulf9  disulf ? ? C CYS 17 SG ? ? ? 1_555 C CYS 35 SG ? ? C CYS 17 C CYS 35 1_555 ? ? ? ? ? ? ? 2.029 ? ? 
disulf10 disulf ? ? D CYS 5  SG ? ? ? 1_555 D CYS 34 SG ? ? D CYS 5  D CYS 34 1_555 ? ? ? ? ? ? ? 2.044 ? ? 
disulf11 disulf ? ? D CYS 12 SG ? ? ? 1_555 D CYS 27 SG ? ? D CYS 12 D CYS 27 1_555 ? ? ? ? ? ? ? 2.067 ? ? 
disulf12 disulf ? ? D CYS 17 SG ? ? ? 1_555 D CYS 35 SG ? ? D CYS 17 D CYS 35 1_555 ? ? ? ? ? ? ? 2.050 ? ? 
# 
_struct_conn_type.id          disulf 
_struct_conn_type.criteria    ? 
_struct_conn_type.reference   ? 
# 
loop_
_pdbx_modification_feature.ordinal 
_pdbx_modification_feature.label_comp_id 
_pdbx_modification_feature.label_asym_id 
_pdbx_modification_feature.label_seq_id 
_pdbx_modification_feature.label_alt_id 
_pdbx_modification_feature.modified_residue_label_comp_id 
_pdbx_modification_feature.modified_residue_label_asym_id 
_pdbx_modification_feature.modified_residue_label_seq_id 
_pdbx_modification_feature.modified_residue_label_alt_id 
_pdbx_modification_feature.auth_comp_id 
_pdbx_modification_feature.auth_asym_id 
_pdbx_modification_feature.auth_seq_id 
_pdbx_modification_feature.PDB_ins_code 
_pdbx_modification_feature.symmetry 
_pdbx_modification_feature.modified_residue_auth_comp_id 
_pdbx_modification_feature.modified_residue_auth_asym_id 
_pdbx_modification_feature.modified_residue_auth_seq_id 
_pdbx_modification_feature.modified_residue_PDB_ins_code 
_pdbx_modification_feature.modified_residue_symmetry 
_pdbx_modification_feature.comp_id_linking_atom 
_pdbx_modification_feature.modified_residue_id_linking_atom 
_pdbx_modification_feature.modified_residue_id 
_pdbx_modification_feature.ref_pcm_id 
_pdbx_modification_feature.ref_comp_id 
_pdbx_modification_feature.type 
_pdbx_modification_feature.category 
1  CYS A 5  ? CYS A 34 ? CYS A 5  ? 1_555 CYS A 34 ? 1_555 SG SG . . . None 'Disulfide bridge' 
2  CYS A 12 ? CYS A 27 ? CYS A 12 ? 1_555 CYS A 27 ? 1_555 SG SG . . . None 'Disulfide bridge' 
3  CYS A 17 ? CYS A 35 ? CYS A 17 ? 1_555 CYS A 35 ? 1_555 SG SG . . . None 'Disulfide bridge' 
4  CYS B 5  ? CYS B 34 ? CYS B 5  ? 1_555 CYS B 34 ? 1_555 SG SG . . . None 'Disulfide bridge' 
5  CYS B 12 ? CYS B 27 ? CYS B 12 ? 1_555 CYS B 27 ? 1_555 SG SG . . . None 'Disulfide bridge' 
6  CYS B 17 ? CYS B 35 ? CYS B 17 ? 1_555 CYS B 35 ? 1_555 SG SG . . . None 'Disulfide bridge' 
7  CYS C 5  ? CYS C 34 ? CYS C 5  ? 1_555 CYS C 34 ? 1_555 SG SG . . . None 'Disulfide bridge' 
8  CYS C 12 ? CYS C 27 ? CYS C 12 ? 1_555 CYS C 27 ? 1_555 SG SG . . . None 'Disulfide bridge' 
9  CYS C 17 ? CYS C 35 ? CYS C 17 ? 1_555 CYS C 35 ? 1_555 SG SG . . . None 'Disulfide bridge' 
10 CYS D 5  ? CYS D 34 ? CYS D 5  ? 1_555 CYS D 34 ? 1_555 SG SG . . . None 'Disulfide bridge' 
11 CYS D 12 ? CYS D 27 ? CYS D 12 ? 1_555 CYS D 27 ? 1_555 SG SG . . . None 'Disulfide bridge' 
12 CYS D 17 ? CYS D 35 ? CYS D 17 ? 1_555 CYS D 35 ? 1_555 SG SG . . . None 'Disulfide bridge' 
# 
loop_
_struct_sheet.id 
_struct_sheet.type 
_struct_sheet.number_strands 
_struct_sheet.details 
A ? 3 ? 
B ? 3 ? 
C ? 3 ? 
D ? 3 ? 
# 
loop_
_struct_sheet_order.sheet_id 
_struct_sheet_order.range_id_1 
_struct_sheet_order.range_id_2 
_struct_sheet_order.offset 
_struct_sheet_order.sense 
A 1 2 ? anti-parallel 
A 2 3 ? anti-parallel 
B 1 2 ? anti-parallel 
B 2 3 ? anti-parallel 
C 1 2 ? anti-parallel 
C 2 3 ? anti-parallel 
D 1 2 ? anti-parallel 
D 2 3 ? anti-parallel 
# 
loop_
_struct_sheet_range.sheet_id 
_struct_sheet_range.id 
_struct_sheet_range.beg_label_comp_id 
_struct_sheet_range.beg_label_asym_id 
_struct_sheet_range.beg_label_seq_id 
_struct_sheet_range.pdbx_beg_PDB_ins_code 
_struct_sheet_range.end_label_comp_id 
_struct_sheet_range.end_label_asym_id 
_struct_sheet_range.end_label_seq_id 
_struct_sheet_range.pdbx_end_PDB_ins_code 
_struct_sheet_range.beg_auth_comp_id 
_struct_sheet_range.beg_auth_asym_id 
_struct_sheet_range.beg_auth_seq_id 
_struct_sheet_range.end_auth_comp_id 
_struct_sheet_range.end_auth_asym_id 
_struct_sheet_range.end_auth_seq_id 
A 1 GLN A 11 ? LEU A 13 ? GLN A 11 LEU A 13 
A 2 ALA A 32 ? CYS A 35 ? ALA A 32 CYS A 35 
A 3 ILE A 23 ? CYS A 27 ? ILE A 23 CYS A 27 
B 1 GLN B 11 ? LEU B 13 ? GLN B 11 LEU B 13 
B 2 ALA B 32 ? CYS B 35 ? ALA B 32 CYS B 35 
B 3 ILE B 23 ? CYS B 27 ? ILE B 23 CYS B 27 
C 1 GLN C 11 ? LEU C 13 ? GLN C 11 LEU C 13 
C 2 ALA C 32 ? CYS C 35 ? ALA C 32 CYS C 35 
C 3 ILE C 23 ? CYS C 27 ? ILE C 23 CYS C 27 
D 1 GLN D 11 ? LEU D 13 ? GLN D 11 LEU D 13 
D 2 ALA D 32 ? CYS D 35 ? ALA D 32 CYS D 35 
D 3 ILE D 23 ? CYS D 27 ? ILE D 23 CYS D 27 
# 
loop_
_pdbx_struct_sheet_hbond.sheet_id 
_pdbx_struct_sheet_hbond.range_id_1 
_pdbx_struct_sheet_hbond.range_id_2 
_pdbx_struct_sheet_hbond.range_1_label_atom_id 
_pdbx_struct_sheet_hbond.range_1_label_comp_id 
_pdbx_struct_sheet_hbond.range_1_label_asym_id 
_pdbx_struct_sheet_hbond.range_1_label_seq_id 
_pdbx_struct_sheet_hbond.range_1_PDB_ins_code 
_pdbx_struct_sheet_hbond.range_1_auth_atom_id 
_pdbx_struct_sheet_hbond.range_1_auth_comp_id 
_pdbx_struct_sheet_hbond.range_1_auth_asym_id 
_pdbx_struct_sheet_hbond.range_1_auth_seq_id 
_pdbx_struct_sheet_hbond.range_2_label_atom_id 
_pdbx_struct_sheet_hbond.range_2_label_comp_id 
_pdbx_struct_sheet_hbond.range_2_label_asym_id 
_pdbx_struct_sheet_hbond.range_2_label_seq_id 
_pdbx_struct_sheet_hbond.range_2_PDB_ins_code 
_pdbx_struct_sheet_hbond.range_2_auth_atom_id 
_pdbx_struct_sheet_hbond.range_2_auth_comp_id 
_pdbx_struct_sheet_hbond.range_2_auth_asym_id 
_pdbx_struct_sheet_hbond.range_2_auth_seq_id 
A 1 2 N GLN A 11 ? N GLN A 11 O CYS A 35 ? O CYS A 35 
A 2 3 O CYS A 34 ? O CYS A 34 N GLN A 24 ? N GLN A 24 
B 1 2 N GLN B 11 ? N GLN B 11 O CYS B 35 ? O CYS B 35 
B 2 3 O CYS B 34 ? O CYS B 34 N GLN B 24 ? N GLN B 24 
C 1 2 N GLN C 11 ? N GLN C 11 O CYS C 35 ? O CYS C 35 
C 2 3 O CYS C 34 ? O CYS C 34 N GLN C 24 ? N GLN C 24 
D 1 2 N GLN D 11 ? N GLN D 11 O CYS D 35 ? O CYS D 35 
D 2 3 O CYS D 34 ? O CYS D 34 N GLN D 24 ? N GLN D 24 
# 
loop_
_struct_site.id 
_struct_site.pdbx_evidence_code 
_struct_site.pdbx_auth_asym_id 
_struct_site.pdbx_auth_comp_id 
_struct_site.pdbx_auth_seq_id 
_struct_site.pdbx_auth_ins_code 
_struct_site.pdbx_num_residues 
_struct_site.details 
AC1 Software A SO4 301 ? 11 'BINDING SITE FOR RESIDUE SO4 A 301' 
AC2 Software B SO4 302 ? 10 'BINDING SITE FOR RESIDUE SO4 B 302' 
AC3 Software C SO4 303 ? 10 'BINDING SITE FOR RESIDUE SO4 C 303' 
AC4 Software C SO4 304 ? 10 'BINDING SITE FOR RESIDUE SO4 C 304' 
AC5 Software D SO4 305 ? 9  'BINDING SITE FOR RESIDUE SO4 D 305' 
AC6 Software D GLY 401 ? 9  'BINDING SITE FOR RESIDUE GLY D 401' 
AC7 Software D GOL 501 ? 9  'BINDING SITE FOR RESIDUE GOL D 501' 
# 
loop_
_struct_site_gen.id 
_struct_site_gen.site_id 
_struct_site_gen.pdbx_num_res 
_struct_site_gen.label_comp_id 
_struct_site_gen.label_asym_id 
_struct_site_gen.label_seq_id 
_struct_site_gen.pdbx_auth_ins_code 
_struct_site_gen.auth_comp_id 
_struct_site_gen.auth_asym_id 
_struct_site_gen.auth_seq_id 
_struct_site_gen.label_atom_id 
_struct_site_gen.label_alt_id 
_struct_site_gen.symmetry 
_struct_site_gen.details 
1  AC1 11 TYR A 3  ? TYR A 3   . ? 1_555 ? 
2  AC1 11 HOH L .  ? HOH A 312 . ? 1_555 ? 
3  AC1 11 HOH M .  ? HOH B 311 . ? 2_646 ? 
4  AC1 11 HOH M .  ? HOH B 315 . ? 2_646 ? 
5  AC1 11 ASP D 1  ? ASP D 1   . ? 3_445 ? 
6  AC1 11 HIS D 2  ? HIS D 2   . ? 3_445 ? 
7  AC1 11 CYS D 27 ? CYS D 27  . ? 3_445 ? 
8  AC1 11 TYR D 28 ? TYR D 28  . ? 3_445 ? 
9  AC1 11 ARG D 29 ? ARG D 29  . ? 3_445 ? 
10 AC1 11 HOH O .  ? HOH D 505 . ? 3_445 ? 
11 AC1 11 HOH O .  ? HOH D 513 . ? 3_445 ? 
12 AC2 10 ASP A 1  ? ASP A 1   . ? 2_666 ? 
13 AC2 10 HIS A 2  ? HIS A 2   . ? 2_666 ? 
14 AC2 10 CYS A 27 ? CYS A 27  . ? 2_666 ? 
15 AC2 10 TYR A 28 ? TYR A 28  . ? 2_666 ? 
16 AC2 10 ARG A 29 ? ARG A 29  . ? 2_666 ? 
17 AC2 10 HOH M .  ? HOH B 311 . ? 1_555 ? 
18 AC2 10 HOH M .  ? HOH B 315 . ? 1_555 ? 
19 AC2 10 HOH M .  ? HOH B 351 . ? 1_555 ? 
20 AC2 10 TYR D 3  ? TYR D 3   . ? 4_656 ? 
21 AC2 10 HOH O .  ? HOH D 502 . ? 4_656 ? 
22 AC3 10 TYR B 3  ? TYR B 3   . ? 1_545 ? 
23 AC3 10 HOH M .  ? HOH B 312 . ? 1_545 ? 
24 AC3 10 ASP C 1  ? ASP C 1   . ? 1_555 ? 
25 AC3 10 HIS C 2  ? HIS C 2   . ? 1_555 ? 
26 AC3 10 CYS C 27 ? CYS C 27  . ? 1_555 ? 
27 AC3 10 TYR C 28 ? TYR C 28  . ? 1_555 ? 
28 AC3 10 ARG C 29 ? ARG C 29  . ? 1_555 ? 
29 AC3 10 HOH N .  ? HOH C 306 . ? 1_555 ? 
30 AC3 10 HOH N .  ? HOH C 310 . ? 1_555 ? 
31 AC3 10 HOH N .  ? HOH C 337 . ? 1_555 ? 
32 AC4 10 ASP B 1  ? ASP B 1   . ? 1_545 ? 
33 AC4 10 HIS B 2  ? HIS B 2   . ? 1_545 ? 
34 AC4 10 TYR B 28 ? TYR B 28  . ? 1_545 ? 
35 AC4 10 ARG B 29 ? ARG B 29  . ? 1_545 ? 
36 AC4 10 TYR C 3  ? TYR C 3   . ? 1_555 ? 
37 AC4 10 HOH N .  ? HOH C 306 . ? 1_555 ? 
38 AC4 10 HOH N .  ? HOH C 308 . ? 1_555 ? 
39 AC4 10 HOH N .  ? HOH C 310 . ? 1_555 ? 
40 AC4 10 HOH N .  ? HOH C 316 . ? 1_555 ? 
41 AC4 10 HOH O .  ? HOH D 504 . ? 4_646 ? 
42 AC5 9  ASP B 1  ? ASP B 1   . ? 4_646 ? 
43 AC5 9  ASN B 4  ? ASN B 4   . ? 4_646 ? 
44 AC5 9  ASP D 1  ? ASP D 1   . ? 1_555 ? 
45 AC5 9  GLY D 25 ? GLY D 25  . ? 1_555 ? 
46 AC5 9  THR D 26 ? THR D 26  . ? 1_555 ? 
47 AC5 9  GLY J .  ? GLY D 401 . ? 1_555 ? 
48 AC5 9  HOH O .  ? HOH D 516 . ? 1_555 ? 
49 AC5 9  HOH O .  ? HOH D 522 . ? 1_555 ? 
50 AC5 9  HOH O .  ? HOH D 543 . ? 1_555 ? 
51 AC6 9  ASP B 1  ? ASP B 1   . ? 4_646 ? 
52 AC6 9  GLY B 25 ? GLY B 25  . ? 4_646 ? 
53 AC6 9  THR B 26 ? THR B 26  . ? 4_646 ? 
54 AC6 9  ASP D 1  ? ASP D 1   . ? 1_555 ? 
55 AC6 9  THR D 26 ? THR D 26  . ? 1_555 ? 
56 AC6 9  SO4 I .  ? SO4 D 305 . ? 1_555 ? 
57 AC6 9  HOH O .  ? HOH D 513 . ? 1_555 ? 
58 AC6 9  HOH O .  ? HOH D 524 . ? 1_555 ? 
59 AC6 9  HOH O .  ? HOH D 543 . ? 1_555 ? 
60 AC7 9  ARG B 29 ? ARG B 29  . ? 4_646 ? 
61 AC7 9  ILE D 23 ? ILE D 23  . ? 1_555 ? 
62 AC7 9  THR D 26 ? THR D 26  . ? 1_555 ? 
63 AC7 9  GLY D 30 ? GLY D 30  . ? 1_555 ? 
64 AC7 9  ALA D 31 ? ALA D 31  . ? 1_555 ? 
65 AC7 9  ALA D 32 ? ALA D 32  . ? 1_555 ? 
66 AC7 9  LYS D 33 ? LYS D 33  . ? 1_555 ? 
67 AC7 9  HOH O .  ? HOH D 504 . ? 1_555 ? 
68 AC7 9  HOH O .  ? HOH D 520 . ? 1_555 ? 
# 
_pdbx_entry_details.entry_id                   2NLQ 
_pdbx_entry_details.compound_details           ? 
_pdbx_entry_details.source_details             ? 
_pdbx_entry_details.nonpolymer_details         ? 
_pdbx_entry_details.sequence_details           ? 
_pdbx_entry_details.has_ligand_of_interest     ? 
_pdbx_entry_details.has_protein_modification   Y 
# 
_pdbx_validate_close_contact.id               1 
_pdbx_validate_close_contact.PDB_model_num    1 
_pdbx_validate_close_contact.auth_atom_id_1   O2 
_pdbx_validate_close_contact.auth_asym_id_1   D 
_pdbx_validate_close_contact.auth_comp_id_1   SO4 
_pdbx_validate_close_contact.auth_seq_id_1    305 
_pdbx_validate_close_contact.PDB_ins_code_1   ? 
_pdbx_validate_close_contact.label_alt_id_1   ? 
_pdbx_validate_close_contact.auth_atom_id_2   OXT 
_pdbx_validate_close_contact.auth_asym_id_2   D 
_pdbx_validate_close_contact.auth_comp_id_2   GLY 
_pdbx_validate_close_contact.auth_seq_id_2    401 
_pdbx_validate_close_contact.PDB_ins_code_2   ? 
_pdbx_validate_close_contact.label_alt_id_2   ? 
_pdbx_validate_close_contact.dist             2.18 
# 
_pdbx_validate_symm_contact.id                1 
_pdbx_validate_symm_contact.PDB_model_num     1 
_pdbx_validate_symm_contact.auth_atom_id_1    O 
_pdbx_validate_symm_contact.auth_asym_id_1    A 
_pdbx_validate_symm_contact.auth_comp_id_1    HOH 
_pdbx_validate_symm_contact.auth_seq_id_1     326 
_pdbx_validate_symm_contact.PDB_ins_code_1    ? 
_pdbx_validate_symm_contact.label_alt_id_1    ? 
_pdbx_validate_symm_contact.site_symmetry_1   1_555 
_pdbx_validate_symm_contact.auth_atom_id_2    O 
_pdbx_validate_symm_contact.auth_asym_id_2    B 
_pdbx_validate_symm_contact.auth_comp_id_2    HOH 
_pdbx_validate_symm_contact.auth_seq_id_2     373 
_pdbx_validate_symm_contact.PDB_ins_code_2    ? 
_pdbx_validate_symm_contact.label_alt_id_2    ? 
_pdbx_validate_symm_contact.site_symmetry_2   1_545 
_pdbx_validate_symm_contact.dist              2.19 
# 
loop_
_pdbx_validate_rmsd_bond.id 
_pdbx_validate_rmsd_bond.PDB_model_num 
_pdbx_validate_rmsd_bond.auth_atom_id_1 
_pdbx_validate_rmsd_bond.auth_asym_id_1 
_pdbx_validate_rmsd_bond.auth_comp_id_1 
_pdbx_validate_rmsd_bond.auth_seq_id_1 
_pdbx_validate_rmsd_bond.PDB_ins_code_1 
_pdbx_validate_rmsd_bond.label_alt_id_1 
_pdbx_validate_rmsd_bond.auth_atom_id_2 
_pdbx_validate_rmsd_bond.auth_asym_id_2 
_pdbx_validate_rmsd_bond.auth_comp_id_2 
_pdbx_validate_rmsd_bond.auth_seq_id_2 
_pdbx_validate_rmsd_bond.PDB_ins_code_2 
_pdbx_validate_rmsd_bond.label_alt_id_2 
_pdbx_validate_rmsd_bond.bond_value 
_pdbx_validate_rmsd_bond.bond_target_value 
_pdbx_validate_rmsd_bond.bond_deviation 
_pdbx_validate_rmsd_bond.bond_standard_deviation 
_pdbx_validate_rmsd_bond.linker_flag 
1 1 CB C CYS 27 ? ? SG C CYS 27 ? ? 1.713 1.812 -0.099 0.016 N 
2 1 CB C CYS 35 ? ? SG C CYS 35 ? ? 1.682 1.812 -0.130 0.016 N 
# 
loop_
_pdbx_validate_torsion.id 
_pdbx_validate_torsion.PDB_model_num 
_pdbx_validate_torsion.auth_comp_id 
_pdbx_validate_torsion.auth_asym_id 
_pdbx_validate_torsion.auth_seq_id 
_pdbx_validate_torsion.PDB_ins_code 
_pdbx_validate_torsion.label_alt_id 
_pdbx_validate_torsion.phi 
_pdbx_validate_torsion.psi 
1 1 SER A 15 ? ? -114.48 -103.07 
2 1 SER B 15 ? ? -104.00 -141.11 
3 1 GLN C 24 ? ? -151.88 75.41   
4 1 PHE D 20 ? ? 88.61   -15.74  
# 
loop_
_chem_comp_atom.comp_id 
_chem_comp_atom.atom_id 
_chem_comp_atom.type_symbol 
_chem_comp_atom.pdbx_aromatic_flag 
_chem_comp_atom.pdbx_stereo_config 
_chem_comp_atom.pdbx_ordinal 
ALA N    N N N 1   
ALA CA   C N S 2   
ALA C    C N N 3   
ALA O    O N N 4   
ALA CB   C N N 5   
ALA OXT  O N N 6   
ALA H    H N N 7   
ALA H2   H N N 8   
ALA HA   H N N 9   
ALA HB1  H N N 10  
ALA HB2  H N N 11  
ALA HB3  H N N 12  
ALA HXT  H N N 13  
ARG N    N N N 14  
ARG CA   C N S 15  
ARG C    C N N 16  
ARG O    O N N 17  
ARG CB   C N N 18  
ARG CG   C N N 19  
ARG CD   C N N 20  
ARG NE   N N N 21  
ARG CZ   C N N 22  
ARG NH1  N N N 23  
ARG NH2  N N N 24  
ARG OXT  O N N 25  
ARG H    H N N 26  
ARG H2   H N N 27  
ARG HA   H N N 28  
ARG HB2  H N N 29  
ARG HB3  H N N 30  
ARG HG2  H N N 31  
ARG HG3  H N N 32  
ARG HD2  H N N 33  
ARG HD3  H N N 34  
ARG HE   H N N 35  
ARG HH11 H N N 36  
ARG HH12 H N N 37  
ARG HH21 H N N 38  
ARG HH22 H N N 39  
ARG HXT  H N N 40  
ASN N    N N N 41  
ASN CA   C N S 42  
ASN C    C N N 43  
ASN O    O N N 44  
ASN CB   C N N 45  
ASN CG   C N N 46  
ASN OD1  O N N 47  
ASN ND2  N N N 48  
ASN OXT  O N N 49  
ASN H    H N N 50  
ASN H2   H N N 51  
ASN HA   H N N 52  
ASN HB2  H N N 53  
ASN HB3  H N N 54  
ASN HD21 H N N 55  
ASN HD22 H N N 56  
ASN HXT  H N N 57  
ASP N    N N N 58  
ASP CA   C N S 59  
ASP C    C N N 60  
ASP O    O N N 61  
ASP CB   C N N 62  
ASP CG   C N N 63  
ASP OD1  O N N 64  
ASP OD2  O N N 65  
ASP OXT  O N N 66  
ASP H    H N N 67  
ASP H2   H N N 68  
ASP HA   H N N 69  
ASP HB2  H N N 70  
ASP HB3  H N N 71  
ASP HD2  H N N 72  
ASP HXT  H N N 73  
CYS N    N N N 74  
CYS CA   C N R 75  
CYS C    C N N 76  
CYS O    O N N 77  
CYS CB   C N N 78  
CYS SG   S N N 79  
CYS OXT  O N N 80  
CYS H    H N N 81  
CYS H2   H N N 82  
CYS HA   H N N 83  
CYS HB2  H N N 84  
CYS HB3  H N N 85  
CYS HG   H N N 86  
CYS HXT  H N N 87  
GLN N    N N N 88  
GLN CA   C N S 89  
GLN C    C N N 90  
GLN O    O N N 91  
GLN CB   C N N 92  
GLN CG   C N N 93  
GLN CD   C N N 94  
GLN OE1  O N N 95  
GLN NE2  N N N 96  
GLN OXT  O N N 97  
GLN H    H N N 98  
GLN H2   H N N 99  
GLN HA   H N N 100 
GLN HB2  H N N 101 
GLN HB3  H N N 102 
GLN HG2  H N N 103 
GLN HG3  H N N 104 
GLN HE21 H N N 105 
GLN HE22 H N N 106 
GLN HXT  H N N 107 
GLY N    N N N 108 
GLY CA   C N N 109 
GLY C    C N N 110 
GLY O    O N N 111 
GLY OXT  O N N 112 
GLY H    H N N 113 
GLY H2   H N N 114 
GLY HA2  H N N 115 
GLY HA3  H N N 116 
GLY HXT  H N N 117 
GOL C1   C N N 118 
GOL O1   O N N 119 
GOL C2   C N N 120 
GOL O2   O N N 121 
GOL C3   C N N 122 
GOL O3   O N N 123 
GOL H11  H N N 124 
GOL H12  H N N 125 
GOL HO1  H N N 126 
GOL H2   H N N 127 
GOL HO2  H N N 128 
GOL H31  H N N 129 
GOL H32  H N N 130 
GOL HO3  H N N 131 
HIS N    N N N 132 
HIS CA   C N S 133 
HIS C    C N N 134 
HIS O    O N N 135 
HIS CB   C N N 136 
HIS CG   C Y N 137 
HIS ND1  N Y N 138 
HIS CD2  C Y N 139 
HIS CE1  C Y N 140 
HIS NE2  N Y N 141 
HIS OXT  O N N 142 
HIS H    H N N 143 
HIS H2   H N N 144 
HIS HA   H N N 145 
HIS HB2  H N N 146 
HIS HB3  H N N 147 
HIS HD1  H N N 148 
HIS HD2  H N N 149 
HIS HE1  H N N 150 
HIS HE2  H N N 151 
HIS HXT  H N N 152 
HOH O    O N N 153 
HOH H1   H N N 154 
HOH H2   H N N 155 
ILE N    N N N 156 
ILE CA   C N S 157 
ILE C    C N N 158 
ILE O    O N N 159 
ILE CB   C N S 160 
ILE CG1  C N N 161 
ILE CG2  C N N 162 
ILE CD1  C N N 163 
ILE OXT  O N N 164 
ILE H    H N N 165 
ILE H2   H N N 166 
ILE HA   H N N 167 
ILE HB   H N N 168 
ILE HG12 H N N 169 
ILE HG13 H N N 170 
ILE HG21 H N N 171 
ILE HG22 H N N 172 
ILE HG23 H N N 173 
ILE HD11 H N N 174 
ILE HD12 H N N 175 
ILE HD13 H N N 176 
ILE HXT  H N N 177 
LEU N    N N N 178 
LEU CA   C N S 179 
LEU C    C N N 180 
LEU O    O N N 181 
LEU CB   C N N 182 
LEU CG   C N N 183 
LEU CD1  C N N 184 
LEU CD2  C N N 185 
LEU OXT  O N N 186 
LEU H    H N N 187 
LEU H2   H N N 188 
LEU HA   H N N 189 
LEU HB2  H N N 190 
LEU HB3  H N N 191 
LEU HG   H N N 192 
LEU HD11 H N N 193 
LEU HD12 H N N 194 
LEU HD13 H N N 195 
LEU HD21 H N N 196 
LEU HD22 H N N 197 
LEU HD23 H N N 198 
LEU HXT  H N N 199 
LYS N    N N N 200 
LYS CA   C N S 201 
LYS C    C N N 202 
LYS O    O N N 203 
LYS CB   C N N 204 
LYS CG   C N N 205 
LYS CD   C N N 206 
LYS CE   C N N 207 
LYS NZ   N N N 208 
LYS OXT  O N N 209 
LYS H    H N N 210 
LYS H2   H N N 211 
LYS HA   H N N 212 
LYS HB2  H N N 213 
LYS HB3  H N N 214 
LYS HG2  H N N 215 
LYS HG3  H N N 216 
LYS HD2  H N N 217 
LYS HD3  H N N 218 
LYS HE2  H N N 219 
LYS HE3  H N N 220 
LYS HZ1  H N N 221 
LYS HZ2  H N N 222 
LYS HZ3  H N N 223 
LYS HXT  H N N 224 
PHE N    N N N 225 
PHE CA   C N S 226 
PHE C    C N N 227 
PHE O    O N N 228 
PHE CB   C N N 229 
PHE CG   C Y N 230 
PHE CD1  C Y N 231 
PHE CD2  C Y N 232 
PHE CE1  C Y N 233 
PHE CE2  C Y N 234 
PHE CZ   C Y N 235 
PHE OXT  O N N 236 
PHE H    H N N 237 
PHE H2   H N N 238 
PHE HA   H N N 239 
PHE HB2  H N N 240 
PHE HB3  H N N 241 
PHE HD1  H N N 242 
PHE HD2  H N N 243 
PHE HE1  H N N 244 
PHE HE2  H N N 245 
PHE HZ   H N N 246 
PHE HXT  H N N 247 
PRO N    N N N 248 
PRO CA   C N S 249 
PRO C    C N N 250 
PRO O    O N N 251 
PRO CB   C N N 252 
PRO CG   C N N 253 
PRO CD   C N N 254 
PRO OXT  O N N 255 
PRO H    H N N 256 
PRO HA   H N N 257 
PRO HB2  H N N 258 
PRO HB3  H N N 259 
PRO HG2  H N N 260 
PRO HG3  H N N 261 
PRO HD2  H N N 262 
PRO HD3  H N N 263 
PRO HXT  H N N 264 
SER N    N N N 265 
SER CA   C N S 266 
SER C    C N N 267 
SER O    O N N 268 
SER CB   C N N 269 
SER OG   O N N 270 
SER OXT  O N N 271 
SER H    H N N 272 
SER H2   H N N 273 
SER HA   H N N 274 
SER HB2  H N N 275 
SER HB3  H N N 276 
SER HG   H N N 277 
SER HXT  H N N 278 
SO4 S    S N N 279 
SO4 O1   O N N 280 
SO4 O2   O N N 281 
SO4 O3   O N N 282 
SO4 O4   O N N 283 
THR N    N N N 284 
THR CA   C N S 285 
THR C    C N N 286 
THR O    O N N 287 
THR CB   C N R 288 
THR OG1  O N N 289 
THR CG2  C N N 290 
THR OXT  O N N 291 
THR H    H N N 292 
THR H2   H N N 293 
THR HA   H N N 294 
THR HB   H N N 295 
THR HG1  H N N 296 
THR HG21 H N N 297 
THR HG22 H N N 298 
THR HG23 H N N 299 
THR HXT  H N N 300 
TYR N    N N N 301 
TYR CA   C N S 302 
TYR C    C N N 303 
TYR O    O N N 304 
TYR CB   C N N 305 
TYR CG   C Y N 306 
TYR CD1  C Y N 307 
TYR CD2  C Y N 308 
TYR CE1  C Y N 309 
TYR CE2  C Y N 310 
TYR CZ   C Y N 311 
TYR OH   O N N 312 
TYR OXT  O N N 313 
TYR H    H N N 314 
TYR H2   H N N 315 
TYR HA   H N N 316 
TYR HB2  H N N 317 
TYR HB3  H N N 318 
TYR HD1  H N N 319 
TYR HD2  H N N 320 
TYR HE1  H N N 321 
TYR HE2  H N N 322 
TYR HH   H N N 323 
TYR HXT  H N N 324 
VAL N    N N N 325 
VAL CA   C N S 326 
VAL C    C N N 327 
VAL O    O N N 328 
VAL CB   C N N 329 
VAL CG1  C N N 330 
VAL CG2  C N N 331 
VAL OXT  O N N 332 
VAL H    H N N 333 
VAL H2   H N N 334 
VAL HA   H N N 335 
VAL HB   H N N 336 
VAL HG11 H N N 337 
VAL HG12 H N N 338 
VAL HG13 H N N 339 
VAL HG21 H N N 340 
VAL HG22 H N N 341 
VAL HG23 H N N 342 
VAL HXT  H N N 343 
# 
loop_
_chem_comp_bond.comp_id 
_chem_comp_bond.atom_id_1 
_chem_comp_bond.atom_id_2 
_chem_comp_bond.value_order 
_chem_comp_bond.pdbx_aromatic_flag 
_chem_comp_bond.pdbx_stereo_config 
_chem_comp_bond.pdbx_ordinal 
ALA N   CA   sing N N 1   
ALA N   H    sing N N 2   
ALA N   H2   sing N N 3   
ALA CA  C    sing N N 4   
ALA CA  CB   sing N N 5   
ALA CA  HA   sing N N 6   
ALA C   O    doub N N 7   
ALA C   OXT  sing N N 8   
ALA CB  HB1  sing N N 9   
ALA CB  HB2  sing N N 10  
ALA CB  HB3  sing N N 11  
ALA OXT HXT  sing N N 12  
ARG N   CA   sing N N 13  
ARG N   H    sing N N 14  
ARG N   H2   sing N N 15  
ARG CA  C    sing N N 16  
ARG CA  CB   sing N N 17  
ARG CA  HA   sing N N 18  
ARG C   O    doub N N 19  
ARG C   OXT  sing N N 20  
ARG CB  CG   sing N N 21  
ARG CB  HB2  sing N N 22  
ARG CB  HB3  sing N N 23  
ARG CG  CD   sing N N 24  
ARG CG  HG2  sing N N 25  
ARG CG  HG3  sing N N 26  
ARG CD  NE   sing N N 27  
ARG CD  HD2  sing N N 28  
ARG CD  HD3  sing N N 29  
ARG NE  CZ   sing N N 30  
ARG NE  HE   sing N N 31  
ARG CZ  NH1  sing N N 32  
ARG CZ  NH2  doub N N 33  
ARG NH1 HH11 sing N N 34  
ARG NH1 HH12 sing N N 35  
ARG NH2 HH21 sing N N 36  
ARG NH2 HH22 sing N N 37  
ARG OXT HXT  sing N N 38  
ASN N   CA   sing N N 39  
ASN N   H    sing N N 40  
ASN N   H2   sing N N 41  
ASN CA  C    sing N N 42  
ASN CA  CB   sing N N 43  
ASN CA  HA   sing N N 44  
ASN C   O    doub N N 45  
ASN C   OXT  sing N N 46  
ASN CB  CG   sing N N 47  
ASN CB  HB2  sing N N 48  
ASN CB  HB3  sing N N 49  
ASN CG  OD1  doub N N 50  
ASN CG  ND2  sing N N 51  
ASN ND2 HD21 sing N N 52  
ASN ND2 HD22 sing N N 53  
ASN OXT HXT  sing N N 54  
ASP N   CA   sing N N 55  
ASP N   H    sing N N 56  
ASP N   H2   sing N N 57  
ASP CA  C    sing N N 58  
ASP CA  CB   sing N N 59  
ASP CA  HA   sing N N 60  
ASP C   O    doub N N 61  
ASP C   OXT  sing N N 62  
ASP CB  CG   sing N N 63  
ASP CB  HB2  sing N N 64  
ASP CB  HB3  sing N N 65  
ASP CG  OD1  doub N N 66  
ASP CG  OD2  sing N N 67  
ASP OD2 HD2  sing N N 68  
ASP OXT HXT  sing N N 69  
CYS N   CA   sing N N 70  
CYS N   H    sing N N 71  
CYS N   H2   sing N N 72  
CYS CA  C    sing N N 73  
CYS CA  CB   sing N N 74  
CYS CA  HA   sing N N 75  
CYS C   O    doub N N 76  
CYS C   OXT  sing N N 77  
CYS CB  SG   sing N N 78  
CYS CB  HB2  sing N N 79  
CYS CB  HB3  sing N N 80  
CYS SG  HG   sing N N 81  
CYS OXT HXT  sing N N 82  
GLN N   CA   sing N N 83  
GLN N   H    sing N N 84  
GLN N   H2   sing N N 85  
GLN CA  C    sing N N 86  
GLN CA  CB   sing N N 87  
GLN CA  HA   sing N N 88  
GLN C   O    doub N N 89  
GLN C   OXT  sing N N 90  
GLN CB  CG   sing N N 91  
GLN CB  HB2  sing N N 92  
GLN CB  HB3  sing N N 93  
GLN CG  CD   sing N N 94  
GLN CG  HG2  sing N N 95  
GLN CG  HG3  sing N N 96  
GLN CD  OE1  doub N N 97  
GLN CD  NE2  sing N N 98  
GLN NE2 HE21 sing N N 99  
GLN NE2 HE22 sing N N 100 
GLN OXT HXT  sing N N 101 
GLY N   CA   sing N N 102 
GLY N   H    sing N N 103 
GLY N   H2   sing N N 104 
GLY CA  C    sing N N 105 
GLY CA  HA2  sing N N 106 
GLY CA  HA3  sing N N 107 
GLY C   O    doub N N 108 
GLY C   OXT  sing N N 109 
GLY OXT HXT  sing N N 110 
GOL C1  O1   sing N N 111 
GOL C1  C2   sing N N 112 
GOL C1  H11  sing N N 113 
GOL C1  H12  sing N N 114 
GOL O1  HO1  sing N N 115 
GOL C2  O2   sing N N 116 
GOL C2  C3   sing N N 117 
GOL C2  H2   sing N N 118 
GOL O2  HO2  sing N N 119 
GOL C3  O3   sing N N 120 
GOL C3  H31  sing N N 121 
GOL C3  H32  sing N N 122 
GOL O3  HO3  sing N N 123 
HIS N   CA   sing N N 124 
HIS N   H    sing N N 125 
HIS N   H2   sing N N 126 
HIS CA  C    sing N N 127 
HIS CA  CB   sing N N 128 
HIS CA  HA   sing N N 129 
HIS C   O    doub N N 130 
HIS C   OXT  sing N N 131 
HIS CB  CG   sing N N 132 
HIS CB  HB2  sing N N 133 
HIS CB  HB3  sing N N 134 
HIS CG  ND1  sing Y N 135 
HIS CG  CD2  doub Y N 136 
HIS ND1 CE1  doub Y N 137 
HIS ND1 HD1  sing N N 138 
HIS CD2 NE2  sing Y N 139 
HIS CD2 HD2  sing N N 140 
HIS CE1 NE2  sing Y N 141 
HIS CE1 HE1  sing N N 142 
HIS NE2 HE2  sing N N 143 
HIS OXT HXT  sing N N 144 
HOH O   H1   sing N N 145 
HOH O   H2   sing N N 146 
ILE N   CA   sing N N 147 
ILE N   H    sing N N 148 
ILE N   H2   sing N N 149 
ILE CA  C    sing N N 150 
ILE CA  CB   sing N N 151 
ILE CA  HA   sing N N 152 
ILE C   O    doub N N 153 
ILE C   OXT  sing N N 154 
ILE CB  CG1  sing N N 155 
ILE CB  CG2  sing N N 156 
ILE CB  HB   sing N N 157 
ILE CG1 CD1  sing N N 158 
ILE CG1 HG12 sing N N 159 
ILE CG1 HG13 sing N N 160 
ILE CG2 HG21 sing N N 161 
ILE CG2 HG22 sing N N 162 
ILE CG2 HG23 sing N N 163 
ILE CD1 HD11 sing N N 164 
ILE CD1 HD12 sing N N 165 
ILE CD1 HD13 sing N N 166 
ILE OXT HXT  sing N N 167 
LEU N   CA   sing N N 168 
LEU N   H    sing N N 169 
LEU N   H2   sing N N 170 
LEU CA  C    sing N N 171 
LEU CA  CB   sing N N 172 
LEU CA  HA   sing N N 173 
LEU C   O    doub N N 174 
LEU C   OXT  sing N N 175 
LEU CB  CG   sing N N 176 
LEU CB  HB2  sing N N 177 
LEU CB  HB3  sing N N 178 
LEU CG  CD1  sing N N 179 
LEU CG  CD2  sing N N 180 
LEU CG  HG   sing N N 181 
LEU CD1 HD11 sing N N 182 
LEU CD1 HD12 sing N N 183 
LEU CD1 HD13 sing N N 184 
LEU CD2 HD21 sing N N 185 
LEU CD2 HD22 sing N N 186 
LEU CD2 HD23 sing N N 187 
LEU OXT HXT  sing N N 188 
LYS N   CA   sing N N 189 
LYS N   H    sing N N 190 
LYS N   H2   sing N N 191 
LYS CA  C    sing N N 192 
LYS CA  CB   sing N N 193 
LYS CA  HA   sing N N 194 
LYS C   O    doub N N 195 
LYS C   OXT  sing N N 196 
LYS CB  CG   sing N N 197 
LYS CB  HB2  sing N N 198 
LYS CB  HB3  sing N N 199 
LYS CG  CD   sing N N 200 
LYS CG  HG2  sing N N 201 
LYS CG  HG3  sing N N 202 
LYS CD  CE   sing N N 203 
LYS CD  HD2  sing N N 204 
LYS CD  HD3  sing N N 205 
LYS CE  NZ   sing N N 206 
LYS CE  HE2  sing N N 207 
LYS CE  HE3  sing N N 208 
LYS NZ  HZ1  sing N N 209 
LYS NZ  HZ2  sing N N 210 
LYS NZ  HZ3  sing N N 211 
LYS OXT HXT  sing N N 212 
PHE N   CA   sing N N 213 
PHE N   H    sing N N 214 
PHE N   H2   sing N N 215 
PHE CA  C    sing N N 216 
PHE CA  CB   sing N N 217 
PHE CA  HA   sing N N 218 
PHE C   O    doub N N 219 
PHE C   OXT  sing N N 220 
PHE CB  CG   sing N N 221 
PHE CB  HB2  sing N N 222 
PHE CB  HB3  sing N N 223 
PHE CG  CD1  doub Y N 224 
PHE CG  CD2  sing Y N 225 
PHE CD1 CE1  sing Y N 226 
PHE CD1 HD1  sing N N 227 
PHE CD2 CE2  doub Y N 228 
PHE CD2 HD2  sing N N 229 
PHE CE1 CZ   doub Y N 230 
PHE CE1 HE1  sing N N 231 
PHE CE2 CZ   sing Y N 232 
PHE CE2 HE2  sing N N 233 
PHE CZ  HZ   sing N N 234 
PHE OXT HXT  sing N N 235 
PRO N   CA   sing N N 236 
PRO N   CD   sing N N 237 
PRO N   H    sing N N 238 
PRO CA  C    sing N N 239 
PRO CA  CB   sing N N 240 
PRO CA  HA   sing N N 241 
PRO C   O    doub N N 242 
PRO C   OXT  sing N N 243 
PRO CB  CG   sing N N 244 
PRO CB  HB2  sing N N 245 
PRO CB  HB3  sing N N 246 
PRO CG  CD   sing N N 247 
PRO CG  HG2  sing N N 248 
PRO CG  HG3  sing N N 249 
PRO CD  HD2  sing N N 250 
PRO CD  HD3  sing N N 251 
PRO OXT HXT  sing N N 252 
SER N   CA   sing N N 253 
SER N   H    sing N N 254 
SER N   H2   sing N N 255 
SER CA  C    sing N N 256 
SER CA  CB   sing N N 257 
SER CA  HA   sing N N 258 
SER C   O    doub N N 259 
SER C   OXT  sing N N 260 
SER CB  OG   sing N N 261 
SER CB  HB2  sing N N 262 
SER CB  HB3  sing N N 263 
SER OG  HG   sing N N 264 
SER OXT HXT  sing N N 265 
SO4 S   O1   doub N N 266 
SO4 S   O2   doub N N 267 
SO4 S   O3   sing N N 268 
SO4 S   O4   sing N N 269 
THR N   CA   sing N N 270 
THR N   H    sing N N 271 
THR N   H2   sing N N 272 
THR CA  C    sing N N 273 
THR CA  CB   sing N N 274 
THR CA  HA   sing N N 275 
THR C   O    doub N N 276 
THR C   OXT  sing N N 277 
THR CB  OG1  sing N N 278 
THR CB  CG2  sing N N 279 
THR CB  HB   sing N N 280 
THR OG1 HG1  sing N N 281 
THR CG2 HG21 sing N N 282 
THR CG2 HG22 sing N N 283 
THR CG2 HG23 sing N N 284 
THR OXT HXT  sing N N 285 
TYR N   CA   sing N N 286 
TYR N   H    sing N N 287 
TYR N   H2   sing N N 288 
TYR CA  C    sing N N 289 
TYR CA  CB   sing N N 290 
TYR CA  HA   sing N N 291 
TYR C   O    doub N N 292 
TYR C   OXT  sing N N 293 
TYR CB  CG   sing N N 294 
TYR CB  HB2  sing N N 295 
TYR CB  HB3  sing N N 296 
TYR CG  CD1  doub Y N 297 
TYR CG  CD2  sing Y N 298 
TYR CD1 CE1  sing Y N 299 
TYR CD1 HD1  sing N N 300 
TYR CD2 CE2  doub Y N 301 
TYR CD2 HD2  sing N N 302 
TYR CE1 CZ   doub Y N 303 
TYR CE1 HE1  sing N N 304 
TYR CE2 CZ   sing Y N 305 
TYR CE2 HE2  sing N N 306 
TYR CZ  OH   sing N N 307 
TYR OH  HH   sing N N 308 
TYR OXT HXT  sing N N 309 
VAL N   CA   sing N N 310 
VAL N   H    sing N N 311 
VAL N   H2   sing N N 312 
VAL CA  C    sing N N 313 
VAL CA  CB   sing N N 314 
VAL CA  HA   sing N N 315 
VAL C   O    doub N N 316 
VAL C   OXT  sing N N 317 
VAL CB  CG1  sing N N 318 
VAL CB  CG2  sing N N 319 
VAL CB  HB   sing N N 320 
VAL CG1 HG11 sing N N 321 
VAL CG1 HG12 sing N N 322 
VAL CG1 HG13 sing N N 323 
VAL CG2 HG21 sing N N 324 
VAL CG2 HG22 sing N N 325 
VAL CG2 HG23 sing N N 326 
VAL OXT HXT  sing N N 327 
# 
_pdbx_initial_refinement_model.id               1 
_pdbx_initial_refinement_model.entity_id_list   ? 
_pdbx_initial_refinement_model.type             'experimental model' 
_pdbx_initial_refinement_model.source_name      PDB 
_pdbx_initial_refinement_model.accession_code   1IJV 
_pdbx_initial_refinement_model.details          'PDB ENTRY 1IJV' 
# 
_atom_sites.entry_id                    2NLQ 
_atom_sites.fract_transf_matrix[1][1]   -0.00058705 
_atom_sites.fract_transf_matrix[1][2]   -0.00442163 
_atom_sites.fract_transf_matrix[1][3]   0.01020797 
_atom_sites.fract_transf_matrix[2][1]   0.03594925 
_atom_sites.fract_transf_matrix[2][2]   0.00203115 
_atom_sites.fract_transf_matrix[2][3]   0.00294722 
_atom_sites.fract_transf_matrix[3][1]   -0.00183340 
_atom_sites.fract_transf_matrix[3][2]   0.01276273 
_atom_sites.fract_transf_matrix[3][3]   0.01356751 
_atom_sites.fract_transf_vector[1]      0.735073 
_atom_sites.fract_transf_vector[2]      0.317960 
_atom_sites.fract_transf_vector[3]      0.461429 
# 
loop_
_atom_type.symbol 
C 
N 
O 
S 
# 
loop_
_atom_site.group_PDB 
_atom_site.id 
_atom_site.type_symbol 
_atom_site.label_atom_id 
_atom_site.label_alt_id 
_atom_site.label_comp_id 
_atom_site.label_asym_id 
_atom_site.label_entity_id 
_atom_site.label_seq_id 
_atom_site.pdbx_PDB_ins_code 
_atom_site.Cartn_x 
_atom_site.Cartn_y 
_atom_site.Cartn_z 
_atom_site.occupancy 
_atom_site.B_iso_or_equiv 
_atom_site.pdbx_formal_charge 
_atom_site.auth_seq_id 
_atom_site.auth_comp_id 
_atom_site.auth_asym_id 
_atom_site.auth_atom_id 
_atom_site.pdbx_PDB_model_num 
ATOM   1    N N   . ASP A 1 1  ? -8.381  16.323  -23.198 1.00 18.47 ? 1   ASP A N   1 
ATOM   2    C CA  . ASP A 1 1  ? -8.994  15.749  -24.433 1.00 17.36 ? 1   ASP A CA  1 
ATOM   3    C C   . ASP A 1 1  ? -8.184  14.575  -25.038 1.00 16.48 ? 1   ASP A C   1 
ATOM   4    O O   . ASP A 1 1  ? -7.103  14.290  -24.583 1.00 16.69 ? 1   ASP A O   1 
ATOM   5    C CB  . ASP A 1 1  ? -9.246  16.875  -25.485 1.00 19.07 ? 1   ASP A CB  1 
ATOM   6    C CG  . ASP A 1 1  ? -7.983  17.427  -26.112 1.00 20.37 ? 1   ASP A CG  1 
ATOM   7    O OD1 . ASP A 1 1  ? -6.859  17.068  -25.741 1.00 21.08 ? 1   ASP A OD1 1 
ATOM   8    O OD2 . ASP A 1 1  ? -8.133  18.267  -27.036 1.00 25.89 ? 1   ASP A OD2 1 
ATOM   9    N N   . HIS A 1 2  ? -8.715  13.923  -26.078 1.00 17.42 ? 2   HIS A N   1 
ATOM   10   C CA  . HIS A 1 2  ? -8.037  12.772  -26.726 1.00 17.06 ? 2   HIS A CA  1 
ATOM   11   C C   . HIS A 1 2  ? -6.596  13.136  -27.172 1.00 15.42 ? 2   HIS A C   1 
ATOM   12   O O   . HIS A 1 2  ? -5.621  12.429  -26.864 1.00 13.91 ? 2   HIS A O   1 
ATOM   13   C CB  . HIS A 1 2  ? -8.896  12.254  -27.896 1.00 17.05 ? 2   HIS A CB  1 
ATOM   14   C CG  . HIS A 1 2  ? -8.218  11.218  -28.739 1.00 20.12 ? 2   HIS A CG  1 
ATOM   15   N ND1 . HIS A 1 2  ? -7.597  11.520  -29.937 1.00 20.78 ? 2   HIS A ND1 1 
ATOM   16   C CD2 . HIS A 1 2  ? -8.033  9.885   -28.539 1.00 19.23 ? 2   HIS A CD2 1 
ATOM   17   C CE1 . HIS A 1 2  ? -7.093  10.409  -30.454 1.00 20.91 ? 2   HIS A CE1 1 
ATOM   18   N NE2 . HIS A 1 2  ? -7.337  9.405   -29.621 1.00 20.35 ? 2   HIS A NE2 1 
ATOM   19   N N   . TYR A 1 3  ? -6.451  14.263  -27.861 1.00 16.28 ? 3   TYR A N   1 
ATOM   20   C CA  . TYR A 1 3  ? -5.152  14.680  -28.369 1.00 16.24 ? 3   TYR A CA  1 
ATOM   21   C C   . TYR A 1 3  ? -4.108  14.786  -27.269 1.00 16.12 ? 3   TYR A C   1 
ATOM   22   O O   . TYR A 1 3  ? -3.018  14.185  -27.372 1.00 15.74 ? 3   TYR A O   1 
ATOM   23   C CB  . TYR A 1 3  ? -5.254  16.019  -29.122 1.00 17.70 ? 3   TYR A CB  1 
ATOM   24   C CG  . TYR A 1 3  ? -3.958  16.412  -29.791 1.00 18.80 ? 3   TYR A CG  1 
ATOM   25   C CD1 . TYR A 1 3  ? -3.667  16.038  -31.124 1.00 22.07 ? 3   TYR A CD1 1 
ATOM   26   C CD2 . TYR A 1 3  ? -3.024  17.184  -29.099 1.00 18.99 ? 3   TYR A CD2 1 
ATOM   27   C CE1 . TYR A 1 3  ? -2.440  16.422  -31.730 1.00 21.31 ? 3   TYR A CE1 1 
ATOM   28   C CE2 . TYR A 1 3  ? -1.832  17.552  -29.674 1.00 21.73 ? 3   TYR A CE2 1 
ATOM   29   C CZ  . TYR A 1 3  ? -1.539  17.169  -30.972 1.00 22.03 ? 3   TYR A CZ  1 
ATOM   30   O OH  . TYR A 1 3  ? -0.339  17.617  -31.463 1.00 21.89 ? 3   TYR A OH  1 
ATOM   31   N N   . ASN A 1 4  ? -4.421  15.551  -26.225 1.00 16.37 ? 4   ASN A N   1 
ATOM   32   C CA  . ASN A 1 4  ? -3.473  15.728  -25.113 1.00 18.04 ? 4   ASN A CA  1 
ATOM   33   C C   . ASN A 1 4  ? -3.275  14.434  -24.328 1.00 15.71 ? 4   ASN A C   1 
ATOM   34   O O   . ASN A 1 4  ? -2.166  14.135  -23.909 1.00 15.98 ? 4   ASN A O   1 
ATOM   35   C CB  . ASN A 1 4  ? -3.906  16.880  -24.183 1.00 18.85 ? 4   ASN A CB  1 
ATOM   36   C CG  . ASN A 1 4  ? -3.671  18.266  -24.830 1.00 23.32 ? 4   ASN A CG  1 
ATOM   37   O OD1 . ASN A 1 4  ? -2.727  18.453  -25.608 1.00 26.93 ? 4   ASN A OD1 1 
ATOM   38   N ND2 . ASN A 1 4  ? -4.558  19.214  -24.544 1.00 26.92 ? 4   ASN A ND2 1 
ATOM   39   N N   . CYS A 1 5  ? -4.343  13.664  -24.182 1.00 16.07 ? 5   CYS A N   1 
ATOM   40   C CA  . CYS A 1 5  ? -4.271  12.381  -23.436 1.00 16.52 ? 5   CYS A CA  1 
ATOM   41   C C   . CYS A 1 5  ? -3.269  11.445  -24.107 1.00 16.69 ? 5   CYS A C   1 
ATOM   42   O O   . CYS A 1 5  ? -2.289  10.978  -23.502 1.00 18.21 ? 5   CYS A O   1 
ATOM   43   C CB  . CYS A 1 5  ? -5.660  11.726  -23.408 1.00 16.28 ? 5   CYS A CB  1 
ATOM   44   S SG  . CYS A 1 5  ? -5.683  10.179  -22.485 1.00 17.25 ? 5   CYS A SG  1 
ATOM   45   N N   . VAL A 1 6  ? -3.514  11.181  -25.386 1.00 17.42 ? 6   VAL A N   1 
ATOM   46   C CA  . VAL A 1 6  ? -2.636  10.314  -26.159 1.00 18.00 ? 6   VAL A CA  1 
ATOM   47   C C   . VAL A 1 6  ? -1.204  10.876  -26.351 1.00 19.50 ? 6   VAL A C   1 
ATOM   48   O O   . VAL A 1 6  ? -0.197  10.137  -26.172 1.00 18.12 ? 6   VAL A O   1 
ATOM   49   C CB  . VAL A 1 6  ? -3.292  9.898   -27.494 1.00 17.90 ? 6   VAL A CB  1 
ATOM   50   C CG1 . VAL A 1 6  ? -2.261  9.112   -28.383 1.00 18.18 ? 6   VAL A CG1 1 
ATOM   51   C CG2 . VAL A 1 6  ? -4.489  9.061   -27.220 1.00 16.64 ? 6   VAL A CG2 1 
ATOM   52   N N   . SER A 1 7  ? -1.082  12.158  -26.692 1.00 20.28 ? 7   SER A N   1 
ATOM   53   C CA  . SER A 1 7  ? 0.263   12.714  -26.873 1.00 23.89 ? 7   SER A CA  1 
ATOM   54   C C   . SER A 1 7  ? 1.105   12.673  -25.587 1.00 25.28 ? 7   SER A C   1 
ATOM   55   O O   . SER A 1 7  ? 2.329   12.463  -25.651 1.00 25.76 ? 7   SER A O   1 
ATOM   56   C CB  . SER A 1 7  ? 0.244   14.111  -27.533 1.00 24.25 ? 7   SER A CB  1 
ATOM   57   O OG  . SER A 1 7  ? -0.482  15.045  -26.763 1.00 28.61 ? 7   SER A OG  1 
ATOM   58   N N   . SER A 1 8  ? 0.439   12.767  -24.429 1.00 25.74 ? 8   SER A N   1 
ATOM   59   C CA  . SER A 1 8  ? 1.128   12.817  -23.128 1.00 27.08 ? 8   SER A CA  1 
ATOM   60   C C   . SER A 1 8  ? 1.316   11.443  -22.458 1.00 27.26 ? 8   SER A C   1 
ATOM   61   O O   . SER A 1 8  ? 1.658   11.360  -21.261 1.00 27.98 ? 8   SER A O   1 
ATOM   62   C CB  . SER A 1 8  ? 0.384   13.756  -22.183 1.00 27.13 ? 8   SER A CB  1 
ATOM   63   O OG  . SER A 1 8  ? -0.622  13.020  -21.508 1.00 30.48 ? 8   SER A OG  1 
ATOM   64   N N   . GLY A 1 9  ? 1.092   10.366  -23.210 1.00 25.95 ? 9   GLY A N   1 
ATOM   65   C CA  . GLY A 1 9  ? 1.280   9.007   -22.694 1.00 25.42 ? 9   GLY A CA  1 
ATOM   66   C C   . GLY A 1 9  ? 0.095   8.293   -22.052 1.00 25.41 ? 9   GLY A C   1 
ATOM   67   O O   . GLY A 1 9  ? 0.281   7.253   -21.404 1.00 26.96 ? 9   GLY A O   1 
ATOM   68   N N   . GLY A 1 10 ? -1.116  8.805   -22.228 1.00 23.41 ? 10  GLY A N   1 
ATOM   69   C CA  . GLY A 1 10 ? -2.315  8.162   -21.671 1.00 22.00 ? 10  GLY A CA  1 
ATOM   70   C C   . GLY A 1 10 ? -3.167  7.383   -22.663 1.00 21.19 ? 10  GLY A C   1 
ATOM   71   O O   . GLY A 1 10 ? -2.853  7.308   -23.863 1.00 20.19 ? 10  GLY A O   1 
ATOM   72   N N   . GLN A 1 11 ? -4.255  6.807   -22.165 1.00 20.93 ? 11  GLN A N   1 
ATOM   73   C CA  . GLN A 1 11 ? -5.299  6.258   -23.038 1.00 19.82 ? 11  GLN A CA  1 
ATOM   74   C C   . GLN A 1 11 ? -6.690  6.625   -22.565 1.00 18.29 ? 11  GLN A C   1 
ATOM   75   O O   . GLN A 1 11 ? -6.936  6.800   -21.348 1.00 18.73 ? 11  GLN A O   1 
ATOM   76   C CB  . GLN A 1 11 ? -5.190  4.747   -23.190 1.00 21.58 ? 11  GLN A CB  1 
ATOM   77   C CG  . GLN A 1 11 ? -5.538  4.006   -21.935 1.00 22.05 ? 11  GLN A CG  1 
ATOM   78   C CD  . GLN A 1 11 ? -5.629  2.521   -22.166 1.00 27.37 ? 11  GLN A CD  1 
ATOM   79   O OE1 . GLN A 1 11 ? -6.286  2.059   -23.098 1.00 29.27 ? 11  GLN A OE1 1 
ATOM   80   N NE2 . GLN A 1 11 ? -4.970  1.756   -21.309 1.00 24.94 ? 11  GLN A NE2 1 
ATOM   81   N N   . CYS A 1 12 ? -7.594  6.724   -23.539 1.00 17.37 ? 12  CYS A N   1 
ATOM   82   C CA  . CYS A 1 12 ? -8.977  7.119   -23.315 1.00 15.69 ? 12  CYS A CA  1 
ATOM   83   C C   . CYS A 1 12 ? -9.785  5.848   -23.055 1.00 16.59 ? 12  CYS A C   1 
ATOM   84   O O   . CYS A 1 12 ? -9.760  4.946   -23.899 1.00 15.43 ? 12  CYS A O   1 
ATOM   85   C CB  . CYS A 1 12 ? -9.511  7.874   -24.546 1.00 16.07 ? 12  CYS A CB  1 
ATOM   86   S SG  . CYS A 1 12 ? -8.601  9.400   -24.904 1.00 18.35 ? 12  CYS A SG  1 
ATOM   87   N N   . LEU A 1 13 ? -10.415 5.750   -21.879 1.00 15.68 ? 13  LEU A N   1 
ATOM   88   C CA  . LEU A 1 13 ? -11.328 4.642   -21.553 1.00 17.25 ? 13  LEU A CA  1 
ATOM   89   C C   . LEU A 1 13 ? -12.580 5.209   -20.900 1.00 18.10 ? 13  LEU A C   1 
ATOM   90   O O   . LEU A 1 13 ? -12.482 6.129   -20.097 1.00 17.14 ? 13  LEU A O   1 
ATOM   91   C CB  . LEU A 1 13 ? -10.660 3.666   -20.602 1.00 16.40 ? 13  LEU A CB  1 
ATOM   92   C CG  . LEU A 1 13 ? -9.438  2.854   -21.066 1.00 18.27 ? 13  LEU A CG  1 
ATOM   93   C CD1 . LEU A 1 13 ? -8.825  2.201   -19.823 1.00 20.62 ? 13  LEU A CD1 1 
ATOM   94   C CD2 . LEU A 1 13 ? -9.769  1.814   -22.125 1.00 19.20 ? 13  LEU A CD2 1 
ATOM   95   N N   . TYR A 1 14 ? -13.744 4.633   -21.215 1.00 19.16 ? 14  TYR A N   1 
ATOM   96   C CA  . TYR A 1 14 ? -15.022 5.179   -20.758 1.00 21.51 ? 14  TYR A CA  1 
ATOM   97   C C   . TYR A 1 14 ? -15.364 4.869   -19.286 1.00 22.51 ? 14  TYR A C   1 
ATOM   98   O O   . TYR A 1 14 ? -16.062 5.645   -18.622 1.00 23.79 ? 14  TYR A O   1 
ATOM   99   C CB  . TYR A 1 14 ? -16.157 4.683   -21.651 1.00 20.67 ? 14  TYR A CB  1 
ATOM   100  C CG  . TYR A 1 14 ? -16.342 5.460   -22.952 1.00 22.49 ? 14  TYR A CG  1 
ATOM   101  C CD1 . TYR A 1 14 ? -15.611 5.138   -24.106 1.00 20.72 ? 14  TYR A CD1 1 
ATOM   102  C CD2 . TYR A 1 14 ? -17.275 6.507   -23.033 1.00 22.78 ? 14  TYR A CD2 1 
ATOM   103  C CE1 . TYR A 1 14 ? -15.775 5.869   -25.308 1.00 20.09 ? 14  TYR A CE1 1 
ATOM   104  C CE2 . TYR A 1 14 ? -17.462 7.227   -24.244 1.00 22.63 ? 14  TYR A CE2 1 
ATOM   105  C CZ  . TYR A 1 14 ? -16.698 6.903   -25.362 1.00 22.26 ? 14  TYR A CZ  1 
ATOM   106  O OH  . TYR A 1 14 ? -16.871 7.607   -26.543 1.00 23.38 ? 14  TYR A OH  1 
ATOM   107  N N   . SER A 1 15 ? -14.896 3.726   -18.793 1.00 23.38 ? 15  SER A N   1 
ATOM   108  C CA  . SER A 1 15 ? -15.303 3.270   -17.469 1.00 24.50 ? 15  SER A CA  1 
ATOM   109  C C   . SER A 1 15 ? -14.098 3.261   -16.510 1.00 24.03 ? 15  SER A C   1 
ATOM   110  O O   . SER A 1 15 ? -13.664 4.299   -16.080 1.00 25.53 ? 15  SER A O   1 
ATOM   111  C CB  . SER A 1 15 ? -16.000 1.914   -17.585 1.00 24.41 ? 15  SER A CB  1 
ATOM   112  O OG  . SER A 1 15 ? -16.702 1.614   -16.400 1.00 29.51 ? 15  SER A OG  1 
ATOM   113  N N   . ALA A 1 16 ? -13.518 2.112   -16.209 1.00 23.88 ? 16  ALA A N   1 
ATOM   114  C CA  . ALA A 1 16 ? -12.447 2.070   -15.205 1.00 23.13 ? 16  ALA A CA  1 
ATOM   115  C C   . ALA A 1 16 ? -11.043 2.242   -15.802 1.00 22.20 ? 16  ALA A C   1 
ATOM   116  O O   . ALA A 1 16 ? -10.763 1.697   -16.886 1.00 22.25 ? 16  ALA A O   1 
ATOM   117  C CB  . ALA A 1 16 ? -12.546 0.752   -14.423 1.00 22.81 ? 16  ALA A CB  1 
ATOM   118  N N   . CYS A 1 17 ? -10.167 2.986   -15.108 1.00 21.49 ? 17  CYS A N   1 
ATOM   119  C CA  . CYS A 1 17 ? -8.732  2.985   -15.441 1.00 21.17 ? 17  CYS A CA  1 
ATOM   120  C C   . CYS A 1 17 ? -8.093  1.711   -14.872 1.00 21.49 ? 17  CYS A C   1 
ATOM   121  O O   . CYS A 1 17 ? -8.387  1.353   -13.723 1.00 21.38 ? 17  CYS A O   1 
ATOM   122  C CB  . CYS A 1 17 ? -8.012  4.222   -14.904 1.00 21.19 ? 17  CYS A CB  1 
ATOM   123  S SG  . CYS A 1 17 ? -8.472  5.756   -15.730 1.00 20.91 ? 17  CYS A SG  1 
ATOM   124  N N   . PRO A 1 18 ? -7.243  1.017   -15.664 1.00 20.34 ? 18  PRO A N   1 
ATOM   125  C CA  . PRO A 1 18 ? -6.673  -0.248  -15.150 1.00 19.80 ? 18  PRO A CA  1 
ATOM   126  C C   . PRO A 1 18 ? -5.694  0.007   -13.997 1.00 19.57 ? 18  PRO A C   1 
ATOM   127  O O   . PRO A 1 18 ? -5.188  1.139   -13.819 1.00 17.83 ? 18  PRO A O   1 
ATOM   128  C CB  . PRO A 1 18 ? -5.986  -0.854  -16.378 1.00 20.53 ? 18  PRO A CB  1 
ATOM   129  C CG  . PRO A 1 18 ? -5.611  0.369   -17.225 1.00 20.41 ? 18  PRO A CG  1 
ATOM   130  C CD  . PRO A 1 18 ? -6.756  1.330   -17.023 1.00 20.49 ? 18  PRO A CD  1 
ATOM   131  N N   . ILE A 1 19 ? -5.476  -1.027  -13.179 1.00 18.67 ? 19  ILE A N   1 
ATOM   132  C CA  . ILE A 1 19 ? -4.499  -0.964  -12.103 1.00 16.78 ? 19  ILE A CA  1 
ATOM   133  C C   . ILE A 1 19 ? -3.129  -0.347  -12.519 1.00 16.28 ? 19  ILE A C   1 
ATOM   134  O O   . ILE A 1 19 ? -2.576  -0.646  -13.589 1.00 16.94 ? 19  ILE A O   1 
ATOM   135  C CB  . ILE A 1 19 ? -4.296  -2.381  -11.471 1.00 17.27 ? 19  ILE A CB  1 
ATOM   136  C CG1 . ILE A 1 19 ? -3.621  -2.235  -10.096 1.00 15.32 ? 19  ILE A CG1 1 
ATOM   137  C CG2 . ILE A 1 19 ? -3.579  -3.336  -12.450 1.00 15.88 ? 19  ILE A CG2 1 
ATOM   138  C CD1 . ILE A 1 19 ? -3.519  -3.610  -9.299  1.00 19.18 ? 19  ILE A CD1 1 
ATOM   139  N N   . PHE A 1 20 ? -2.604  0.510   -11.664 1.00 14.95 ? 20  PHE A N   1 
ATOM   140  C CA  . PHE A 1 20 ? -1.346  1.241   -11.873 1.00 16.32 ? 20  PHE A CA  1 
ATOM   141  C C   . PHE A 1 20 ? -1.480  2.359   -12.879 1.00 17.49 ? 20  PHE A C   1 
ATOM   142  O O   . PHE A 1 20 ? -0.478  2.902   -13.322 1.00 18.24 ? 20  PHE A O   1 
ATOM   143  C CB  . PHE A 1 20 ? -0.104  0.351   -12.134 1.00 15.82 ? 20  PHE A CB  1 
ATOM   144  C CG  . PHE A 1 20 ? 0.005   -0.766  -11.157 1.00 14.27 ? 20  PHE A CG  1 
ATOM   145  C CD1 . PHE A 1 20 ? -0.130  -2.073  -11.584 1.00 17.23 ? 20  PHE A CD1 1 
ATOM   146  C CD2 . PHE A 1 20 ? 0.182   -0.491  -9.798  1.00 12.73 ? 20  PHE A CD2 1 
ATOM   147  C CE1 . PHE A 1 20 ? -0.062  -3.148  -10.671 1.00 15.71 ? 20  PHE A CE1 1 
ATOM   148  C CE2 . PHE A 1 20 ? 0.234   -1.548  -8.882  1.00 14.38 ? 20  PHE A CE2 1 
ATOM   149  C CZ  . PHE A 1 20 ? 0.117   -2.845  -9.304  1.00 15.11 ? 20  PHE A CZ  1 
ATOM   150  N N   . THR A 1 21 ? -2.721  2.729   -13.171 1.00 18.96 ? 21  THR A N   1 
ATOM   151  C CA  . THR A 1 21 ? -2.976  4.032   -13.816 1.00 20.82 ? 21  THR A CA  1 
ATOM   152  C C   . THR A 1 21 ? -4.017  4.807   -13.024 1.00 21.87 ? 21  THR A C   1 
ATOM   153  O O   . THR A 1 21 ? -4.652  4.252   -12.124 1.00 22.47 ? 21  THR A O   1 
ATOM   154  C CB  . THR A 1 21 ? -3.460  3.907   -15.241 1.00 20.01 ? 21  THR A CB  1 
ATOM   155  O OG1 . THR A 1 21 ? -4.776  3.365   -15.255 1.00 22.58 ? 21  THR A OG1 1 
ATOM   156  C CG2 . THR A 1 21 ? -2.535  3.016   -16.050 1.00 21.06 ? 21  THR A CG2 1 
ATOM   157  N N   . LYS A 1 22 ? -4.163  6.096   -13.340 1.00 22.90 ? 22  LYS A N   1 
ATOM   158  C CA  . LYS A 1 22 ? -5.182  6.920   -12.684 1.00 23.58 ? 22  LYS A CA  1 
ATOM   159  C C   . LYS A 1 22 ? -5.819  7.897   -13.653 1.00 23.49 ? 22  LYS A C   1 
ATOM   160  O O   . LYS A 1 22 ? -5.282  8.167   -14.731 1.00 22.49 ? 22  LYS A O   1 
ATOM   161  C CB  . LYS A 1 22 ? -4.593  7.654   -11.485 1.00 24.32 ? 22  LYS A CB  1 
ATOM   162  C CG  . LYS A 1 22 ? -3.517  8.639   -11.806 1.00 25.89 ? 22  LYS A CG  1 
ATOM   163  C CD  . LYS A 1 22 ? -2.993  9.269   -10.493 1.00 33.42 ? 22  LYS A CD  1 
ATOM   164  C CE  . LYS A 1 22 ? -3.516  10.707  -10.264 1.00 37.28 ? 22  LYS A CE  1 
ATOM   165  N NZ  . LYS A 1 22 ? -4.995  10.949  -10.445 1.00 38.84 ? 22  LYS A NZ  1 
ATOM   166  N N   . ILE A 1 23 ? -6.977  8.408   -13.253 1.00 23.27 ? 23  ILE A N   1 
ATOM   167  C CA  . ILE A 1 23 ? -7.689  9.395   -14.045 1.00 23.75 ? 23  ILE A CA  1 
ATOM   168  C C   . ILE A 1 23 ? -6.877  10.684  -14.055 1.00 24.04 ? 23  ILE A C   1 
ATOM   169  O O   . ILE A 1 23 ? -6.576  11.255  -12.998 1.00 22.91 ? 23  ILE A O   1 
ATOM   170  C CB  . ILE A 1 23 ? -9.157  9.602   -13.549 1.00 24.58 ? 23  ILE A CB  1 
ATOM   171  C CG1 . ILE A 1 23 ? -9.881  8.242   -13.490 1.00 25.43 ? 23  ILE A CG1 1 
ATOM   172  C CG2 . ILE A 1 23 ? -9.903  10.559  -14.475 1.00 25.31 ? 23  ILE A CG2 1 
ATOM   173  C CD1 . ILE A 1 23 ? -10.961 8.105   -12.374 1.00 25.79 ? 23  ILE A CD1 1 
ATOM   174  N N   . GLN A 1 24 ? -6.468  11.094  -15.250 1.00 23.96 ? 24  GLN A N   1 
ATOM   175  C CA  . GLN A 1 24 ? -5.820  12.402  -15.452 1.00 25.88 ? 24  GLN A CA  1 
ATOM   176  C C   . GLN A 1 24 ? -6.411  13.069  -16.688 1.00 24.98 ? 24  GLN A C   1 
ATOM   177  O O   . GLN A 1 24 ? -5.823  13.029  -17.771 1.00 26.05 ? 24  GLN A O   1 
ATOM   178  C CB  . GLN A 1 24 ? -4.321  12.265  -15.593 1.00 26.01 ? 24  GLN A CB  1 
ATOM   179  C CG  . GLN A 1 24 ? -3.657  11.731  -14.325 1.00 32.25 ? 24  GLN A CG  1 
ATOM   180  C CD  . GLN A 1 24 ? -2.151  11.699  -14.412 1.00 36.73 ? 24  GLN A CD  1 
ATOM   181  O OE1 . GLN A 1 24 ? -1.532  10.649  -14.182 1.00 41.90 ? 24  GLN A OE1 1 
ATOM   182  N NE2 . GLN A 1 24 ? -1.541  12.843  -14.751 1.00 39.54 ? 24  GLN A NE2 1 
ATOM   183  N N   . GLY A 1 25 ? -7.601  13.626  -16.513 1.00 23.56 ? 25  GLY A N   1 
ATOM   184  C CA  . GLY A 1 25 ? -8.235  14.370  -17.586 1.00 22.79 ? 25  GLY A CA  1 
ATOM   185  C C   . GLY A 1 25 ? -9.279  13.505  -18.236 1.00 21.22 ? 25  GLY A C   1 
ATOM   186  O O   . GLY A 1 25 ? -9.643  12.456  -17.708 1.00 21.35 ? 25  GLY A O   1 
ATOM   187  N N   . THR A 1 26 ? -9.754  13.948  -19.398 1.00 20.01 ? 26  THR A N   1 
ATOM   188  C CA  . THR A 1 26 ? -10.889 13.323  -20.030 1.00 18.88 ? 26  THR A CA  1 
ATOM   189  C C   . THR A 1 26 ? -10.636 13.267  -21.533 1.00 17.27 ? 26  THR A C   1 
ATOM   190  O O   . THR A 1 26 ? -9.659  13.859  -22.039 1.00 17.02 ? 26  THR A O   1 
ATOM   191  C CB  . THR A 1 26 ? -12.228 14.108  -19.823 1.00 19.25 ? 26  THR A CB  1 
ATOM   192  O OG1 . THR A 1 26 ? -12.122 15.430  -20.410 1.00 21.93 ? 26  THR A OG1 1 
ATOM   193  C CG2 . THR A 1 26 ? -12.679 14.156  -18.347 1.00 20.40 ? 26  THR A CG2 1 
ATOM   194  N N   . CYS A 1 27 ? -11.528 12.550  -22.212 1.00 16.94 ? 27  CYS A N   1 
ATOM   195  C CA  . CYS A 1 27 ? -11.553 12.431  -23.669 1.00 16.77 ? 27  CYS A CA  1 
ATOM   196  C C   . CYS A 1 27 ? -12.979 12.349  -24.161 1.00 17.06 ? 27  CYS A C   1 
ATOM   197  O O   . CYS A 1 27 ? -13.905 11.940  -23.399 1.00 17.17 ? 27  CYS A O   1 
ATOM   198  C CB  . CYS A 1 27 ? -10.876 11.132  -24.126 1.00 16.10 ? 27  CYS A CB  1 
ATOM   199  S SG  . CYS A 1 27 ? -9.264  10.714  -23.527 1.00 15.84 ? 27  CYS A SG  1 
ATOM   200  N N   . TYR A 1 28 ? -13.160 12.704  -25.449 1.00 16.55 ? 28  TYR A N   1 
ATOM   201  C CA  . TYR A 1 28 ? -14.410 12.452  -26.154 1.00 17.55 ? 28  TYR A CA  1 
ATOM   202  C C   . TYR A 1 28 ? -15.489 13.341  -25.539 1.00 18.46 ? 28  TYR A C   1 
ATOM   203  O O   . TYR A 1 28 ? -16.514 12.862  -25.053 1.00 18.56 ? 28  TYR A O   1 
ATOM   204  C CB  . TYR A 1 28 ? -14.753 10.951  -26.102 1.00 17.32 ? 28  TYR A CB  1 
ATOM   205  C CG  . TYR A 1 28 ? -13.614 10.053  -26.622 1.00 14.57 ? 28  TYR A CG  1 
ATOM   206  C CD1 . TYR A 1 28 ? -13.438 8.761   -26.113 1.00 18.20 ? 28  TYR A CD1 1 
ATOM   207  C CD2 . TYR A 1 28 ? -12.733 10.505  -27.619 1.00 17.78 ? 28  TYR A CD2 1 
ATOM   208  C CE1 . TYR A 1 28 ? -12.403 7.934   -26.582 1.00 15.86 ? 28  TYR A CE1 1 
ATOM   209  C CE2 . TYR A 1 28 ? -11.712 9.692   -28.118 1.00 15.84 ? 28  TYR A CE2 1 
ATOM   210  C CZ  . TYR A 1 28 ? -11.555 8.400   -27.578 1.00 20.30 ? 28  TYR A CZ  1 
ATOM   211  O OH  . TYR A 1 28 ? -10.537 7.579   -28.015 1.00 19.57 ? 28  TYR A OH  1 
ATOM   212  N N   . ARG A 1 29 ? -15.232 14.652  -25.554 1.00 18.60 ? 29  ARG A N   1 
ATOM   213  C CA  . ARG A 1 29 ? -16.238 15.630  -25.084 1.00 18.57 ? 29  ARG A CA  1 
ATOM   214  C C   . ARG A 1 29 ? -16.574 15.319  -23.634 1.00 18.75 ? 29  ARG A C   1 
ATOM   215  O O   . ARG A 1 29 ? -17.716 15.408  -23.214 1.00 18.97 ? 29  ARG A O   1 
ATOM   216  C CB  . ARG A 1 29 ? -17.493 15.568  -25.932 1.00 19.23 ? 29  ARG A CB  1 
ATOM   217  C CG  . ARG A 1 29 ? -17.237 15.892  -27.380 1.00 18.44 ? 29  ARG A CG  1 
ATOM   218  C CD  . ARG A 1 29 ? -16.407 17.177  -27.552 1.00 19.93 ? 29  ARG A CD  1 
ATOM   219  N NE  . ARG A 1 29 ? -16.555 17.624  -28.940 1.00 22.59 ? 29  ARG A NE  1 
ATOM   220  C CZ  . ARG A 1 29 ? -15.553 17.670  -29.819 1.00 23.14 ? 29  ARG A CZ  1 
ATOM   221  N NH1 . ARG A 1 29 ? -14.314 17.363  -29.451 1.00 19.37 ? 29  ARG A NH1 1 
ATOM   222  N NH2 . ARG A 1 29 ? -15.792 18.061  -31.069 1.00 26.00 ? 29  ARG A NH2 1 
ATOM   223  N N   . GLY A 1 30 ? -15.555 14.908  -22.890 1.00 20.47 ? 30  GLY A N   1 
ATOM   224  C CA  . GLY A 1 30 ? -15.688 14.589  -21.450 1.00 20.86 ? 30  GLY A CA  1 
ATOM   225  C C   . GLY A 1 30 ? -16.359 13.270  -21.063 1.00 21.49 ? 30  GLY A C   1 
ATOM   226  O O   . GLY A 1 30 ? -16.564 13.021  -19.853 1.00 21.15 ? 30  GLY A O   1 
ATOM   227  N N   . ALA A 1 31 ? -16.724 12.424  -22.032 1.00 22.03 ? 31  ALA A N   1 
ATOM   228  C CA  . ALA A 1 31 ? -17.474 11.189  -21.736 1.00 21.87 ? 31  ALA A CA  1 
ATOM   229  C C   . ALA A 1 31 ? -16.587 10.024  -21.272 1.00 21.74 ? 31  ALA A C   1 
ATOM   230  O O   . ALA A 1 31 ? -17.070 9.067   -20.680 1.00 22.75 ? 31  ALA A O   1 
ATOM   231  C CB  . ALA A 1 31 ? -18.340 10.753  -22.931 1.00 23.01 ? 31  ALA A CB  1 
ATOM   232  N N   . ALA A 1 32 ? -15.296 10.127  -21.542 1.00 20.75 ? 32  ALA A N   1 
ATOM   233  C CA  . ALA A 1 32 ? -14.305 9.113   -21.181 1.00 20.30 ? 32  ALA A CA  1 
ATOM   234  C C   . ALA A 1 32 ? -13.202 9.755   -20.342 1.00 19.58 ? 32  ALA A C   1 
ATOM   235  O O   . ALA A 1 32 ? -13.052 11.011  -20.295 1.00 20.37 ? 32  ALA A O   1 
ATOM   236  C CB  . ALA A 1 32 ? -13.728 8.453   -22.463 1.00 19.31 ? 32  ALA A CB  1 
ATOM   237  N N   . LYS A 1 33 ? -12.467 8.905   -19.641 1.00 18.44 ? 33  LYS A N   1 
ATOM   238  C CA  . LYS A 1 33 ? -11.366 9.302   -18.783 1.00 18.92 ? 33  LYS A CA  1 
ATOM   239  C C   . LYS A 1 33 ? -10.084 9.108   -19.583 1.00 17.35 ? 33  LYS A C   1 
ATOM   240  O O   . LYS A 1 33 ? -9.998  8.199   -20.412 1.00 17.03 ? 33  LYS A O   1 
ATOM   241  C CB  . LYS A 1 33 ? -11.286 8.391   -17.539 1.00 18.74 ? 33  LYS A CB  1 
ATOM   242  C CG  . LYS A 1 33 ? -12.645 7.924   -17.029 1.00 20.62 ? 33  LYS A CG  1 
ATOM   243  C CD  . LYS A 1 33 ? -12.541 7.282   -15.656 1.00 22.66 ? 33  LYS A CD  1 
ATOM   244  C CE  . LYS A 1 33 ? -13.875 7.383   -14.888 1.00 25.68 ? 33  LYS A CE  1 
ATOM   245  N NZ  . LYS A 1 33 ? -15.077 6.824   -15.648 1.00 26.95 ? 33  LYS A NZ  1 
ATOM   246  N N   . CYS A 1 34 ? -9.117  9.977   -19.341 1.00 16.48 ? 34  CYS A N   1 
ATOM   247  C CA  . CYS A 1 34 ? -7.782  9.756   -19.754 1.00 17.04 ? 34  CYS A CA  1 
ATOM   248  C C   . CYS A 1 34 ? -7.065  9.034   -18.606 1.00 18.20 ? 34  CYS A C   1 
ATOM   249  O O   . CYS A 1 34 ? -6.950  9.590   -17.509 1.00 19.63 ? 34  CYS A O   1 
ATOM   250  C CB  . CYS A 1 34 ? -7.075  11.071  -20.072 1.00 16.99 ? 34  CYS A CB  1 
ATOM   251  S SG  . CYS A 1 34 ? -5.377  10.839  -20.533 1.00 17.80 ? 34  CYS A SG  1 
ATOM   252  N N   . CYS A 1 35 ? -6.580  7.818   -18.882 1.00 19.39 ? 35  CYS A N   1 
ATOM   253  C CA  . CYS A 1 35 ? -5.880  6.991   -17.867 1.00 19.04 ? 35  CYS A CA  1 
ATOM   254  C C   . CYS A 1 35 ? -4.377  6.997   -18.137 1.00 20.03 ? 35  CYS A C   1 
ATOM   255  O O   . CYS A 1 35 ? -3.926  6.598   -19.232 1.00 19.79 ? 35  CYS A O   1 
ATOM   256  C CB  . CYS A 1 35 ? -6.407  5.546   -17.860 1.00 19.17 ? 35  CYS A CB  1 
ATOM   257  S SG  . CYS A 1 35 ? -8.160  5.402   -17.698 1.00 18.96 ? 35  CYS A SG  1 
ATOM   258  N N   . LYS A 1 36 ? -3.610  7.481   -17.153 1.00 20.42 ? 36  LYS A N   1 
ATOM   259  C CA  . LYS A 1 36 ? -2.150  7.470   -17.232 1.00 23.35 ? 36  LYS A CA  1 
ATOM   260  C C   . LYS A 1 36 ? -1.443  6.937   -15.984 1.00 23.03 ? 36  LYS A C   1 
ATOM   261  O O   . LYS A 1 36 ? -0.350  6.460   -16.098 1.00 24.34 ? 36  LYS A O   1 
ATOM   262  C CB  . LYS A 1 36 ? -1.578  8.849   -17.513 1.00 22.84 ? 36  LYS A CB  1 
ATOM   263  C CG  . LYS A 1 36 ? -2.501  9.793   -18.248 1.00 27.60 ? 36  LYS A CG  1 
ATOM   264  C CD  . LYS A 1 36 ? -1.731  10.886  -18.963 1.00 31.68 ? 36  LYS A CD  1 
ATOM   265  C CE  . LYS A 1 36 ? -1.096  11.894  -18.046 1.00 35.14 ? 36  LYS A CE  1 
ATOM   266  N NZ  . LYS A 1 36 ? -0.662  13.051  -18.883 1.00 36.26 ? 36  LYS A NZ  1 
ATOM   267  O OXT . LYS A 1 36 ? -1.869  7.021   -14.854 1.00 24.08 ? 36  LYS A OXT 1 
ATOM   268  N N   . ASP B 1 1  ? 14.407  13.556  9.186   1.00 16.61 ? 1   ASP B N   1 
ATOM   269  C CA  . ASP B 1 1  ? 15.192  12.805  10.203  1.00 15.75 ? 1   ASP B CA  1 
ATOM   270  C C   . ASP B 1 1  ? 14.678  11.394  10.250  1.00 14.95 ? 1   ASP B C   1 
ATOM   271  O O   . ASP B 1 1  ? 13.728  11.060  9.538   1.00 16.06 ? 1   ASP B O   1 
ATOM   272  C CB  . ASP B 1 1  ? 15.174  13.498  11.572  1.00 16.04 ? 1   ASP B CB  1 
ATOM   273  C CG  . ASP B 1 1  ? 13.765  13.684  12.150  1.00 15.66 ? 1   ASP B CG  1 
ATOM   274  O OD1 . ASP B 1 1  ? 12.762  13.179  11.614  1.00 15.36 ? 1   ASP B OD1 1 
ATOM   275  O OD2 . ASP B 1 1  ? 13.712  14.299  13.225  1.00 17.54 ? 1   ASP B OD2 1 
ATOM   276  N N   . HIS B 1 2  ? 15.327  10.562  11.056  1.00 14.63 ? 2   HIS B N   1 
ATOM   277  C CA  . HIS B 1 2  ? 14.950  9.139   11.174  1.00 13.32 ? 2   HIS B CA  1 
ATOM   278  C C   . HIS B 1 2  ? 13.467  8.992   11.581  1.00 12.58 ? 2   HIS B C   1 
ATOM   279  O O   . HIS B 1 2  ? 12.700  8.225   10.960  1.00 12.33 ? 2   HIS B O   1 
ATOM   280  C CB  . HIS B 1 2  ? 15.939  8.435   12.152  1.00 13.09 ? 2   HIS B CB  1 
ATOM   281  C CG  . HIS B 1 2  ? 15.539  7.039   12.525  1.00 14.64 ? 2   HIS B CG  1 
ATOM   282  N ND1 . HIS B 1 2  ? 15.103  6.707   13.792  1.00 12.87 ? 2   HIS B ND1 1 
ATOM   283  C CD2 . HIS B 1 2  ? 15.492  5.894   11.795  1.00 17.60 ? 2   HIS B CD2 1 
ATOM   284  C CE1 . HIS B 1 2  ? 14.829  5.413   13.839  1.00 13.37 ? 2   HIS B CE1 1 
ATOM   285  N NE2 . HIS B 1 2  ? 15.054  4.891   12.637  1.00 13.52 ? 2   HIS B NE2 1 
ATOM   286  N N   . TYR B 1 3  ? 13.036  9.727   12.607  1.00 12.65 ? 3   TYR B N   1 
ATOM   287  C CA  . TYR B 1 3  ? 11.649  9.638   13.050  1.00 13.09 ? 3   TYR B CA  1 
ATOM   288  C C   . TYR B 1 3  ? 10.632  9.941   11.927  1.00 13.14 ? 3   TYR B C   1 
ATOM   289  O O   . TYR B 1 3  ? 9.733   9.155   11.676  1.00 14.16 ? 3   TYR B O   1 
ATOM   290  C CB  . TYR B 1 3  ? 11.395  10.569  14.239  1.00 12.77 ? 3   TYR B CB  1 
ATOM   291  C CG  . TYR B 1 3  ? 10.071  10.339  14.899  1.00 13.74 ? 3   TYR B CG  1 
ATOM   292  C CD1 . TYR B 1 3  ? 9.975   9.516   16.047  1.00 13.13 ? 3   TYR B CD1 1 
ATOM   293  C CD2 . TYR B 1 3  ? 8.909   10.923  14.401  1.00 15.23 ? 3   TYR B CD2 1 
ATOM   294  C CE1 . TYR B 1 3  ? 8.730   9.298   16.661  1.00 15.85 ? 3   TYR B CE1 1 
ATOM   295  C CE2 . TYR B 1 3  ? 7.689   10.750  15.019  1.00 16.91 ? 3   TYR B CE2 1 
ATOM   296  C CZ  . TYR B 1 3  ? 7.603   9.903   16.140  1.00 15.45 ? 3   TYR B CZ  1 
ATOM   297  O OH  . TYR B 1 3  ? 6.382   9.702   16.703  1.00 16.83 ? 3   TYR B OH  1 
ATOM   298  N N   . ASN B 1 4  ? 10.761  11.085  11.275  1.00 13.76 ? 4   ASN B N   1 
ATOM   299  C CA  . ASN B 1 4  ? 9.813   11.406  10.197  1.00 14.36 ? 4   ASN B CA  1 
ATOM   300  C C   . ASN B 1 4  ? 9.905   10.472  9.020   1.00 13.73 ? 4   ASN B C   1 
ATOM   301  O O   . ASN B 1 4  ? 8.901   10.187  8.412   1.00 13.42 ? 4   ASN B O   1 
ATOM   302  C CB  . ASN B 1 4  ? 10.013  12.829  9.696   1.00 14.58 ? 4   ASN B CB  1 
ATOM   303  C CG  . ASN B 1 4  ? 9.541   13.858  10.697  1.00 18.31 ? 4   ASN B CG  1 
ATOM   304  O OD1 . ASN B 1 4  ? 8.920   13.541  11.741  1.00 18.97 ? 4   ASN B OD1 1 
ATOM   305  N ND2 . ASN B 1 4  ? 9.866   15.090  10.417  1.00 19.74 ? 4   ASN B ND2 1 
ATOM   306  N N   . CYS B 1 5  ? 11.119  10.015  8.704   1.00 14.39 ? 5   CYS B N   1 
ATOM   307  C CA  . CYS B 1 5  ? 11.342  9.145   7.578   1.00 13.82 ? 5   CYS B CA  1 
ATOM   308  C C   . CYS B 1 5  ? 10.516  7.855   7.728   1.00 14.62 ? 5   CYS B C   1 
ATOM   309  O O   . CYS B 1 5  ? 9.718   7.503   6.865   1.00 15.21 ? 5   CYS B O   1 
ATOM   310  C CB  . CYS B 1 5  ? 12.842  8.832   7.455   1.00 13.90 ? 5   CYS B CB  1 
ATOM   311  S SG  . CYS B 1 5  ? 13.205  7.837   6.035   1.00 14.72 ? 5   CYS B SG  1 
ATOM   312  N N   . VAL B 1 6  ? 10.687  7.191   8.862   1.00 15.27 ? 6   VAL B N   1 
ATOM   313  C CA  . VAL B 1 6  ? 10.081  5.924   9.141   1.00 15.21 ? 6   VAL B CA  1 
ATOM   314  C C   . VAL B 1 6  ? 8.577   6.105   9.376   1.00 15.95 ? 6   VAL B C   1 
ATOM   315  O O   . VAL B 1 6  ? 7.767   5.309   8.851   1.00 14.87 ? 6   VAL B O   1 
ATOM   316  C CB  . VAL B 1 6  ? 10.809  5.240   10.355  1.00 15.28 ? 6   VAL B CB  1 
ATOM   317  C CG1 . VAL B 1 6  ? 10.127  3.949   10.714  1.00 15.52 ? 6   VAL B CG1 1 
ATOM   318  C CG2 . VAL B 1 6  ? 12.273  4.913   10.005  1.00 15.12 ? 6   VAL B CG2 1 
ATOM   319  N N   . SER B 1 7  ? 8.199   7.181   10.089  1.00 16.72 ? 7   SER B N   1 
ATOM   320  C CA  . SER B 1 7  ? 6.759   7.552   10.248  1.00 18.96 ? 7   SER B CA  1 
ATOM   321  C C   . SER B 1 7  ? 6.007   7.744   8.945   1.00 19.62 ? 7   SER B C   1 
ATOM   322  O O   . SER B 1 7  ? 4.815   7.453   8.889   1.00 18.73 ? 7   SER B O   1 
ATOM   323  C CB  . SER B 1 7  ? 6.575   8.846   11.042  1.00 20.10 ? 7   SER B CB  1 
ATOM   324  O OG  . SER B 1 7  ? 6.839   8.604   12.386  1.00 22.93 ? 7   SER B OG  1 
ATOM   325  N N   . SER B 1 8  ? 6.703   8.282   7.933   1.00 19.60 ? 8   SER B N   1 
ATOM   326  C CA  . SER B 1 8  ? 6.077   8.592   6.653   1.00 21.45 ? 8   SER B CA  1 
ATOM   327  C C   . SER B 1 8  ? 6.136   7.395   5.730   1.00 21.27 ? 8   SER B C   1 
ATOM   328  O O   . SER B 1 8  ? 5.607   7.430   4.599   1.00 22.18 ? 8   SER B O   1 
ATOM   329  C CB  . SER B 1 8  ? 6.714   9.833   6.027   1.00 21.83 ? 8   SER B CB  1 
ATOM   330  O OG  . SER B 1 8  ? 8.053   9.570   5.647   1.00 25.50 ? 8   SER B OG  1 
ATOM   331  N N   . GLY B 1 9  ? 6.762   6.326   6.209   1.00 20.00 ? 9   GLY B N   1 
ATOM   332  C CA  . GLY B 1 9  ? 6.802   5.055   5.500   1.00 20.60 ? 9   GLY B CA  1 
ATOM   333  C C   . GLY B 1 9  ? 8.073   4.829   4.696   1.00 20.64 ? 9   GLY B C   1 
ATOM   334  O O   . GLY B 1 9  ? 8.121   3.929   3.858   1.00 21.89 ? 9   GLY B O   1 
ATOM   335  N N   . GLY B 1 10 ? 9.098   5.641   4.959   1.00 20.25 ? 10  GLY B N   1 
ATOM   336  C CA  . GLY B 1 10 ? 10.423  5.498   4.349   1.00 18.40 ? 10  GLY B CA  1 
ATOM   337  C C   . GLY B 1 10 ? 11.369  4.681   5.191   1.00 18.27 ? 10  GLY B C   1 
ATOM   338  O O   . GLY B 1 10 ? 11.006  4.203   6.292   1.00 16.41 ? 10  GLY B O   1 
ATOM   339  N N   . GLN B 1 11 ? 12.567  4.495   4.670   1.00 16.96 ? 11  GLN B N   1 
ATOM   340  C CA  . GLN B 1 11 ? 13.652  3.892   5.448   1.00 17.99 ? 11  GLN B CA  1 
ATOM   341  C C   . GLN B 1 11 ? 14.957  4.671   5.249   1.00 14.87 ? 11  GLN B C   1 
ATOM   342  O O   . GLN B 1 11 ? 15.229  5.218   4.159   1.00 14.22 ? 11  GLN B O   1 
ATOM   343  C CB  . GLN B 1 11 ? 13.870  2.415   5.057   1.00 18.45 ? 11  GLN B CB  1 
ATOM   344  C CG  . GLN B 1 11 ? 14.440  2.214   3.678   1.00 21.16 ? 11  GLN B CG  1 
ATOM   345  C CD  . GLN B 1 11 ? 14.767  0.727   3.411   1.00 21.29 ? 11  GLN B CD  1 
ATOM   346  O OE1 . GLN B 1 11 ? 15.341  0.054   4.242   1.00 27.42 ? 11  GLN B OE1 1 
ATOM   347  N NE2 . GLN B 1 11 ? 14.415  0.249   2.239   1.00 25.60 ? 11  GLN B NE2 1 
ATOM   348  N N   . CYS B 1 12 ? 15.782  4.681   6.286   1.00 13.83 ? 12  CYS B N   1 
ATOM   349  C CA  . CYS B 1 12 ? 17.053  5.376   6.270   1.00 12.86 ? 12  CYS B CA  1 
ATOM   350  C C   . CYS B 1 12 ? 18.109  4.384   5.744   1.00 13.68 ? 12  CYS B C   1 
ATOM   351  O O   . CYS B 1 12 ? 18.232  3.263   6.303   1.00 12.75 ? 12  CYS B O   1 
ATOM   352  C CB  . CYS B 1 12 ? 17.410  5.780   7.711   1.00 13.46 ? 12  CYS B CB  1 
ATOM   353  S SG  . CYS B 1 12 ? 16.197  6.913   8.425   1.00 13.10 ? 12  CYS B SG  1 
ATOM   354  N N   . LEU B 1 13 ? 18.866  4.801   4.731   1.00 11.66 ? 13  LEU B N   1 
ATOM   355  C CA  . LEU B 1 13 ? 19.985  4.015   4.162   1.00 12.99 ? 13  LEU B CA  1 
ATOM   356  C C   . LEU B 1 13 ? 21.160  4.923   3.843   1.00 13.60 ? 13  LEU B C   1 
ATOM   357  O O   . LEU B 1 13 ? 20.978  6.052   3.401   1.00 13.65 ? 13  LEU B O   1 
ATOM   358  C CB  . LEU B 1 13 ? 19.540  3.300   2.872   1.00 13.25 ? 13  LEU B CB  1 
ATOM   359  C CG  . LEU B 1 13 ? 18.498  2.179   2.967   1.00 15.30 ? 13  LEU B CG  1 
ATOM   360  C CD1 . LEU B 1 13 ? 18.145  1.762   1.557   1.00 17.47 ? 13  LEU B CD1 1 
ATOM   361  C CD2 . LEU B 1 13 ? 18.962  0.954   3.819   1.00 19.10 ? 13  LEU B CD2 1 
ATOM   362  N N   . TYR B 1 14 ? 22.371  4.414   4.018   1.00 14.90 ? 14  TYR B N   1 
ATOM   363  C CA  . TYR B 1 14 ? 23.550  5.199   3.728   1.00 16.54 ? 14  TYR B CA  1 
ATOM   364  C C   . TYR B 1 14 ? 23.869  5.214   2.222   1.00 18.95 ? 14  TYR B C   1 
ATOM   365  O O   . TYR B 1 14 ? 24.467  6.171   1.714   1.00 20.74 ? 14  TYR B O   1 
ATOM   366  C CB  . TYR B 1 14 ? 24.733  4.657   4.517   1.00 14.98 ? 14  TYR B CB  1 
ATOM   367  C CG  . TYR B 1 14 ? 24.720  5.081   5.969   1.00 16.71 ? 14  TYR B CG  1 
ATOM   368  C CD1 . TYR B 1 14 ? 24.060  4.327   6.934   1.00 12.77 ? 14  TYR B CD1 1 
ATOM   369  C CD2 . TYR B 1 14 ? 25.378  6.235   6.368   1.00 16.41 ? 14  TYR B CD2 1 
ATOM   370  C CE1 . TYR B 1 14 ? 24.066  4.728   8.306   1.00 14.56 ? 14  TYR B CE1 1 
ATOM   371  C CE2 . TYR B 1 14 ? 25.401  6.639   7.707   1.00 17.73 ? 14  TYR B CE2 1 
ATOM   372  C CZ  . TYR B 1 14 ? 24.746  5.884   8.663   1.00 15.70 ? 14  TYR B CZ  1 
ATOM   373  O OH  . TYR B 1 14 ? 24.806  6.303   9.952   1.00 16.21 ? 14  TYR B OH  1 
ATOM   374  N N   . SER B 1 15 ? 23.490  4.169   1.508   1.00 21.21 ? 15  SER B N   1 
ATOM   375  C CA  . SER B 1 15 ? 23.880  4.022   0.083   1.00 23.61 ? 15  SER B CA  1 
ATOM   376  C C   . SER B 1 15 ? 22.746  4.333   -0.911  1.00 24.05 ? 15  SER B C   1 
ATOM   377  O O   . SER B 1 15 ? 21.965  5.245   -0.690  1.00 24.80 ? 15  SER B O   1 
ATOM   378  C CB  . SER B 1 15 ? 24.508  2.626   -0.155  1.00 25.55 ? 15  SER B CB  1 
ATOM   379  O OG  . SER B 1 15 ? 23.549  1.643   -0.602  1.00 30.98 ? 15  SER B OG  1 
ATOM   380  N N   . ALA B 1 16 ? 22.609  3.592   -2.010  1.00 23.99 ? 16  ALA B N   1 
ATOM   381  C CA  . ALA B 1 16 ? 21.513  4.018   -2.900  1.00 24.00 ? 16  ALA B CA  1 
ATOM   382  C C   . ALA B 1 16 ? 20.137  3.449   -2.459  1.00 21.22 ? 16  ALA B C   1 
ATOM   383  O O   . ALA B 1 16 ? 20.058  2.476   -1.709  1.00 22.62 ? 16  ALA B O   1 
ATOM   384  C CB  . ALA B 1 16 ? 21.841  3.749   -4.374  1.00 23.74 ? 16  ALA B CB  1 
ATOM   385  N N   . CYS B 1 17 ? 19.072  4.142   -2.820  1.00 20.48 ? 17  CYS B N   1 
ATOM   386  C CA  . CYS B 1 17 ? 17.711  3.690   -2.477  1.00 18.42 ? 17  CYS B CA  1 
ATOM   387  C C   . CYS B 1 17 ? 17.316  2.467   -3.332  1.00 17.34 ? 17  CYS B C   1 
ATOM   388  O O   . CYS B 1 17 ? 17.672  2.418   -4.526  1.00 16.25 ? 17  CYS B O   1 
ATOM   389  C CB  . CYS B 1 17 ? 16.689  4.825   -2.670  1.00 18.57 ? 17  CYS B CB  1 
ATOM   390  S SG  . CYS B 1 17 ? 16.953  6.200   -1.526  1.00 18.90 ? 17  CYS B SG  1 
ATOM   391  N N   . PRO B 1 18 ? 16.601  1.477   -2.732  1.00 16.10 ? 18  PRO B N   1 
ATOM   392  C CA  . PRO B 1 18 ? 16.260  0.336   -3.570  1.00 15.78 ? 18  PRO B CA  1 
ATOM   393  C C   . PRO B 1 18 ? 15.187  0.695   -4.608  1.00 15.86 ? 18  PRO B C   1 
ATOM   394  O O   . PRO B 1 18 ? 14.519  1.757   -4.555  1.00 14.82 ? 18  PRO B O   1 
ATOM   395  C CB  . PRO B 1 18 ? 15.739  -0.700  -2.580  1.00 15.89 ? 18  PRO B CB  1 
ATOM   396  C CG  . PRO B 1 18 ? 15.154  0.129   -1.449  1.00 16.48 ? 18  PRO B CG  1 
ATOM   397  C CD  . PRO B 1 18 ? 16.083  1.321   -1.354  1.00 16.53 ? 18  PRO B CD  1 
ATOM   398  N N   . ILE B 1 19 ? 15.017  -0.213  -5.547  1.00 16.65 ? 19  ILE B N   1 
ATOM   399  C CA  . ILE B 1 19 ? 13.986  -0.067  -6.562  1.00 16.23 ? 19  ILE B CA  1 
ATOM   400  C C   . ILE B 1 19 ? 12.582  0.301   -6.010  1.00 14.83 ? 19  ILE B C   1 
ATOM   401  O O   . ILE B 1 19 ? 12.099  -0.252  -4.984  1.00 15.26 ? 19  ILE B O   1 
ATOM   402  C CB  . ILE B 1 19 ? 13.952  -1.372  -7.447  1.00 16.54 ? 19  ILE B CB  1 
ATOM   403  C CG1 . ILE B 1 19 ? 13.160  -1.105  -8.748  1.00 15.34 ? 19  ILE B CG1 1 
ATOM   404  C CG2 . ILE B 1 19 ? 13.493  -2.646  -6.631  1.00 15.99 ? 19  ILE B CG2 1 
ATOM   405  C CD1 . ILE B 1 19 ? 13.483  -2.172  -9.848  1.00 17.12 ? 19  ILE B CD1 1 
ATOM   406  N N   . PHE B 1 20 ? 11.926  1.210   -6.720  1.00 14.21 ? 20  PHE B N   1 
ATOM   407  C CA  . PHE B 1 20 ? 10.582  1.699   -6.401  1.00 14.64 ? 20  PHE B CA  1 
ATOM   408  C C   . PHE B 1 20 ? 10.583  2.607   -5.177  1.00 15.21 ? 20  PHE B C   1 
ATOM   409  O O   . PHE B 1 20 ? 9.562   2.870   -4.611  1.00 15.63 ? 20  PHE B O   1 
ATOM   410  C CB  . PHE B 1 20 ? 9.558   0.556   -6.264  1.00 14.29 ? 20  PHE B CB  1 
ATOM   411  C CG  . PHE B 1 20 ? 9.577   -0.376  -7.454  1.00 15.06 ? 20  PHE B CG  1 
ATOM   412  C CD1 . PHE B 1 20 ? 9.844   -1.735  -7.305  1.00 16.46 ? 20  PHE B CD1 1 
ATOM   413  C CD2 . PHE B 1 20 ? 9.373   0.137   -8.738  1.00 14.31 ? 20  PHE B CD2 1 
ATOM   414  C CE1 . PHE B 1 20 ? 9.886   -2.605  -8.448  1.00 17.22 ? 20  PHE B CE1 1 
ATOM   415  C CE2 . PHE B 1 20 ? 9.439   -0.711  -9.852  1.00 17.61 ? 20  PHE B CE2 1 
ATOM   416  C CZ  . PHE B 1 20 ? 9.678   -2.063  -9.709  1.00 15.45 ? 20  PHE B CZ  1 
ATOM   417  N N   . THR B 1 21 ? 11.764  3.113   -4.841  1.00 15.07 ? 21  THR B N   1 
ATOM   418  C CA  . THR B 1 21 ? 11.907  4.225   -3.909  1.00 15.36 ? 21  THR B CA  1 
ATOM   419  C C   . THR B 1 21 ? 12.889  5.257   -4.453  1.00 16.22 ? 21  THR B C   1 
ATOM   420  O O   . THR B 1 21 ? 13.699  4.983   -5.369  1.00 15.34 ? 21  THR B O   1 
ATOM   421  C CB  . THR B 1 21 ? 12.408  3.778   -2.502  1.00 14.46 ? 21  THR B CB  1 
ATOM   422  O OG1 . THR B 1 21 ? 13.778  3.354   -2.576  1.00 14.81 ? 21  THR B OG1 1 
ATOM   423  C CG2 . THR B 1 21 ? 11.514  2.649   -1.962  1.00 14.57 ? 21  THR B CG2 1 
ATOM   424  N N   . LYS B 1 22 ? 12.832  6.447   -3.870  1.00 16.56 ? 22  LYS B N   1 
ATOM   425  C CA  . LYS B 1 22 ? 13.839  7.465   -4.168  1.00 18.40 ? 22  LYS B CA  1 
ATOM   426  C C   . LYS B 1 22 ? 14.167  8.290   -2.941  1.00 18.47 ? 22  LYS B C   1 
ATOM   427  O O   . LYS B 1 22 ? 13.494  8.207   -1.906  1.00 17.18 ? 22  LYS B O   1 
ATOM   428  C CB  . LYS B 1 22 ? 13.371  8.392   -5.269  1.00 18.20 ? 22  LYS B CB  1 
ATOM   429  C CG  . LYS B 1 22 ? 12.084  9.058   -4.892  1.00 19.42 ? 22  LYS B CG  1 
ATOM   430  C CD  . LYS B 1 22 ? 11.629  10.010  -5.990  1.00 27.48 ? 22  LYS B CD  1 
ATOM   431  C CE  . LYS B 1 22 ? 10.161  10.375  -5.741  1.00 29.99 ? 22  LYS B CE  1 
ATOM   432  N NZ  . LYS B 1 22 ? 9.931   10.790  -4.330  1.00 35.16 ? 22  LYS B NZ  1 
ATOM   433  N N   . ILE B 1 23 ? 15.213  9.085   -3.071  1.00 19.09 ? 23  ILE B N   1 
ATOM   434  C CA  . ILE B 1 23 ? 15.624  9.938   -1.973  1.00 20.20 ? 23  ILE B CA  1 
ATOM   435  C C   . ILE B 1 23 ? 14.567  11.022  -1.706  1.00 20.47 ? 23  ILE B C   1 
ATOM   436  O O   . ILE B 1 23 ? 14.220  11.828  -2.590  1.00 19.53 ? 23  ILE B O   1 
ATOM   437  C CB  . ILE B 1 23 ? 17.035  10.549  -2.252  1.00 20.74 ? 23  ILE B CB  1 
ATOM   438  C CG1 . ILE B 1 23 ? 18.066  9.407   -2.460  1.00 22.66 ? 23  ILE B CG1 1 
ATOM   439  C CG2 . ILE B 1 23 ? 17.426  11.573  -1.144  1.00 20.69 ? 23  ILE B CG2 1 
ATOM   440  C CD1 . ILE B 1 23 ? 19.258  9.727   -3.527  1.00 22.82 ? 23  ILE B CD1 1 
ATOM   441  N N   . GLN B 1 24 ? 14.043  11.023  -0.485  1.00 20.23 ? 24  GLN B N   1 
ATOM   442  C CA  . GLN B 1 24 ? 13.185  12.102  -0.004  1.00 22.08 ? 24  GLN B CA  1 
ATOM   443  C C   . GLN B 1 24 ? 13.617  12.476  1.403   1.00 21.64 ? 24  GLN B C   1 
ATOM   444  O O   . GLN B 1 24 ? 12.949  12.135  2.364   1.00 24.43 ? 24  GLN B O   1 
ATOM   445  C CB  . GLN B 1 24 ? 11.724  11.694  0.009   1.00 22.12 ? 24  GLN B CB  1 
ATOM   446  C CG  . GLN B 1 24 ? 11.224  11.094  -1.310  1.00 26.22 ? 24  GLN B CG  1 
ATOM   447  C CD  . GLN B 1 24 ? 9.747   10.808  -1.296  1.00 29.39 ? 24  GLN B CD  1 
ATOM   448  O OE1 . GLN B 1 24 ? 9.312   9.688   -1.576  1.00 31.44 ? 24  GLN B OE1 1 
ATOM   449  N NE2 . GLN B 1 24 ? 8.955   11.823  -0.964  1.00 28.15 ? 24  GLN B NE2 1 
ATOM   450  N N   . GLY B 1 25 ? 14.742  13.153  1.544   1.00 21.02 ? 25  GLY B N   1 
ATOM   451  C CA  . GLY B 1 25 ? 15.159  13.554  2.883   1.00 18.57 ? 25  GLY B CA  1 
ATOM   452  C C   . GLY B 1 25 ? 16.363  12.786  3.351   1.00 17.04 ? 25  GLY B C   1 
ATOM   453  O O   . GLY B 1 25 ? 17.008  12.068  2.578   1.00 16.08 ? 25  GLY B O   1 
ATOM   454  N N   . THR B 1 26 ? 16.690  12.996  4.631   1.00 16.21 ? 26  THR B N   1 
ATOM   455  C CA  . THR B 1 26 ? 17.944  12.538  5.228   1.00 14.64 ? 26  THR B CA  1 
ATOM   456  C C   . THR B 1 26 ? 17.657  11.905  6.633   1.00 13.99 ? 26  THR B C   1 
ATOM   457  O O   . THR B 1 26 ? 16.596  12.121  7.216   1.00 12.20 ? 26  THR B O   1 
ATOM   458  C CB  . THR B 1 26 ? 18.995  13.721  5.410   1.00 14.52 ? 26  THR B CB  1 
ATOM   459  O OG1 . THR B 1 26 ? 18.545  14.671  6.404   1.00 16.39 ? 26  THR B OG1 1 
ATOM   460  C CG2 . THR B 1 26 ? 19.267  14.469  4.070   1.00 16.47 ? 26  THR B CG2 1 
ATOM   461  N N   . CYS B 1 27 ? 18.642  11.170  7.143   1.00 13.09 ? 27  CYS B N   1 
ATOM   462  C CA  . CYS B 1 27 ? 18.609  10.586  8.464   1.00 13.33 ? 27  CYS B CA  1 
ATOM   463  C C   . CYS B 1 27 ? 20.006  10.655  9.064   1.00 13.91 ? 27  CYS B C   1 
ATOM   464  O O   . CYS B 1 27 ? 21.013  10.732  8.309   1.00 13.33 ? 27  CYS B O   1 
ATOM   465  C CB  . CYS B 1 27 ? 18.192  9.120   8.366   1.00 13.86 ? 27  CYS B CB  1 
ATOM   466  S SG  . CYS B 1 27 ? 16.610  8.751   7.593   1.00 14.24 ? 27  CYS B SG  1 
ATOM   467  N N   . TYR B 1 28 ? 20.069  10.631  10.412  1.00 12.10 ? 28  TYR B N   1 
ATOM   468  C CA  . TYR B 1 28 ? 21.310  10.462  11.143  1.00 14.26 ? 28  TYR B CA  1 
ATOM   469  C C   . TYR B 1 28 ? 22.224  11.662  10.932  1.00 14.28 ? 28  TYR B C   1 
ATOM   470  O O   . TYR B 1 28 ? 23.331  11.530  10.447  1.00 14.91 ? 28  TYR B O   1 
ATOM   471  C CB  . TYR B 1 28 ? 21.995  9.153   10.676  1.00 13.59 ? 28  TYR B CB  1 
ATOM   472  C CG  . TYR B 1 28 ? 21.051  7.943   10.747  1.00 13.55 ? 28  TYR B CG  1 
ATOM   473  C CD1 . TYR B 1 28 ? 21.274  6.797   9.944   1.00 17.59 ? 28  TYR B CD1 1 
ATOM   474  C CD2 . TYR B 1 28 ? 19.969  7.931   11.641  1.00 14.25 ? 28  TYR B CD2 1 
ATOM   475  C CE1 . TYR B 1 28 ? 20.420  5.664   10.035  1.00 14.70 ? 28  TYR B CE1 1 
ATOM   476  C CE2 . TYR B 1 28 ? 19.117  6.800   11.756  1.00 14.41 ? 28  TYR B CE2 1 
ATOM   477  C CZ  . TYR B 1 28 ? 19.343  5.687   10.933  1.00 15.86 ? 28  TYR B CZ  1 
ATOM   478  O OH  . TYR B 1 28 ? 18.515  4.575   11.054  1.00 17.38 ? 28  TYR B OH  1 
ATOM   479  N N   . ARG B 1 29 ? 21.693  12.828  11.289  1.00 15.79 ? 29  ARG B N   1 
ATOM   480  C CA  . ARG B 1 29 ? 22.411  14.110  11.228  1.00 16.08 ? 29  ARG B CA  1 
ATOM   481  C C   . ARG B 1 29 ? 22.926  14.353  9.800   1.00 16.38 ? 29  ARG B C   1 
ATOM   482  O O   . ARG B 1 29 ? 24.057  14.826  9.591   1.00 16.30 ? 29  ARG B O   1 
ATOM   483  C CB  . ARG B 1 29 ? 23.542  14.121  12.238  1.00 16.91 ? 29  ARG B CB  1 
ATOM   484  C CG  . ARG B 1 29 ? 23.095  13.997  13.709  1.00 18.87 ? 29  ARG B CG  1 
ATOM   485  C CD  . ARG B 1 29 ? 21.957  14.955  14.085  1.00 22.81 ? 29  ARG B CD  1 
ATOM   486  N NE  . ARG B 1 29 ? 21.887  15.033  15.551  1.00 23.15 ? 29  ARG B NE  1 
ATOM   487  C CZ  . ARG B 1 29 ? 20.902  14.523  16.291  1.00 23.46 ? 29  ARG B CZ  1 
ATOM   488  N NH1 . ARG B 1 29 ? 19.847  13.928  15.722  1.00 18.80 ? 29  ARG B NH1 1 
ATOM   489  N NH2 . ARG B 1 29 ? 20.949  14.661  17.613  1.00 23.08 ? 29  ARG B NH2 1 
ATOM   490  N N   . GLY B 1 30 ? 22.079  14.000  8.846   1.00 15.87 ? 30  GLY B N   1 
ATOM   491  C CA  . GLY B 1 30 ? 22.328  14.196  7.422   1.00 17.24 ? 30  GLY B CA  1 
ATOM   492  C C   . GLY B 1 30 ? 23.206  13.157  6.741   1.00 17.86 ? 30  GLY B C   1 
ATOM   493  O O   . GLY B 1 30 ? 23.421  13.249  5.506   1.00 18.79 ? 30  GLY B O   1 
ATOM   494  N N   . ALA B 1 31 ? 23.745  12.198  7.509   1.00 16.48 ? 31  ALA B N   1 
ATOM   495  C CA  . ALA B 1 31 ? 24.705  11.217  6.936   1.00 16.68 ? 31  ALA B CA  1 
ATOM   496  C C   . ALA B 1 31 ? 24.105  10.106  6.064   1.00 15.92 ? 31  ALA B C   1 
ATOM   497  O O   . ALA B 1 31 ? 24.834  9.452   5.316   1.00 16.17 ? 31  ALA B O   1 
ATOM   498  C CB  . ALA B 1 31 ? 25.636  10.631  7.999   1.00 16.61 ? 31  ALA B CB  1 
ATOM   499  N N   . ALA B 1 32 ? 22.810  9.877   6.213   1.00 15.15 ? 32  ALA B N   1 
ATOM   500  C CA  . ALA B 1 32 ? 22.073  8.879   5.467   1.00 14.47 ? 32  ALA B CA  1 
ATOM   501  C C   . ALA B 1 32 ? 20.935  9.528   4.685   1.00 15.40 ? 32  ALA B C   1 
ATOM   502  O O   . ALA B 1 32 ? 20.538  10.695  4.955   1.00 16.25 ? 32  ALA B O   1 
ATOM   503  C CB  . ALA B 1 32 ? 21.537  7.781   6.405   1.00 13.84 ? 32  ALA B CB  1 
ATOM   504  N N   . LYS B 1 33 ? 20.366  8.756   3.751   1.00 14.97 ? 33  LYS B N   1 
ATOM   505  C CA  . LYS B 1 33 ? 19.209  9.174   2.974   1.00 16.36 ? 33  LYS B CA  1 
ATOM   506  C C   . LYS B 1 33 ? 17.923  8.552   3.540   1.00 15.45 ? 33  LYS B C   1 
ATOM   507  O O   . LYS B 1 33 ? 17.956  7.425   4.092   1.00 13.86 ? 33  LYS B O   1 
ATOM   508  C CB  . LYS B 1 33 ? 19.374  8.722   1.529   1.00 16.97 ? 33  LYS B CB  1 
ATOM   509  C CG  . LYS B 1 33 ? 20.632  9.238   0.853   1.00 21.40 ? 33  LYS B CG  1 
ATOM   510  C CD  . LYS B 1 33 ? 21.095  8.283   -0.311  1.00 26.41 ? 33  LYS B CD  1 
ATOM   511  C CE  . LYS B 1 33 ? 22.588  8.606   -0.718  1.00 23.51 ? 33  LYS B CE  1 
ATOM   512  N NZ  . LYS B 1 33 ? 22.953  8.059   -2.036  1.00 31.88 ? 33  LYS B NZ  1 
ATOM   513  N N   . CYS B 1 34 ? 16.824  9.290   3.455   1.00 14.53 ? 34  CYS B N   1 
ATOM   514  C CA  . CYS B 1 34 ? 15.473  8.721   3.609   1.00 15.37 ? 34  CYS B CA  1 
ATOM   515  C C   . CYS B 1 34 ? 14.955  8.288   2.227   1.00 16.63 ? 34  CYS B C   1 
ATOM   516  O O   . CYS B 1 34 ? 14.734  9.129   1.328   1.00 17.77 ? 34  CYS B O   1 
ATOM   517  C CB  . CYS B 1 34 ? 14.510  9.762   4.212   1.00 16.61 ? 34  CYS B CB  1 
ATOM   518  S SG  . CYS B 1 34 ? 12.883  9.055   4.428   1.00 15.51 ? 34  CYS B SG  1 
ATOM   519  N N   . CYS B 1 35 ? 14.756  6.985   2.061   1.00 15.40 ? 35  CYS B N   1 
ATOM   520  C CA  . CYS B 1 35 ? 14.225  6.421   0.805   1.00 16.27 ? 35  CYS B CA  1 
ATOM   521  C C   . CYS B 1 35 ? 12.749  6.064   0.984   1.00 17.74 ? 35  CYS B C   1 
ATOM   522  O O   . CYS B 1 35 ? 12.406  5.350   1.917   1.00 16.77 ? 35  CYS B O   1 
ATOM   523  C CB  . CYS B 1 35 ? 14.987  5.149   0.435   1.00 16.00 ? 35  CYS B CB  1 
ATOM   524  S SG  . CYS B 1 35 ? 16.734  5.340   0.294   1.00 16.75 ? 35  CYS B SG  1 
ATOM   525  N N   . LYS B 1 36 ? 11.891  6.625   0.127   1.00 18.16 ? 36  LYS B N   1 
ATOM   526  C CA  . LYS B 1 36 ? 10.466  6.311   0.085   1.00 20.23 ? 36  LYS B CA  1 
ATOM   527  C C   . LYS B 1 36 ? 10.007  6.187   -1.376  1.00 19.83 ? 36  LYS B C   1 
ATOM   528  O O   . LYS B 1 36 ? 9.118   5.421   -1.694  1.00 19.95 ? 36  LYS B O   1 
ATOM   529  C CB  . LYS B 1 36 ? 9.633   7.423   0.727   1.00 21.05 ? 36  LYS B CB  1 
ATOM   530  C CG  . LYS B 1 36 ? 10.226  8.180   1.872   1.00 23.33 ? 36  LYS B CG  1 
ATOM   531  C CD  . LYS B 1 36 ? 9.467   9.487   1.951   1.00 29.07 ? 36  LYS B CD  1 
ATOM   532  C CE  . LYS B 1 36 ? 9.700   10.235  3.232   1.00 30.41 ? 36  LYS B CE  1 
ATOM   533  N NZ  . LYS B 1 36 ? 8.471   11.064  3.545   1.00 33.19 ? 36  LYS B NZ  1 
ATOM   534  O OXT . LYS B 1 36 ? 10.519  6.862   -2.270  1.00 18.75 ? 36  LYS B OXT 1 
ATOM   535  N N   . ASP C 1 1  ? -10.304 10.914  19.970  1.00 16.78 ? 1   ASP C N   1 
ATOM   536  C CA  . ASP C 1 1  ? -10.889 10.276  18.763  1.00 15.76 ? 1   ASP C CA  1 
ATOM   537  C C   . ASP C 1 1  ? -10.136 8.997   18.502  1.00 15.89 ? 1   ASP C C   1 
ATOM   538  O O   . ASP C 1 1  ? -9.178  8.722   19.202  1.00 15.39 ? 1   ASP C O   1 
ATOM   539  C CB  . ASP C 1 1  ? -10.936 11.249  17.545  1.00 17.40 ? 1   ASP C CB  1 
ATOM   540  C CG  . ASP C 1 1  ? -9.546  11.517  16.884  1.00 18.41 ? 1   ASP C CG  1 
ATOM   541  O OD1 . ASP C 1 1  ? -8.480  10.967  17.283  1.00 17.88 ? 1   ASP C OD1 1 
ATOM   542  O OD2 . ASP C 1 1  ? -9.565  12.314  15.905  1.00 21.22 ? 1   ASP C OD2 1 
ATOM   543  N N   . HIS C 1 2  ? -10.660 8.187   17.586  1.00 15.40 ? 2   HIS C N   1 
ATOM   544  C CA  . HIS C 1 2  ? -10.086 6.911   17.205  1.00 15.81 ? 2   HIS C CA  1 
ATOM   545  C C   . HIS C 1 2  ? -8.599  7.009   16.794  1.00 15.83 ? 2   HIS C C   1 
ATOM   546  O O   . HIS C 1 2  ? -7.769  6.223   17.252  1.00 14.83 ? 2   HIS C O   1 
ATOM   547  C CB  . HIS C 1 2  ? -10.951 6.342   16.083  1.00 15.83 ? 2   HIS C CB  1 
ATOM   548  C CG  . HIS C 1 2  ? -10.459 5.033   15.540  1.00 16.77 ? 2   HIS C CG  1 
ATOM   549  N ND1 . HIS C 1 2  ? -10.113 4.875   14.217  1.00 16.82 ? 2   HIS C ND1 1 
ATOM   550  C CD2 . HIS C 1 2  ? -10.278 3.826   16.129  1.00 16.13 ? 2   HIS C CD2 1 
ATOM   551  C CE1 . HIS C 1 2  ? -9.751  3.625   14.007  1.00 17.80 ? 2   HIS C CE1 1 
ATOM   552  N NE2 . HIS C 1 2  ? -9.836  2.966   15.147  1.00 17.46 ? 2   HIS C NE2 1 
ATOM   553  N N   . TYR C 1 3  ? -8.280  7.990   15.943  1.00 15.75 ? 3   TYR C N   1 
ATOM   554  C CA  . TYR C 1 3  ? -6.926  8.179   15.478  1.00 18.07 ? 3   TYR C CA  1 
ATOM   555  C C   . TYR C 1 3  ? -5.949  8.321   16.642  1.00 18.07 ? 3   TYR C C   1 
ATOM   556  O O   . TYR C 1 3  ? -4.997  7.534   16.762  1.00 19.88 ? 3   TYR C O   1 
ATOM   557  C CB  . TYR C 1 3  ? -6.814  9.351   14.499  1.00 17.60 ? 3   TYR C CB  1 
ATOM   558  C CG  . TYR C 1 3  ? -5.473  9.377   13.823  1.00 17.21 ? 3   TYR C CG  1 
ATOM   559  C CD1 . TYR C 1 3  ? -5.267  8.705   12.604  1.00 18.43 ? 3   TYR C CD1 1 
ATOM   560  C CD2 . TYR C 1 3  ? -4.394  10.041  14.412  1.00 19.91 ? 3   TYR C CD2 1 
ATOM   561  C CE1 . TYR C 1 3  ? -4.020  8.729   11.981  1.00 18.25 ? 3   TYR C CE1 1 
ATOM   562  C CE2 . TYR C 1 3  ? -3.143  10.042  13.831  1.00 17.88 ? 3   TYR C CE2 1 
ATOM   563  C CZ  . TYR C 1 3  ? -2.967  9.393   12.598  1.00 20.11 ? 3   TYR C CZ  1 
ATOM   564  O OH  . TYR C 1 3  ? -1.722  9.413   12.005  1.00 21.58 ? 3   TYR C OH  1 
ATOM   565  N N   . ASN C 1 4  ? -6.215  9.274   17.529  1.00 19.46 ? 4   ASN C N   1 
ATOM   566  C CA  . ASN C 1 4  ? -5.295  9.552   18.628  1.00 19.45 ? 4   ASN C CA  1 
ATOM   567  C C   . ASN C 1 4  ? -5.329  8.452   19.675  1.00 18.86 ? 4   ASN C C   1 
ATOM   568  O O   . ASN C 1 4  ? -4.308  8.124   20.244  1.00 19.14 ? 4   ASN C O   1 
ATOM   569  C CB  . ASN C 1 4  ? -5.566  10.915  19.268  1.00 20.65 ? 4   ASN C CB  1 
ATOM   570  C CG  . ASN C 1 4  ? -5.241  12.094  18.346  1.00 21.89 ? 4   ASN C CG  1 
ATOM   571  O OD1 . ASN C 1 4  ? -4.281  12.067  17.554  1.00 24.59 ? 4   ASN C OD1 1 
ATOM   572  N ND2 . ASN C 1 4  ? -6.025  13.142  18.472  1.00 24.71 ? 4   ASN C ND2 1 
ATOM   573  N N   . CYS C 1 5  ? -6.491  7.829   19.856  1.00 19.18 ? 5   CYS C N   1 
ATOM   574  C CA  . CYS C 1 5  ? -6.612  6.699   20.763  1.00 18.38 ? 5   CYS C CA  1 
ATOM   575  C C   . CYS C 1 5  ? -5.613  5.629   20.380  1.00 19.08 ? 5   CYS C C   1 
ATOM   576  O O   . CYS C 1 5  ? -4.725  5.310   21.146  1.00 20.07 ? 5   CYS C O   1 
ATOM   577  C CB  . CYS C 1 5  ? -8.030  6.123   20.757  1.00 16.92 ? 5   CYS C CB  1 
ATOM   578  S SG  . CYS C 1 5  ? -8.238  4.822   21.942  1.00 18.15 ? 5   CYS C SG  1 
ATOM   579  N N   . VAL C 1 6  ? -5.764  5.090   19.175  1.00 18.91 ? 6   VAL C N   1 
ATOM   580  C CA  . VAL C 1 6  ? -4.889  4.032   18.679  1.00 20.16 ? 6   VAL C CA  1 
ATOM   581  C C   . VAL C 1 6  ? -3.412  4.514   18.510  1.00 20.16 ? 6   VAL C C   1 
ATOM   582  O O   . VAL C 1 6  ? -2.474  3.752   18.803  1.00 20.91 ? 6   VAL C O   1 
ATOM   583  C CB  . VAL C 1 6  ? -5.530  3.346   17.422  1.00 19.76 ? 6   VAL C CB  1 
ATOM   584  C CG1 . VAL C 1 6  ? -4.610  2.284   16.772  1.00 18.62 ? 6   VAL C CG1 1 
ATOM   585  C CG2 . VAL C 1 6  ? -6.868  2.715   17.788  1.00 16.82 ? 6   VAL C CG2 1 
ATOM   586  N N   . SER C 1 7  ? -3.193  5.753   18.082  1.00 21.56 ? 7   SER C N   1 
ATOM   587  C CA  . SER C 1 7  ? -1.802  6.320   17.990  1.00 23.26 ? 7   SER C CA  1 
ATOM   588  C C   . SER C 1 7  ? -1.102  6.364   19.342  1.00 25.41 ? 7   SER C C   1 
ATOM   589  O O   . SER C 1 7  ? 0.103   6.101   19.457  1.00 26.14 ? 7   SER C O   1 
ATOM   590  C CB  . SER C 1 7  ? -1.782  7.748   17.417  1.00 24.21 ? 7   SER C CB  1 
ATOM   591  O OG  . SER C 1 7  ? -2.031  7.740   16.017  1.00 26.19 ? 7   SER C OG  1 
ATOM   592  N N   . SER C 1 8  ? -1.873  6.683   20.368  1.00 25.47 ? 8   SER C N   1 
ATOM   593  C CA  . SER C 1 8  ? -1.336  6.807   21.704  1.00 26.09 ? 8   SER C CA  1 
ATOM   594  C C   . SER C 1 8  ? -1.275  5.460   22.430  1.00 25.87 ? 8   SER C C   1 
ATOM   595  O O   . SER C 1 8  ? -1.095  5.451   23.622  1.00 27.89 ? 8   SER C O   1 
ATOM   596  C CB  . SER C 1 8  ? -2.268  7.719   22.477  1.00 26.36 ? 8   SER C CB  1 
ATOM   597  O OG  . SER C 1 8  ? -3.392  6.948   22.851  1.00 28.39 ? 8   SER C OG  1 
ATOM   598  N N   . GLY C 1 9  ? -1.504  4.340   21.749  1.00 25.55 ? 9   GLY C N   1 
ATOM   599  C CA  . GLY C 1 9  ? -1.454  3.022   22.391  1.00 25.30 ? 9   GLY C CA  1 
ATOM   600  C C   . GLY C 1 9  ? -2.746  2.418   22.936  1.00 26.22 ? 9   GLY C C   1 
ATOM   601  O O   . GLY C 1 9  ? -2.706  1.340   23.570  1.00 25.63 ? 9   GLY C O   1 
ATOM   602  N N   . GLY C 1 10 ? -3.894  3.058   22.690  1.00 24.03 ? 10  GLY C N   1 
ATOM   603  C CA  . GLY C 1 10 ? -5.165  2.537   23.216  1.00 22.73 ? 10  GLY C CA  1 
ATOM   604  C C   . GLY C 1 10 ? -6.056  1.834   22.211  1.00 22.51 ? 10  GLY C C   1 
ATOM   605  O O   . GLY C 1 10 ? -5.682  1.686   21.028  1.00 22.67 ? 10  GLY C O   1 
ATOM   606  N N   . GLN C 1 11 ? -7.240  1.401   22.656  1.00 21.14 ? 11  GLN C N   1 
ATOM   607  C CA  . GLN C 1 11 ? -8.278  0.947   21.742  1.00 20.67 ? 11  GLN C CA  1 
ATOM   608  C C   . GLN C 1 11 ? -9.652  1.505   22.076  1.00 18.80 ? 11  GLN C C   1 
ATOM   609  O O   . GLN C 1 11 ? -9.936  1.875   23.234  1.00 17.80 ? 11  GLN C O   1 
ATOM   610  C CB  . GLN C 1 11 ? -8.387  -0.573  21.707  1.00 21.37 ? 11  GLN C CB  1 
ATOM   611  C CG  . GLN C 1 11 ? -8.823  -1.197  22.979  1.00 25.52 ? 11  GLN C CG  1 
ATOM   612  C CD  . GLN C 1 11 ? -8.948  -2.719  22.834  1.00 26.39 ? 11  GLN C CD  1 
ATOM   613  O OE1 . GLN C 1 11 ? -8.880  -3.267  21.735  1.00 32.41 ? 11  GLN C OE1 1 
ATOM   614  N NE2 . GLN C 1 11 ? -9.049  -3.383  23.936  1.00 28.70 ? 11  GLN C NE2 1 
ATOM   615  N N   . CYS C 1 12 ? -10.499 1.576   21.048  1.00 17.24 ? 12  CYS C N   1 
ATOM   616  C CA  . CYS C 1 12 ? -11.840 2.154   21.178  1.00 16.72 ? 12  CYS C CA  1 
ATOM   617  C C   . CYS C 1 12 ? -12.834 1.017   21.472  1.00 17.78 ? 12  CYS C C   1 
ATOM   618  O O   . CYS C 1 12 ? -12.908 0.019   20.719  1.00 16.31 ? 12  CYS C O   1 
ATOM   619  C CB  . CYS C 1 12 ? -12.259 2.892   19.886  1.00 17.18 ? 12  CYS C CB  1 
ATOM   620  S SG  . CYS C 1 12 ? -11.098 4.174   19.500  1.00 17.11 ? 12  CYS C SG  1 
ATOM   621  N N   . LEU C 1 13 ? -13.615 1.190   22.522  1.00 17.72 ? 13  LEU C N   1 
ATOM   622  C CA  . LEU C 1 13 ? -14.591 0.178   22.918  1.00 20.29 ? 13  LEU C CA  1 
ATOM   623  C C   . LEU C 1 13 ? -15.869 0.803   23.377  1.00 20.47 ? 13  LEU C C   1 
ATOM   624  O O   . LEU C 1 13 ? -15.885 1.784   24.154  1.00 21.02 ? 13  LEU C O   1 
ATOM   625  C CB  . LEU C 1 13 ? -14.033 -0.711  24.039  1.00 20.61 ? 13  LEU C CB  1 
ATOM   626  C CG  . LEU C 1 13 ? -12.979 -1.761  23.651  1.00 22.03 ? 13  LEU C CG  1 
ATOM   627  C CD1 . LEU C 1 13 ? -12.426 -2.408  24.913  1.00 24.96 ? 13  LEU C CD1 1 
ATOM   628  C CD2 . LEU C 1 13 ? -13.507 -2.820  22.664  1.00 27.10 ? 13  LEU C CD2 1 
ATOM   629  N N   . TYR C 1 14 ? -16.969 0.221   22.926  1.00 22.00 ? 14  TYR C N   1 
ATOM   630  C CA  . TYR C 1 14 ? -18.253 0.645   23.450  1.00 22.40 ? 14  TYR C CA  1 
ATOM   631  C C   . TYR C 1 14 ? -18.508 -0.010  24.805  1.00 24.49 ? 14  TYR C C   1 
ATOM   632  O O   . TYR C 1 14 ? -19.185 0.557   25.635  1.00 25.75 ? 14  TYR C O   1 
ATOM   633  C CB  . TYR C 1 14 ? -19.356 0.246   22.503  1.00 22.29 ? 14  TYR C CB  1 
ATOM   634  C CG  . TYR C 1 14 ? -19.414 1.062   21.244  1.00 19.28 ? 14  TYR C CG  1 
ATOM   635  C CD1 . TYR C 1 14 ? -18.816 0.598   20.070  1.00 19.77 ? 14  TYR C CD1 1 
ATOM   636  C CD2 . TYR C 1 14 ? -20.119 2.272   21.201  1.00 19.84 ? 14  TYR C CD2 1 
ATOM   637  C CE1 . TYR C 1 14 ? -18.888 1.322   18.878  1.00 20.19 ? 14  TYR C CE1 1 
ATOM   638  C CE2 . TYR C 1 14 ? -20.218 3.010   19.978  1.00 21.43 ? 14  TYR C CE2 1 
ATOM   639  C CZ  . TYR C 1 14 ? -19.604 2.524   18.832  1.00 22.00 ? 14  TYR C CZ  1 
ATOM   640  O OH  . TYR C 1 14 ? -19.670 3.235   17.616  1.00 21.47 ? 14  TYR C OH  1 
ATOM   641  N N   . SER C 1 15 ? -17.971 -1.211  25.007  1.00 25.66 ? 15  SER C N   1 
ATOM   642  C CA  . SER C 1 15 ? -18.200 -1.972  26.245  1.00 27.43 ? 15  SER C CA  1 
ATOM   643  C C   . SER C 1 15 ? -17.202 -1.534  27.332  1.00 27.36 ? 15  SER C C   1 
ATOM   644  O O   . SER C 1 15 ? -16.512 -0.528  27.167  1.00 27.33 ? 15  SER C O   1 
ATOM   645  C CB  . SER C 1 15 ? -18.070 -3.459  25.933  1.00 28.13 ? 15  SER C CB  1 
ATOM   646  O OG  . SER C 1 15 ? -16.840 -3.671  25.245  1.00 30.23 ? 15  SER C OG  1 
ATOM   647  N N   . ALA C 1 16 ? -17.105 -2.274  28.439  1.00 27.15 ? 16  ALA C N   1 
ATOM   648  C CA  . ALA C 1 16 ? -16.151 -1.856  29.479  1.00 25.84 ? 16  ALA C CA  1 
ATOM   649  C C   . ALA C 1 16 ? -14.734 -1.972  28.921  1.00 24.91 ? 16  ALA C C   1 
ATOM   650  O O   . ALA C 1 16 ? -14.487 -2.761  27.987  1.00 24.73 ? 16  ALA C O   1 
ATOM   651  C CB  . ALA C 1 16 ? -16.312 -2.689  30.781  1.00 26.16 ? 16  ALA C CB  1 
ATOM   652  N N   . CYS C 1 17 ? -13.816 -1.161  29.454  1.00 23.17 ? 17  CYS C N   1 
ATOM   653  C CA  . CYS C 1 17 ? -12.401 -1.374  29.206  1.00 21.40 ? 17  CYS C CA  1 
ATOM   654  C C   . CYS C 1 17 ? -11.961 -2.737  29.747  1.00 21.02 ? 17  CYS C C   1 
ATOM   655  O O   . CYS C 1 17 ? -12.384 -3.119  30.840  1.00 19.55 ? 17  CYS C O   1 
ATOM   656  C CB  . CYS C 1 17 ? -11.561 -0.237  29.819  1.00 20.82 ? 17  CYS C CB  1 
ATOM   657  S SG  . CYS C 1 17 ? -11.811 1.342   28.999  1.00 20.50 ? 17  CYS C SG  1 
ATOM   658  N N   . PRO C 1 18 ? -11.131 -3.473  28.976  1.00 19.95 ? 18  PRO C N   1 
ATOM   659  C CA  . PRO C 1 18 ? -10.653 -4.796  29.423  1.00 21.25 ? 18  PRO C CA  1 
ATOM   660  C C   . PRO C 1 18 ? -9.669  -4.745  30.574  1.00 21.32 ? 18  PRO C C   1 
ATOM   661  O O   . PRO C 1 18 ? -9.181  -3.670  30.981  1.00 20.93 ? 18  PRO C O   1 
ATOM   662  C CB  . PRO C 1 18 ? -9.988  -5.399  28.170  1.00 21.49 ? 18  PRO C CB  1 
ATOM   663  C CG  . PRO C 1 18 ? -9.613  -4.194  27.307  1.00 21.18 ? 18  PRO C CG  1 
ATOM   664  C CD  . PRO C 1 18 ? -10.664 -3.150  27.604  1.00 21.40 ? 18  PRO C CD  1 
ATOM   665  N N   . ILE C 1 19 ? -9.396  -5.929  31.103  1.00 21.23 ? 19  ILE C N   1 
ATOM   666  C CA  . ILE C 1 19 ? -8.452  -6.071  32.168  1.00 20.50 ? 19  ILE C CA  1 
ATOM   667  C C   . ILE C 1 19 ? -7.138  -5.430  31.775  1.00 19.65 ? 19  ILE C C   1 
ATOM   668  O O   . ILE C 1 19 ? -6.661  -5.581  30.622  1.00 18.82 ? 19  ILE C O   1 
ATOM   669  C CB  . ILE C 1 19 ? -8.260  -7.587  32.531  1.00 20.83 ? 19  ILE C CB  1 
ATOM   670  C CG1 . ILE C 1 19 ? -7.587  -7.689  33.896  1.00 20.97 ? 19  ILE C CG1 1 
ATOM   671  C CG2 . ILE C 1 19 ? -7.536  -8.390  31.391  1.00 20.68 ? 19  ILE C CG2 1 
ATOM   672  C CD1 . ILE C 1 19 ? -7.659  -9.148  34.491  1.00 21.54 ? 19  ILE C CD1 1 
ATOM   673  N N   . PHE C 1 20 ? -6.588  -4.685  32.730  1.00 18.60 ? 20  PHE C N   1 
ATOM   674  C CA  . PHE C 1 20 ? -5.299  -4.034  32.620  1.00 17.73 ? 20  PHE C CA  1 
ATOM   675  C C   . PHE C 1 20 ? -5.323  -2.747  31.798  1.00 17.75 ? 20  PHE C C   1 
ATOM   676  O O   . PHE C 1 20 ? -4.295  -2.243  31.388  1.00 17.87 ? 20  PHE C O   1 
ATOM   677  C CB  . PHE C 1 20 ? -4.200  -4.996  32.156  1.00 18.98 ? 20  PHE C CB  1 
ATOM   678  C CG  . PHE C 1 20 ? -4.103  -6.206  33.013  1.00 19.10 ? 20  PHE C CG  1 
ATOM   679  C CD1 . PHE C 1 20 ? -4.203  -7.483  32.464  1.00 22.88 ? 20  PHE C CD1 1 
ATOM   680  C CD2 . PHE C 1 20 ? -3.921  -6.068  34.388  1.00 19.42 ? 20  PHE C CD2 1 
ATOM   681  C CE1 . PHE C 1 20 ? -4.146  -8.626  33.269  1.00 20.36 ? 20  PHE C CE1 1 
ATOM   682  C CE2 . PHE C 1 20 ? -3.831  -7.199  35.190  1.00 19.41 ? 20  PHE C CE2 1 
ATOM   683  C CZ  . PHE C 1 20 ? -3.958  -8.475  34.637  1.00 20.57 ? 20  PHE C CZ  1 
ATOM   684  N N   . THR C 1 21 ? -6.510  -2.214  31.597  1.00 18.00 ? 21  THR C N   1 
ATOM   685  C CA  . THR C 1 21 ? -6.645  -0.924  30.899  1.00 18.59 ? 21  THR C CA  1 
ATOM   686  C C   . THR C 1 21 ? -7.646  -0.071  31.665  1.00 20.43 ? 21  THR C C   1 
ATOM   687  O O   . THR C 1 21 ? -8.425  -0.587  32.487  1.00 20.77 ? 21  THR C O   1 
ATOM   688  C CB  . THR C 1 21 ? -7.144  -1.100  29.453  1.00 18.59 ? 21  THR C CB  1 
ATOM   689  O OG1 . THR C 1 21 ? -8.519  -1.501  29.467  1.00 16.45 ? 21  THR C OG1 1 
ATOM   690  C CG2 . THR C 1 21 ? -6.300  -2.162  28.742  1.00 16.87 ? 21  THR C CG2 1 
ATOM   691  N N   . LYS C 1 22 ? -7.616  1.239   31.415  1.00 20.31 ? 22  LYS C N   1 
ATOM   692  C CA  . LYS C 1 22 ? -8.631  2.106   32.009  1.00 20.79 ? 22  LYS C CA  1 
ATOM   693  C C   . LYS C 1 22 ? -9.178  3.097   30.990  1.00 19.51 ? 22  LYS C C   1 
ATOM   694  O O   . LYS C 1 22 ? -8.548  3.309   29.962  1.00 17.04 ? 22  LYS C O   1 
ATOM   695  C CB  . LYS C 1 22 ? -8.046  2.825   33.213  1.00 21.04 ? 22  LYS C CB  1 
ATOM   696  C CG  . LYS C 1 22 ? -6.821  3.695   32.961  1.00 23.23 ? 22  LYS C CG  1 
ATOM   697  C CD  . LYS C 1 22 ? -6.330  4.271   34.323  1.00 25.62 ? 22  LYS C CD  1 
ATOM   698  C CE  . LYS C 1 22 ? -4.907  4.899   34.235  1.00 31.61 ? 22  LYS C CE  1 
ATOM   699  N NZ  . LYS C 1 22 ? -4.825  6.188   33.464  1.00 35.19 ? 22  LYS C NZ  1 
ATOM   700  N N   . ILE C 1 23 ? -10.337 3.687   31.276  1.00 19.47 ? 23  ILE C N   1 
ATOM   701  C CA  . ILE C 1 23 ? -10.884 4.748   30.393  1.00 20.37 ? 23  ILE C CA  1 
ATOM   702  C C   . ILE C 1 23 ? -9.914  5.938   30.359  1.00 21.32 ? 23  ILE C C   1 
ATOM   703  O O   . ILE C 1 23 ? -9.508  6.478   31.408  1.00 20.62 ? 23  ILE C O   1 
ATOM   704  C CB  . ILE C 1 23 ? -12.289 5.236   30.800  1.00 20.65 ? 23  ILE C CB  1 
ATOM   705  C CG1 . ILE C 1 23 ? -13.320 4.101   30.747  1.00 21.64 ? 23  ILE C CG1 1 
ATOM   706  C CG2 . ILE C 1 23 ? -12.712 6.463   29.916  1.00 21.12 ? 23  ILE C CG2 1 
ATOM   707  C CD1 . ILE C 1 23 ? -14.661 4.433   31.496  1.00 22.13 ? 23  ILE C CD1 1 
ATOM   708  N N   . GLN C 1 24 ? -9.539  6.348   29.153  1.00 21.51 ? 24  GLN C N   1 
ATOM   709  C CA  . GLN C 1 24 ? -8.621  7.479   28.933  1.00 23.65 ? 24  GLN C CA  1 
ATOM   710  C C   . GLN C 1 24 ? -8.900  8.135   27.601  1.00 23.73 ? 24  GLN C C   1 
ATOM   711  O O   . GLN C 1 24 ? -8.151  7.914   26.638  1.00 26.12 ? 24  GLN C O   1 
ATOM   712  C CB  . GLN C 1 24 ? -7.182  6.981   28.894  1.00 24.90 ? 24  GLN C CB  1 
ATOM   713  C CG  . GLN C 1 24 ? -6.594  6.863   30.262  1.00 29.05 ? 24  GLN C CG  1 
ATOM   714  C CD  . GLN C 1 24 ? -5.216  6.339   30.241  1.00 34.18 ? 24  GLN C CD  1 
ATOM   715  O OE1 . GLN C 1 24 ? -4.968  5.203   30.669  1.00 37.12 ? 24  GLN C OE1 1 
ATOM   716  N NE2 . GLN C 1 24 ? -4.283  7.158   29.758  1.00 34.92 ? 24  GLN C NE2 1 
ATOM   717  N N   . GLY C 1 25 ? -9.977  8.904   27.526  1.00 23.14 ? 25  GLY C N   1 
ATOM   718  C CA  . GLY C 1 25 ? -10.421 9.507   26.265  1.00 20.26 ? 25  GLY C CA  1 
ATOM   719  C C   . GLY C 1 25 ? -11.618 8.821   25.643  1.00 19.41 ? 25  GLY C C   1 
ATOM   720  O O   . GLY C 1 25 ? -12.179 7.854   26.207  1.00 17.60 ? 25  GLY C O   1 
ATOM   721  N N   . THR C 1 26 ? -12.001 9.312   24.454  1.00 18.26 ? 26  THR C N   1 
ATOM   722  C CA  . THR C 1 26 ? -13.208 8.822   23.756  1.00 18.04 ? 26  THR C CA  1 
ATOM   723  C C   . THR C 1 26 ? -12.892 8.521   22.294  1.00 16.07 ? 26  THR C C   1 
ATOM   724  O O   . THR C 1 26 ? -11.820 8.908   21.798  1.00 16.82 ? 26  THR C O   1 
ATOM   725  C CB  . THR C 1 26 ? -14.419 9.822   23.804  1.00 18.00 ? 26  THR C CB  1 
ATOM   726  O OG1 . THR C 1 26 ? -14.138 10.960  22.967  1.00 18.86 ? 26  THR C OG1 1 
ATOM   727  C CG2 . THR C 1 26 ? -14.744 10.279  25.248  1.00 19.28 ? 26  THR C CG2 1 
ATOM   728  N N   . CYS C 1 27 ? -13.842 7.861   21.621  1.00 15.12 ? 27  CYS C N   1 
ATOM   729  C CA  . CYS C 1 27 ? -13.756 7.474   20.231  1.00 15.22 ? 27  CYS C CA  1 
ATOM   730  C C   . CYS C 1 27 ? -15.153 7.622   19.619  1.00 15.36 ? 27  CYS C C   1 
ATOM   731  O O   . CYS C 1 27 ? -16.153 7.591   20.344  1.00 16.11 ? 27  CYS C O   1 
ATOM   732  C CB  . CYS C 1 27 ? -13.336 5.986   20.111  1.00 16.17 ? 27  CYS C CB  1 
ATOM   733  S SG  . CYS C 1 27 ? -11.739 5.703   20.663  1.00 15.79 ? 27  CYS C SG  1 
ATOM   734  N N   . TYR C 1 28 ? -15.224 7.748   18.283  1.00 13.54 ? 28  TYR C N   1 
ATOM   735  C CA  . TYR C 1 28 ? -16.457 7.562   17.561  1.00 14.37 ? 28  TYR C CA  1 
ATOM   736  C C   . TYR C 1 28 ? -17.462 8.632   17.948  1.00 15.33 ? 28  TYR C C   1 
ATOM   737  O O   . TYR C 1 28 ? -18.572 8.308   18.386  1.00 15.01 ? 28  TYR C O   1 
ATOM   738  C CB  . TYR C 1 28 ? -17.050 6.153   17.748  1.00 13.99 ? 28  TYR C CB  1 
ATOM   739  C CG  . TYR C 1 28 ? -16.064 5.046   17.452  1.00 13.61 ? 28  TYR C CG  1 
ATOM   740  C CD1 . TYR C 1 28 ? -16.199 3.760   18.054  1.00 14.59 ? 28  TYR C CD1 1 
ATOM   741  C CD2 . TYR C 1 28 ? -14.995 5.264   16.553  1.00 11.03 ? 28  TYR C CD2 1 
ATOM   742  C CE1 . TYR C 1 28 ? -15.255 2.696   17.729  1.00 13.97 ? 28  TYR C CE1 1 
ATOM   743  C CE2 . TYR C 1 28 ? -14.065 4.261   16.265  1.00 14.97 ? 28  TYR C CE2 1 
ATOM   744  C CZ  . TYR C 1 28 ? -14.195 2.987   16.833  1.00 16.80 ? 28  TYR C CZ  1 
ATOM   745  O OH  . TYR C 1 28 ? -13.222 2.060   16.473  1.00 18.59 ? 28  TYR C OH  1 
ATOM   746  N N   . ARG C 1 29 ? -17.028 9.879   17.745  1.00 16.11 ? 29  ARG C N   1 
ATOM   747  C CA  . ARG C 1 29 ? -17.815 11.096  18.016  1.00 17.99 ? 29  ARG C CA  1 
ATOM   748  C C   . ARG C 1 29 ? -18.323 11.037  19.471  1.00 19.37 ? 29  ARG C C   1 
ATOM   749  O O   . ARG C 1 29 ? -19.499 11.302  19.742  1.00 21.06 ? 29  ARG C O   1 
ATOM   750  C CB  . ARG C 1 29 ? -18.985 11.228  17.054  1.00 17.68 ? 29  ARG C CB  1 
ATOM   751  C CG  . ARG C 1 29 ? -18.616 11.321  15.566  1.00 16.26 ? 29  ARG C CG  1 
ATOM   752  C CD  . ARG C 1 29 ? -17.740 12.559  15.256  1.00 15.85 ? 29  ARG C CD  1 
ATOM   753  N NE  . ARG C 1 29 ? -17.695 12.757  13.798  1.00 18.07 ? 29  ARG C NE  1 
ATOM   754  C CZ  . ARG C 1 29 ? -16.629 12.577  13.034  1.00 19.15 ? 29  ARG C CZ  1 
ATOM   755  N NH1 . ARG C 1 29 ? -15.460 12.273  13.568  1.00 22.12 ? 29  ARG C NH1 1 
ATOM   756  N NH2 . ARG C 1 29 ? -16.730 12.751  11.718  1.00 17.70 ? 29  ARG C NH2 1 
ATOM   757  N N   . GLY C 1 30 ? -17.448 10.589  20.365  1.00 19.73 ? 30  GLY C N   1 
ATOM   758  C CA  . GLY C 1 30 ? -17.687 10.608  21.810  1.00 19.77 ? 30  GLY C CA  1 
ATOM   759  C C   . GLY C 1 30 ? -18.531 9.457   22.337  1.00 20.70 ? 30  GLY C C   1 
ATOM   760  O O   . GLY C 1 30 ? -18.815 9.418   23.543  1.00 20.89 ? 30  GLY C O   1 
ATOM   761  N N   . ALA C 1 31 ? -18.965 8.553   21.454  1.00 19.35 ? 31  ALA C N   1 
ATOM   762  C CA  . ALA C 1 31 ? -19.882 7.469   21.805  1.00 20.54 ? 31  ALA C CA  1 
ATOM   763  C C   . ALA C 1 31 ? -19.191 6.236   22.393  1.00 20.42 ? 31  ALA C C   1 
ATOM   764  O O   . ALA C 1 31 ? -19.883 5.311   22.937  1.00 21.78 ? 31  ALA C O   1 
ATOM   765  C CB  . ALA C 1 31 ? -20.730 7.052   20.591  1.00 20.70 ? 31  ALA C CB  1 
ATOM   766  N N   . ALA C 1 32 ? -17.867 6.185   22.289  1.00 18.72 ? 32  ALA C N   1 
ATOM   767  C CA  . ALA C 1 32 ? -17.121 5.025   22.798  1.00 18.13 ? 32  ALA C CA  1 
ATOM   768  C C   . ALA C 1 32 ? -15.978 5.530   23.654  1.00 18.40 ? 32  ALA C C   1 
ATOM   769  O O   . ALA C 1 32 ? -15.667 6.714   23.613  1.00 17.39 ? 32  ALA C O   1 
ATOM   770  C CB  . ALA C 1 32 ? -16.635 4.152   21.635  1.00 18.08 ? 32  ALA C CB  1 
ATOM   771  N N   . LYS C 1 33 ? -15.366 4.631   24.427  1.00 17.43 ? 33  LYS C N   1 
ATOM   772  C CA  . LYS C 1 33 ? -14.240 4.927   25.273  1.00 18.32 ? 33  LYS C CA  1 
ATOM   773  C C   . LYS C 1 33 ? -12.960 4.523   24.574  1.00 16.77 ? 33  LYS C C   1 
ATOM   774  O O   . LYS C 1 33 ? -12.918 3.550   23.799  1.00 16.65 ? 33  LYS C O   1 
ATOM   775  C CB  . LYS C 1 33 ? -14.341 4.120   26.581  1.00 18.92 ? 33  LYS C CB  1 
ATOM   776  C CG  . LYS C 1 33 ? -15.675 4.273   27.303  1.00 24.44 ? 33  LYS C CG  1 
ATOM   777  C CD  . LYS C 1 33 ? -15.833 3.156   28.333  1.00 32.16 ? 33  LYS C CD  1 
ATOM   778  C CE  . LYS C 1 33 ? -17.275 2.628   28.344  1.00 35.02 ? 33  LYS C CE  1 
ATOM   779  N NZ  . LYS C 1 33 ? -17.309 1.294   28.989  1.00 40.10 ? 33  LYS C NZ  1 
ATOM   780  N N   . CYS C 1 34 ? -11.927 5.316   24.810  1.00 15.17 ? 34  CYS C N   1 
ATOM   781  C CA  . CYS C 1 34 ? -10.566 4.938   24.487  1.00 14.03 ? 34  CYS C CA  1 
ATOM   782  C C   . CYS C 1 34 ? -10.016 4.285   25.751  1.00 15.21 ? 34  CYS C C   1 
ATOM   783  O O   . CYS C 1 34 ? -9.961  4.932   26.822  1.00 15.58 ? 34  CYS C O   1 
ATOM   784  C CB  . CYS C 1 34 ? -9.716  6.154   24.101  1.00 14.03 ? 34  CYS C CB  1 
ATOM   785  S SG  . CYS C 1 34 ? -8.026  5.687   23.822  1.00 16.66 ? 34  CYS C SG  1 
ATOM   786  N N   . CYS C 1 35 ? -9.651  3.002   25.634  1.00 15.05 ? 35  CYS C N   1 
ATOM   787  C CA  . CYS C 1 35 ? -9.200  2.221   26.799  1.00 15.17 ? 35  CYS C CA  1 
ATOM   788  C C   . CYS C 1 35 ? -7.727  2.040   26.620  1.00 15.88 ? 35  CYS C C   1 
ATOM   789  O O   . CYS C 1 35 ? -7.261  1.693   25.511  1.00 16.03 ? 35  CYS C O   1 
ATOM   790  C CB  . CYS C 1 35 ? -9.893  0.839   26.905  1.00 14.57 ? 35  CYS C CB  1 
ATOM   791  S SG  . CYS C 1 35 ? -11.569 0.867   27.042  1.00 19.05 ? 35  CYS C SG  1 
ATOM   792  N N   . LYS C 1 36 ? -6.974  2.343   27.676  1.00 16.80 ? 36  LYS C N   1 
ATOM   793  C CA  . LYS C 1 36 ? -5.532  2.150   27.670  1.00 17.90 ? 36  LYS C CA  1 
ATOM   794  C C   . LYS C 1 36 ? -4.995  1.855   29.075  1.00 18.53 ? 36  LYS C C   1 
ATOM   795  O O   . LYS C 1 36 ? -3.998  1.155   29.201  1.00 19.23 ? 36  LYS C O   1 
ATOM   796  C CB  . LYS C 1 36 ? -4.806  3.354   27.039  1.00 20.20 ? 36  LYS C CB  1 
ATOM   797  C CG  . LYS C 1 36 ? -3.343  3.068   26.658  1.00 23.06 ? 36  LYS C CG  1 
ATOM   798  C CD  . LYS C 1 36 ? -2.504  4.360   26.781  1.00 28.15 ? 36  LYS C CD  1 
ATOM   799  C CE  . LYS C 1 36 ? -1.054  4.222   26.310  1.00 28.00 ? 36  LYS C CE  1 
ATOM   800  N NZ  . LYS C 1 36 ? -0.329  2.978   26.720  1.00 34.43 ? 36  LYS C NZ  1 
ATOM   801  O OXT . LYS C 1 36 ? -5.548  2.281   30.081  1.00 18.33 ? 36  LYS C OXT 1 
ATOM   802  N N   . ASP D 1 1  ? 0.512   -16.105 -1.274  1.00 17.10 ? 1   ASP D N   1 
ATOM   803  C CA  . ASP D 1 1  ? 1.623   -16.825 -0.553  1.00 17.42 ? 1   ASP D CA  1 
ATOM   804  C C   . ASP D 1 1  ? 1.411   -18.349 -0.654  1.00 17.03 ? 1   ASP D C   1 
ATOM   805  O O   . ASP D 1 1  ? 0.434   -18.776 -1.251  1.00 16.90 ? 1   ASP D O   1 
ATOM   806  C CB  . ASP D 1 1  ? 1.723   -16.376 0.928   1.00 17.97 ? 1   ASP D CB  1 
ATOM   807  C CG  . ASP D 1 1  ? 0.474   -16.700 1.727   1.00 18.01 ? 1   ASP D CG  1 
ATOM   808  O OD1 . ASP D 1 1  ? -0.466  -17.320 1.187   1.00 13.70 ? 1   ASP D OD1 1 
ATOM   809  O OD2 . ASP D 1 1  ? 0.423   -16.276 2.914   1.00 15.49 ? 1   ASP D OD2 1 
ATOM   810  N N   . HIS D 1 2  ? 2.322   -19.141 -0.071  1.00 17.46 ? 2   HIS D N   1 
ATOM   811  C CA  . HIS D 1 2  ? 2.219   -20.626 -0.138  1.00 17.94 ? 2   HIS D CA  1 
ATOM   812  C C   . HIS D 1 2  ? 0.810   -21.121 0.227   1.00 17.21 ? 2   HIS D C   1 
ATOM   813  O O   . HIS D 1 2  ? 0.196   -21.961 -0.487  1.00 17.70 ? 2   HIS D O   1 
ATOM   814  C CB  . HIS D 1 2  ? 3.304   -21.259 0.763   1.00 17.04 ? 2   HIS D CB  1 
ATOM   815  C CG  . HIS D 1 2  ? 3.195   -22.757 0.898   1.00 19.05 ? 2   HIS D CG  1 
ATOM   816  N ND1 . HIS D 1 2  ? 2.720   -23.362 2.041   1.00 19.56 ? 2   HIS D ND1 1 
ATOM   817  C CD2 . HIS D 1 2  ? 3.554   -23.763 0.059   1.00 20.81 ? 2   HIS D CD2 1 
ATOM   818  C CE1 . HIS D 1 2  ? 2.762   -24.676 1.893   1.00 21.60 ? 2   HIS D CE1 1 
ATOM   819  N NE2 . HIS D 1 2  ? 3.258   -24.949 0.693   1.00 21.07 ? 2   HIS D NE2 1 
ATOM   820  N N   . TYR D 1 3  ? 0.293   -20.594 1.351   1.00 17.17 ? 3   TYR D N   1 
ATOM   821  C CA  . TYR D 1 3  ? -0.981  -21.025 1.900   1.00 17.25 ? 3   TYR D CA  1 
ATOM   822  C C   . TYR D 1 3  ? -2.093  -20.748 0.899   1.00 17.06 ? 3   TYR D C   1 
ATOM   823  O O   . TYR D 1 3  ? -2.819  -21.650 0.519   1.00 14.84 ? 3   TYR D O   1 
ATOM   824  C CB  . TYR D 1 3  ? -1.304  -20.372 3.262   1.00 17.89 ? 3   TYR D CB  1 
ATOM   825  C CG  . TYR D 1 3  ? -2.583  -20.877 3.873   1.00 18.85 ? 3   TYR D CG  1 
ATOM   826  C CD1 . TYR D 1 3  ? -2.572  -21.895 4.848   1.00 18.29 ? 3   TYR D CD1 1 
ATOM   827  C CD2 . TYR D 1 3  ? -3.805  -20.326 3.518   1.00 19.32 ? 3   TYR D CD2 1 
ATOM   828  C CE1 . TYR D 1 3  ? -3.771  -22.348 5.413   1.00 19.48 ? 3   TYR D CE1 1 
ATOM   829  C CE2 . TYR D 1 3  ? -5.006  -20.764 4.089   1.00 22.14 ? 3   TYR D CE2 1 
ATOM   830  C CZ  . TYR D 1 3  ? -4.970  -21.778 5.041   1.00 19.21 ? 3   TYR D CZ  1 
ATOM   831  O OH  . TYR D 1 3  ? -6.165  -22.181 5.571   1.00 20.13 ? 3   TYR D OH  1 
ATOM   832  N N   . ASN D 1 4  ? -2.211  -19.496 0.445   1.00 17.67 ? 4   ASN D N   1 
ATOM   833  C CA  . ASN D 1 4  ? -3.246  -19.147 -0.529  1.00 17.51 ? 4   ASN D CA  1 
ATOM   834  C C   . ASN D 1 4  ? -3.078  -19.846 -1.891  1.00 16.88 ? 4   ASN D C   1 
ATOM   835  O O   . ASN D 1 4  ? -4.055  -20.135 -2.568  1.00 17.58 ? 4   ASN D O   1 
ATOM   836  C CB  . ASN D 1 4  ? -3.331  -17.628 -0.752  1.00 18.62 ? 4   ASN D CB  1 
ATOM   837  C CG  . ASN D 1 4  ? -3.968  -16.881 0.453   1.00 24.32 ? 4   ASN D CG  1 
ATOM   838  O OD1 . ASN D 1 4  ? -4.915  -17.369 1.093   1.00 26.97 ? 4   ASN D OD1 1 
ATOM   839  N ND2 . ASN D 1 4  ? -3.476  -15.668 0.716   1.00 28.21 ? 4   ASN D ND2 1 
ATOM   840  N N   . CYS D 1 5  ? -1.847  -20.087 -2.289  1.00 17.46 ? 5   CYS D N   1 
ATOM   841  C CA  . CYS D 1 5  ? -1.544  -20.668 -3.581  1.00 17.73 ? 5   CYS D CA  1 
ATOM   842  C C   . CYS D 1 5  ? -2.078  -22.101 -3.626  1.00 19.14 ? 5   CYS D C   1 
ATOM   843  O O   . CYS D 1 5  ? -2.839  -22.483 -4.519  1.00 19.22 ? 5   CYS D O   1 
ATOM   844  C CB  . CYS D 1 5  ? -0.029  -20.688 -3.753  1.00 17.83 ? 5   CYS D CB  1 
ATOM   845  S SG  . CYS D 1 5  ? 0.469   -21.269 -5.361  1.00 17.88 ? 5   CYS D SG  1 
ATOM   846  N N   . VAL D 1 6  ? -1.661  -22.901 -2.657  1.00 19.73 ? 6   VAL D N   1 
ATOM   847  C CA  . VAL D 1 6  ? -2.103  -24.277 -2.588  1.00 20.35 ? 6   VAL D CA  1 
ATOM   848  C C   . VAL D 1 6  ? -3.617  -24.383 -2.339  1.00 21.30 ? 6   VAL D C   1 
ATOM   849  O O   . VAL D 1 6  ? -4.314  -25.211 -2.963  1.00 21.54 ? 6   VAL D O   1 
ATOM   850  C CB  . VAL D 1 6  ? -1.269  -25.075 -1.554  1.00 19.81 ? 6   VAL D CB  1 
ATOM   851  C CG1 . VAL D 1 6  ? -1.823  -26.493 -1.400  1.00 20.49 ? 6   VAL D CG1 1 
ATOM   852  C CG2 . VAL D 1 6  ? 0.226   -25.100 -1.960  1.00 19.82 ? 6   VAL D CG2 1 
ATOM   853  N N   . SER D 1 7  ? -4.164  -23.521 -1.479  1.00 22.23 ? 7   SER D N   1 
ATOM   854  C CA  . SER D 1 7  ? -5.587  -23.589 -1.204  1.00 23.96 ? 7   SER D CA  1 
ATOM   855  C C   . SER D 1 7  ? -6.418  -23.240 -2.452  1.00 24.72 ? 7   SER D C   1 
ATOM   856  O O   . SER D 1 7  ? -7.562  -23.662 -2.586  1.00 23.75 ? 7   SER D O   1 
ATOM   857  C CB  . SER D 1 7  ? -5.944  -22.739 0.017   1.00 24.55 ? 7   SER D CB  1 
ATOM   858  O OG  . SER D 1 7  ? -6.233  -21.423 -0.356  1.00 28.61 ? 7   SER D OG  1 
ATOM   859  N N   . SER D 1 8  ? -5.812  -22.507 -3.378  1.00 25.14 ? 8   SER D N   1 
ATOM   860  C CA  . SER D 1 8  ? -6.504  -22.117 -4.620  1.00 27.28 ? 8   SER D CA  1 
ATOM   861  C C   . SER D 1 8  ? -6.375  -23.148 -5.753  1.00 27.83 ? 8   SER D C   1 
ATOM   862  O O   . SER D 1 8  ? -7.082  -23.057 -6.769  1.00 29.33 ? 8   SER D O   1 
ATOM   863  C CB  . SER D 1 8  ? -6.005  -20.732 -5.083  1.00 26.93 ? 8   SER D CB  1 
ATOM   864  O OG  . SER D 1 8  ? -4.659  -20.808 -5.531  1.00 29.59 ? 8   SER D OG  1 
ATOM   865  N N   . GLY D 1 9  ? -5.484  -24.127 -5.600  1.00 27.70 ? 9   GLY D N   1 
ATOM   866  C CA  . GLY D 1 9  ? -5.228  -25.077 -6.689  1.00 26.93 ? 9   GLY D CA  1 
ATOM   867  C C   . GLY D 1 9  ? -3.894  -24.926 -7.393  1.00 26.65 ? 9   GLY D C   1 
ATOM   868  O O   . GLY D 1 9  ? -3.572  -25.697 -8.324  1.00 26.46 ? 9   GLY D O   1 
ATOM   869  N N   . GLY D 1 10 ? -3.090  -23.959 -6.950  1.00 24.48 ? 10  GLY D N   1 
ATOM   870  C CA  . GLY D 1 10 ? -1.793  -23.699 -7.557  1.00 23.61 ? 10  GLY D CA  1 
ATOM   871  C C   . GLY D 1 10 ? -0.651  -24.491 -6.966  1.00 23.14 ? 10  GLY D C   1 
ATOM   872  O O   . GLY D 1 10 ? -0.834  -25.170 -5.942  1.00 24.41 ? 10  GLY D O   1 
ATOM   873  N N   . GLN D 1 11 ? 0.515   -24.431 -7.615  1.00 21.97 ? 11  GLN D N   1 
ATOM   874  C CA  . GLN D 1 11 ? 1.785   -24.881 -7.032  1.00 22.45 ? 11  GLN D CA  1 
ATOM   875  C C   . GLN D 1 11 ? 2.765   -23.744 -6.930  1.00 21.14 ? 11  GLN D C   1 
ATOM   876  O O   . GLN D 1 11 ? 2.739   -22.794 -7.746  1.00 20.41 ? 11  GLN D O   1 
ATOM   877  C CB  . GLN D 1 11 ? 2.486   -25.930 -7.888  1.00 22.50 ? 11  GLN D CB  1 
ATOM   878  C CG  . GLN D 1 11 ? 1.595   -26.734 -8.781  1.00 24.13 ? 11  GLN D CG  1 
ATOM   879  C CD  . GLN D 1 11 ? 2.380   -27.534 -9.811  1.00 26.14 ? 11  GLN D CD  1 
ATOM   880  O OE1 . GLN D 1 11 ? 3.328   -28.281 -9.488  1.00 26.97 ? 11  GLN D OE1 1 
ATOM   881  N NE2 . GLN D 1 11 ? 2.007   -27.367 -11.065 1.00 24.99 ? 11  GLN D NE2 1 
ATOM   882  N N   . CYS D 1 12 ? 3.666   -23.887 -5.954  1.00 20.36 ? 12  CYS D N   1 
ATOM   883  C CA  . CYS D 1 12 ? 4.764   -22.975 -5.699  1.00 19.87 ? 12  CYS D CA  1 
ATOM   884  C C   . CYS D 1 12 ? 6.012   -23.521 -6.406  1.00 21.14 ? 12  CYS D C   1 
ATOM   885  O O   . CYS D 1 12 ? 6.536   -24.616 -6.076  1.00 22.19 ? 12  CYS D O   1 
ATOM   886  C CB  . CYS D 1 12 ? 4.969   -22.811 -4.192  1.00 19.70 ? 12  CYS D CB  1 
ATOM   887  S SG  . CYS D 1 12 ? 3.508   -22.175 -3.393  1.00 17.81 ? 12  CYS D SG  1 
ATOM   888  N N   . LEU D 1 13 ? 6.448   -22.781 -7.422  1.00 20.53 ? 13  LEU D N   1 
ATOM   889  C CA  . LEU D 1 13 ? 7.507   -23.228 -8.338  1.00 21.36 ? 13  LEU D CA  1 
ATOM   890  C C   . LEU D 1 13 ? 8.556   -22.154 -8.524  1.00 21.59 ? 13  LEU D C   1 
ATOM   891  O O   . LEU D 1 13 ? 8.232   -20.991 -8.799  1.00 21.52 ? 13  LEU D O   1 
ATOM   892  C CB  . LEU D 1 13 ? 6.912   -23.613 -9.694  1.00 21.23 ? 13  LEU D CB  1 
ATOM   893  C CG  . LEU D 1 13 ? 5.928   -24.788 -9.688  1.00 22.30 ? 13  LEU D CG  1 
ATOM   894  C CD1 . LEU D 1 13 ? 5.377   -24.965 -11.092 1.00 22.71 ? 13  LEU D CD1 1 
ATOM   895  C CD2 . LEU D 1 13 ? 6.647   -26.047 -9.244  1.00 22.90 ? 13  LEU D CD2 1 
ATOM   896  N N   . TYR D 1 14 ? 9.812   -22.531 -8.347  1.00 22.15 ? 14  TYR D N   1 
ATOM   897  C CA  . TYR D 1 14 ? 10.897  -21.602 -8.542  1.00 24.25 ? 14  TYR D CA  1 
ATOM   898  C C   . TYR D 1 14 ? 11.220  -21.274 -10.013 1.00 26.90 ? 14  TYR D C   1 
ATOM   899  O O   . TYR D 1 14 ? 11.929  -20.321 -10.265 1.00 28.96 ? 14  TYR D O   1 
ATOM   900  C CB  . TYR D 1 14 ? 12.146  -22.037 -7.792  1.00 23.90 ? 14  TYR D CB  1 
ATOM   901  C CG  . TYR D 1 14 ? 12.073  -21.821 -6.281  1.00 22.42 ? 14  TYR D CG  1 
ATOM   902  C CD1 . TYR D 1 14 ? 11.557  -22.817 -5.458  1.00 23.82 ? 14  TYR D CD1 1 
ATOM   903  C CD2 . TYR D 1 14 ? 12.534  -20.636 -5.687  1.00 24.46 ? 14  TYR D CD2 1 
ATOM   904  C CE1 . TYR D 1 14 ? 11.479  -22.655 -4.090  1.00 22.20 ? 14  TYR D CE1 1 
ATOM   905  C CE2 . TYR D 1 14 ? 12.456  -20.449 -4.286  1.00 21.75 ? 14  TYR D CE2 1 
ATOM   906  C CZ  . TYR D 1 14 ? 11.949  -21.487 -3.509  1.00 23.92 ? 14  TYR D CZ  1 
ATOM   907  O OH  . TYR D 1 14 ? 11.850  -21.374 -2.131  1.00 24.57 ? 14  TYR D OH  1 
ATOM   908  N N   . SER D 1 15 ? 10.689  -22.014 -10.983 1.00 29.15 ? 15  SER D N   1 
ATOM   909  C CA  . SER D 1 15 ? 10.955  -21.670 -12.397 1.00 30.28 ? 15  SER D CA  1 
ATOM   910  C C   . SER D 1 15 ? 9.833   -20.836 -13.084 1.00 31.13 ? 15  SER D C   1 
ATOM   911  O O   . SER D 1 15 ? 8.856   -20.422 -12.438 1.00 30.92 ? 15  SER D O   1 
ATOM   912  C CB  . SER D 1 15 ? 11.353  -22.929 -13.189 1.00 31.39 ? 15  SER D CB  1 
ATOM   913  O OG  . SER D 1 15 ? 12.745  -23.257 -12.997 1.00 31.52 ? 15  SER D OG  1 
ATOM   914  N N   . ALA D 1 16 ? 10.001  -20.531 -14.378 1.00 31.52 ? 16  ALA D N   1 
ATOM   915  C CA  . ALA D 1 16 ? 8.893   -19.959 -15.178 1.00 31.27 ? 16  ALA D CA  1 
ATOM   916  C C   . ALA D 1 16 ? 7.718   -20.929 -15.078 1.00 31.16 ? 16  ALA D C   1 
ATOM   917  O O   . ALA D 1 16 ? 7.939   -22.159 -15.005 1.00 31.00 ? 16  ALA D O   1 
ATOM   918  C CB  . ALA D 1 16 ? 9.326   -19.793 -16.653 1.00 31.17 ? 16  ALA D CB  1 
ATOM   919  N N   . CYS D 1 17 ? 6.477   -20.429 -15.069 1.00 30.76 ? 17  CYS D N   1 
ATOM   920  C CA  . CYS D 1 17 ? 5.334   -21.371 -14.956 1.00 30.03 ? 17  CYS D CA  1 
ATOM   921  C C   . CYS D 1 17 ? 5.227   -22.329 -16.134 1.00 30.44 ? 17  CYS D C   1 
ATOM   922  O O   . CYS D 1 17 ? 5.297   -21.910 -17.311 1.00 30.60 ? 17  CYS D O   1 
ATOM   923  C CB  . CYS D 1 17 ? 3.988   -20.671 -14.795 1.00 29.81 ? 17  CYS D CB  1 
ATOM   924  S SG  . CYS D 1 17 ? 3.753   -19.826 -13.268 1.00 27.93 ? 17  CYS D SG  1 
ATOM   925  N N   . PRO D 1 18 ? 5.040   -23.622 -15.832 1.00 29.85 ? 18  PRO D N   1 
ATOM   926  C CA  . PRO D 1 18 ? 4.888   -24.680 -16.824 1.00 28.84 ? 18  PRO D CA  1 
ATOM   927  C C   . PRO D 1 18 ? 3.679   -24.468 -17.707 1.00 29.04 ? 18  PRO D C   1 
ATOM   928  O O   . PRO D 1 18 ? 2.690   -23.845 -17.291 1.00 27.81 ? 18  PRO D O   1 
ATOM   929  C CB  . PRO D 1 18 ? 4.602   -25.924 -15.978 1.00 29.20 ? 18  PRO D CB  1 
ATOM   930  C CG  . PRO D 1 18 ? 4.073   -25.344 -14.653 1.00 29.36 ? 18  PRO D CG  1 
ATOM   931  C CD  . PRO D 1 18 ? 4.937   -24.142 -14.461 1.00 29.79 ? 18  PRO D CD  1 
ATOM   932  N N   . ILE D 1 19 ? 3.752   -25.049 -18.903 1.00 28.58 ? 19  ILE D N   1 
ATOM   933  C CA  . ILE D 1 19 ? 2.646   -25.011 -19.850 1.00 29.09 ? 19  ILE D CA  1 
ATOM   934  C C   . ILE D 1 19 ? 1.412   -25.514 -19.103 1.00 27.79 ? 19  ILE D C   1 
ATOM   935  O O   . ILE D 1 19 ? 1.536   -26.369 -18.204 1.00 29.18 ? 19  ILE D O   1 
ATOM   936  C CB  . ILE D 1 19 ? 2.955   -25.875 -21.107 1.00 29.39 ? 19  ILE D CB  1 
ATOM   937  C CG1 . ILE D 1 19 ? 1.722   -26.031 -21.977 1.00 30.11 ? 19  ILE D CG1 1 
ATOM   938  C CG2 . ILE D 1 19 ? 3.443   -27.291 -20.708 1.00 31.24 ? 19  ILE D CG2 1 
ATOM   939  C CD1 . ILE D 1 19 ? 2.040   -26.651 -23.319 1.00 33.89 ? 19  ILE D CD1 1 
ATOM   940  N N   . PHE D 1 20 ? 0.270   -24.926 -19.450 1.00 26.93 ? 20  PHE D N   1 
ATOM   941  C CA  . PHE D 1 20 ? -1.056  -25.134 -18.857 1.00 25.81 ? 20  PHE D CA  1 
ATOM   942  C C   . PHE D 1 20 ? -1.378  -24.214 -17.648 1.00 25.53 ? 20  PHE D C   1 
ATOM   943  O O   . PHE D 1 20 ? -2.538  -24.038 -17.271 1.00 25.71 ? 20  PHE D O   1 
ATOM   944  C CB  . PHE D 1 20 ? -1.333  -26.625 -18.567 1.00 26.80 ? 20  PHE D CB  1 
ATOM   945  C CG  . PHE D 1 20 ? -1.297  -27.493 -19.822 1.00 27.64 ? 20  PHE D CG  1 
ATOM   946  C CD1 . PHE D 1 20 ? -0.361  -28.522 -19.942 1.00 27.47 ? 20  PHE D CD1 1 
ATOM   947  C CD2 . PHE D 1 20 ? -2.146  -27.215 -20.903 1.00 27.74 ? 20  PHE D CD2 1 
ATOM   948  C CE1 . PHE D 1 20 ? -0.288  -29.297 -21.121 1.00 28.81 ? 20  PHE D CE1 1 
ATOM   949  C CE2 . PHE D 1 20 ? -2.085  -27.977 -22.094 1.00 29.24 ? 20  PHE D CE2 1 
ATOM   950  C CZ  . PHE D 1 20 ? -1.147  -29.028 -22.190 1.00 29.47 ? 20  PHE D CZ  1 
ATOM   951  N N   . THR D 1 21 ? -0.355  -23.590 -17.080 1.00 23.94 ? 21  THR D N   1 
ATOM   952  C CA  . THR D 1 21 ? -0.562  -22.791 -15.857 1.00 23.00 ? 21  THR D CA  1 
ATOM   953  C C   . THR D 1 21 ? -0.025  -21.388 -16.092 1.00 23.68 ? 21  THR D C   1 
ATOM   954  O O   . THR D 1 21 ? 0.718   -21.153 -17.061 1.00 22.56 ? 21  THR D O   1 
ATOM   955  C CB  . THR D 1 21 ? 0.192   -23.382 -14.677 1.00 21.93 ? 21  THR D CB  1 
ATOM   956  O OG1 . THR D 1 21 ? 1.612   -23.252 -14.865 1.00 20.42 ? 21  THR D OG1 1 
ATOM   957  C CG2 . THR D 1 21 ? -0.148  -24.860 -14.498 1.00 24.78 ? 21  THR D CG2 1 
ATOM   958  N N   . LYS D 1 22 ? -0.392  -20.460 -15.206 1.00 23.42 ? 22  LYS D N   1 
ATOM   959  C CA  . LYS D 1 22 ? 0.209   -19.146 -15.248 1.00 24.15 ? 22  LYS D CA  1 
ATOM   960  C C   . LYS D 1 22 ? 0.331   -18.569 -13.855 1.00 23.28 ? 22  LYS D C   1 
ATOM   961  O O   . LYS D 1 22 ? -0.288  -19.050 -12.902 1.00 23.76 ? 22  LYS D O   1 
ATOM   962  C CB  . LYS D 1 22 ? -0.604  -18.202 -16.125 1.00 25.12 ? 22  LYS D CB  1 
ATOM   963  C CG  . LYS D 1 22 ? -2.094  -18.393 -16.002 1.00 28.80 ? 22  LYS D CG  1 
ATOM   964  C CD  . LYS D 1 22 ? -2.818  -17.570 -17.076 1.00 35.92 ? 22  LYS D CD  1 
ATOM   965  C CE  . LYS D 1 22 ? -4.070  -16.977 -16.468 1.00 37.83 ? 22  LYS D CE  1 
ATOM   966  N NZ  . LYS D 1 22 ? -3.736  -16.337 -15.145 1.00 43.09 ? 22  LYS D NZ  1 
ATOM   967  N N   . ILE D 1 23 ? 1.146   -17.534 -13.763 1.00 23.87 ? 23  ILE D N   1 
ATOM   968  C CA  . ILE D 1 23 ? 1.454   -16.904 -12.486 1.00 23.88 ? 23  ILE D CA  1 
ATOM   969  C C   . ILE D 1 23 ? 0.181   -16.270 -11.914 1.00 23.40 ? 23  ILE D C   1 
ATOM   970  O O   . ILE D 1 23 ? -0.557  -15.611 -12.644 1.00 24.47 ? 23  ILE D O   1 
ATOM   971  C CB  . ILE D 1 23 ? 2.605   -15.912 -12.661 1.00 24.22 ? 23  ILE D CB  1 
ATOM   972  C CG1 . ILE D 1 23 ? 3.103   -15.418 -11.294 1.00 25.10 ? 23  ILE D CG1 1 
ATOM   973  C CG2 . ILE D 1 23 ? 2.167   -14.770 -13.575 1.00 23.54 ? 23  ILE D CG2 1 
ATOM   974  C CD1 . ILE D 1 23 ? 4.340   -14.594 -11.339 1.00 24.91 ? 23  ILE D CD1 1 
ATOM   975  N N   . GLN D 1 24 ? -0.099  -16.518 -10.632 1.00 23.16 ? 24  GLN D N   1 
ATOM   976  C CA  . GLN D 1 24 ? -1.231  -15.895 -9.916  1.00 23.57 ? 24  GLN D CA  1 
ATOM   977  C C   . GLN D 1 24 ? -0.721  -15.161 -8.667  1.00 21.18 ? 24  GLN D C   1 
ATOM   978  O O   . GLN D 1 24 ? -1.505  -14.626 -7.898  1.00 22.05 ? 24  GLN D O   1 
ATOM   979  C CB  . GLN D 1 24 ? -2.258  -16.929 -9.412  1.00 25.23 ? 24  GLN D CB  1 
ATOM   980  C CG  . GLN D 1 24 ? -2.703  -18.034 -10.354 1.00 30.78 ? 24  GLN D CG  1 
ATOM   981  C CD  . GLN D 1 24 ? -3.787  -17.638 -11.366 1.00 35.34 ? 24  GLN D CD  1 
ATOM   982  O OE1 . GLN D 1 24 ? -3.702  -18.006 -12.540 1.00 36.60 ? 24  GLN D OE1 1 
ATOM   983  N NE2 . GLN D 1 24 ? -4.822  -16.914 -10.908 1.00 37.31 ? 24  GLN D NE2 1 
ATOM   984  N N   . GLY D 1 25 ? 0.576   -15.188 -8.441  1.00 20.62 ? 25  GLY D N   1 
ATOM   985  C CA  . GLY D 1 25 ? 1.135   -14.638 -7.213  1.00 19.46 ? 25  GLY D CA  1 
ATOM   986  C C   . GLY D 1 25 ? 2.438   -15.333 -6.910  1.00 18.51 ? 25  GLY D C   1 
ATOM   987  O O   . GLY D 1 25 ? 3.103   -15.848 -7.828  1.00 19.67 ? 25  GLY D O   1 
ATOM   988  N N   . THR D 1 26 ? 2.844   -15.331 -5.639  1.00 18.65 ? 26  THR D N   1 
ATOM   989  C CA  . THR D 1 26 ? 4.171   -15.846 -5.268  1.00 16.96 ? 26  THR D CA  1 
ATOM   990  C C   . THR D 1 26 ? 4.078   -16.745 -4.021  1.00 15.69 ? 26  THR D C   1 
ATOM   991  O O   . THR D 1 26 ? 3.049   -16.824 -3.393  1.00 16.59 ? 26  THR D O   1 
ATOM   992  C CB  . THR D 1 26 ? 5.207   -14.699 -5.025  1.00 17.80 ? 26  THR D CB  1 
ATOM   993  O OG1 . THR D 1 26 ? 4.685   -13.828 -4.019  1.00 21.08 ? 26  THR D OG1 1 
ATOM   994  C CG2 . THR D 1 26 ? 5.521   -13.917 -6.308  1.00 16.30 ? 26  THR D CG2 1 
ATOM   995  N N   . CYS D 1 27 ? 5.158   -17.434 -3.712  1.00 16.66 ? 27  CYS D N   1 
ATOM   996  C CA  . CYS D 1 27 ? 5.299   -18.232 -2.494  1.00 17.30 ? 27  CYS D CA  1 
ATOM   997  C C   . CYS D 1 27 ? 6.713   -18.013 -1.940  1.00 17.10 ? 27  CYS D C   1 
ATOM   998  O O   . CYS D 1 27 ? 7.639   -17.564 -2.669  1.00 17.91 ? 27  CYS D O   1 
ATOM   999  C CB  . CYS D 1 27 ? 5.093   -19.735 -2.789  1.00 16.54 ? 27  CYS D CB  1 
ATOM   1000 S SG  . CYS D 1 27 ? 3.614   -20.138 -3.723  1.00 17.99 ? 27  CYS D SG  1 
ATOM   1001 N N   . TYR D 1 28 ? 6.890   -18.298 -0.646  1.00 16.50 ? 28  TYR D N   1 
ATOM   1002 C CA  . TYR D 1 28 ? 8.253   -18.341 -0.061  1.00 17.21 ? 28  TYR D CA  1 
ATOM   1003 C C   . TYR D 1 28 ? 8.885   -16.962 -0.128  1.00 16.96 ? 28  TYR D C   1 
ATOM   1004 O O   . TYR D 1 28 ? 9.963   -16.763 -0.709  1.00 15.99 ? 28  TYR D O   1 
ATOM   1005 C CB  . TYR D 1 28 ? 9.127   -19.410 -0.761  1.00 17.95 ? 28  TYR D CB  1 
ATOM   1006 C CG  . TYR D 1 28 ? 8.451   -20.769 -0.875  1.00 17.48 ? 28  TYR D CG  1 
ATOM   1007 C CD1 . TYR D 1 28 ? 8.698   -21.601 -1.974  1.00 18.53 ? 28  TYR D CD1 1 
ATOM   1008 C CD2 . TYR D 1 28 ? 7.561   -21.215 0.112   1.00 20.80 ? 28  TYR D CD2 1 
ATOM   1009 C CE1 . TYR D 1 28 ? 8.062   -22.852 -2.091  1.00 19.41 ? 28  TYR D CE1 1 
ATOM   1010 C CE2 . TYR D 1 28 ? 6.914   -22.467 0.019   1.00 22.17 ? 28  TYR D CE2 1 
ATOM   1011 C CZ  . TYR D 1 28 ? 7.182   -23.281 -1.099  1.00 21.59 ? 28  TYR D CZ  1 
ATOM   1012 O OH  . TYR D 1 28 ? 6.573   -24.508 -1.207  1.00 20.98 ? 28  TYR D OH  1 
ATOM   1013 N N   . ARG D 1 29 ? 8.176   -16.022 0.504   1.00 17.85 ? 29  ARG D N   1 
ATOM   1014 C CA  . ARG D 1 29 ? 8.607   -14.657 0.662   1.00 17.89 ? 29  ARG D CA  1 
ATOM   1015 C C   . ARG D 1 29 ? 8.951   -14.090 -0.703  1.00 17.14 ? 29  ARG D C   1 
ATOM   1016 O O   . ARG D 1 29 ? 9.995   -13.467 -0.856  1.00 16.31 ? 29  ARG D O   1 
ATOM   1017 C CB  . ARG D 1 29 ? 9.786   -14.535 1.634   1.00 18.68 ? 29  ARG D CB  1 
ATOM   1018 C CG  . ARG D 1 29 ? 9.457   -14.935 3.074   1.00 19.96 ? 29  ARG D CG  1 
ATOM   1019 C CD  . ARG D 1 29 ? 8.379   -14.027 3.699   1.00 17.76 ? 29  ARG D CD  1 
ATOM   1020 N NE  . ARG D 1 29 ? 8.255   -14.273 5.132   1.00 21.07 ? 29  ARG D NE  1 
ATOM   1021 C CZ  . ARG D 1 29 ? 7.401   -15.098 5.739   1.00 17.19 ? 29  ARG D CZ  1 
ATOM   1022 N NH1 . ARG D 1 29 ? 6.501   -15.835 5.077   1.00 17.97 ? 29  ARG D NH1 1 
ATOM   1023 N NH2 . ARG D 1 29 ? 7.452   -15.176 7.073   1.00 19.21 ? 29  ARG D NH2 1 
ATOM   1024 N N   . GLY D 1 30 ? 8.102   -14.381 -1.686  1.00 16.51 ? 30  GLY D N   1 
ATOM   1025 C CA  . GLY D 1 30 ? 8.214   -13.747 -3.001  1.00 17.71 ? 30  GLY D CA  1 
ATOM   1026 C C   . GLY D 1 30 ? 9.235   -14.386 -3.921  1.00 19.14 ? 30  GLY D C   1 
ATOM   1027 O O   . GLY D 1 30 ? 9.474   -13.899 -5.041  1.00 17.98 ? 30  GLY D O   1 
ATOM   1028 N N   . ALA D 1 31 ? 9.866   -15.466 -3.452  1.00 19.03 ? 31  ALA D N   1 
ATOM   1029 C CA  . ALA D 1 31 ? 10.974  -16.051 -4.185  1.00 19.76 ? 31  ALA D CA  1 
ATOM   1030 C C   . ALA D 1 31 ? 10.486  -17.053 -5.228  1.00 19.83 ? 31  ALA D C   1 
ATOM   1031 O O   . ALA D 1 31 ? 11.175  -17.307 -6.186  1.00 20.63 ? 31  ALA D O   1 
ATOM   1032 C CB  . ALA D 1 31 ? 11.979  -16.688 -3.214  1.00 20.29 ? 31  ALA D CB  1 
ATOM   1033 N N   . ALA D 1 32 ? 9.283   -17.592 -5.071  1.00 19.05 ? 32  ALA D N   1 
ATOM   1034 C CA  . ALA D 1 32 ? 8.773   -18.523 -6.064  1.00 18.87 ? 32  ALA D CA  1 
ATOM   1035 C C   . ALA D 1 32 ? 7.448   -18.033 -6.663  1.00 17.98 ? 32  ALA D C   1 
ATOM   1036 O O   . ALA D 1 32 ? 6.777   -17.166 -6.109  1.00 16.71 ? 32  ALA D O   1 
ATOM   1037 C CB  . ALA D 1 32 ? 8.654   -19.953 -5.474  1.00 19.48 ? 32  ALA D CB  1 
ATOM   1038 N N   . LYS D 1 33 ? 7.068   -18.604 -7.796  1.00 17.32 ? 33  LYS D N   1 
ATOM   1039 C CA  . LYS D 1 33 ? 5.794   -18.260 -8.366  1.00 18.27 ? 33  LYS D CA  1 
ATOM   1040 C C   . LYS D 1 33 ? 4.719   -19.166 -7.852  1.00 17.21 ? 33  LYS D C   1 
ATOM   1041 O O   . LYS D 1 33 ? 4.952   -20.355 -7.620  1.00 18.26 ? 33  LYS D O   1 
ATOM   1042 C CB  . LYS D 1 33 ? 5.862   -18.356 -9.895  1.00 19.19 ? 33  LYS D CB  1 
ATOM   1043 C CG  . LYS D 1 33 ? 6.571   -17.123 -10.525 1.00 22.63 ? 33  LYS D CG  1 
ATOM   1044 C CD  . LYS D 1 33 ? 6.877   -17.366 -11.992 1.00 27.61 ? 33  LYS D CD  1 
ATOM   1045 C CE  . LYS D 1 33 ? 7.616   -16.192 -12.635 1.00 29.07 ? 33  LYS D CE  1 
ATOM   1046 N NZ  . LYS D 1 33 ? 7.007   -15.936 -13.996 1.00 35.87 ? 33  LYS D NZ  1 
ATOM   1047 N N   . CYS D 1 34 ? 3.528   -18.618 -7.733  1.00 15.97 ? 34  CYS D N   1 
ATOM   1048 C CA  . CYS D 1 34 ? 2.323   -19.427 -7.682  1.00 17.14 ? 34  CYS D CA  1 
ATOM   1049 C C   . CYS D 1 34 ? 1.758   -19.616 -9.086  1.00 17.96 ? 34  CYS D C   1 
ATOM   1050 O O   . CYS D 1 34 ? 1.198   -18.672 -9.682  1.00 17.72 ? 34  CYS D O   1 
ATOM   1051 C CB  . CYS D 1 34 ? 1.263   -18.773 -6.798  1.00 16.77 ? 34  CYS D CB  1 
ATOM   1052 S SG  . CYS D 1 34 ? -0.164  -19.788 -6.619  1.00 17.29 ? 34  CYS D SG  1 
ATOM   1053 N N   . CYS D 1 35 ? 1.902   -20.840 -9.591  1.00 18.62 ? 35  CYS D N   1 
ATOM   1054 C CA  . CYS D 1 35 ? 1.468   -21.197 -10.931 1.00 21.93 ? 35  CYS D CA  1 
ATOM   1055 C C   . CYS D 1 35 ? 0.128   -21.925 -10.822 1.00 22.76 ? 35  CYS D C   1 
ATOM   1056 O O   . CYS D 1 35 ? -0.003  -22.930 -10.097 1.00 21.19 ? 35  CYS D O   1 
ATOM   1057 C CB  . CYS D 1 35 ? 2.529   -22.061 -11.645 1.00 21.13 ? 35  CYS D CB  1 
ATOM   1058 S SG  . CYS D 1 35 ? 4.096   -21.251 -11.834 1.00 25.36 ? 35  CYS D SG  1 
ATOM   1059 N N   . LYS D 1 36 ? -0.885  -21.388 -11.485 1.00 24.21 ? 36  LYS D N   1 
ATOM   1060 C CA  . LYS D 1 36 ? -2.156  -22.060 -11.482 1.00 27.27 ? 36  LYS D CA  1 
ATOM   1061 C C   . LYS D 1 36 ? -2.714  -22.241 -12.880 1.00 29.51 ? 36  LYS D C   1 
ATOM   1062 O O   . LYS D 1 36 ? -3.169  -23.353 -13.187 1.00 30.97 ? 36  LYS D O   1 
ATOM   1063 C CB  . LYS D 1 36 ? -3.166  -21.342 -10.603 1.00 27.41 ? 36  LYS D CB  1 
ATOM   1064 C CG  . LYS D 1 36 ? -4.414  -22.146 -10.420 1.00 28.59 ? 36  LYS D CG  1 
ATOM   1065 C CD  . LYS D 1 36 ? -5.521  -21.319 -9.875  1.00 29.33 ? 36  LYS D CD  1 
ATOM   1066 C CE  . LYS D 1 36 ? -6.792  -22.084 -9.972  1.00 31.44 ? 36  LYS D CE  1 
ATOM   1067 N NZ  . LYS D 1 36 ? -7.817  -21.609 -8.979  1.00 31.59 ? 36  LYS D NZ  1 
ATOM   1068 O OXT . LYS D 1 36 ? -2.723  -21.297 -13.671 1.00 30.40 ? 36  LYS D OXT 1 
HETATM 1069 S S   . SO4 E 2 .  ? -7.770  17.158  -32.436 1.00 22.48 ? 301 SO4 A S   1 
HETATM 1070 O O1  . SO4 E 2 .  ? -8.478  17.146  -33.720 1.00 22.75 ? 301 SO4 A O1  1 
HETATM 1071 O O2  . SO4 E 2 .  ? -6.966  15.923  -32.282 1.00 19.46 ? 301 SO4 A O2  1 
HETATM 1072 O O3  . SO4 E 2 .  ? -6.871  18.329  -32.339 1.00 22.84 ? 301 SO4 A O3  1 
HETATM 1073 O O4  . SO4 E 2 .  ? -8.776  17.220  -31.368 1.00 24.35 ? 301 SO4 A O4  1 
HETATM 1074 S S   . SO4 F 2 .  ? 13.089  22.674  -1.986  1.00 17.40 ? 302 SO4 B S   1 
HETATM 1075 O O1  . SO4 F 2 .  ? 12.106  21.850  -2.704  1.00 17.81 ? 302 SO4 B O1  1 
HETATM 1076 O O2  . SO4 F 2 .  ? 13.902  21.877  -1.050  1.00 20.05 ? 302 SO4 B O2  1 
HETATM 1077 O O3  . SO4 F 2 .  ? 13.992  23.297  -2.951  1.00 18.76 ? 302 SO4 B O3  1 
HETATM 1078 O O4  . SO4 F 2 .  ? 12.383  23.682  -1.215  1.00 17.93 ? 302 SO4 B O4  1 
HETATM 1079 S S   . SO4 G 2 .  ? -13.880 9.518   15.676  1.00 18.80 ? 303 SO4 C S   1 
HETATM 1080 O O1  . SO4 G 2 .  ? -14.577 8.454   14.961  1.00 17.79 ? 303 SO4 C O1  1 
HETATM 1081 O O2  . SO4 G 2 .  ? -13.180 8.971   16.814  1.00 18.15 ? 303 SO4 C O2  1 
HETATM 1082 O O3  . SO4 G 2 .  ? -12.896 10.180  14.815  1.00 18.79 ? 303 SO4 C O3  1 
HETATM 1083 O O4  . SO4 G 2 .  ? -14.905 10.455  16.152  1.00 21.19 ? 303 SO4 C O4  1 
HETATM 1084 S S   . SO4 H 2 .  ? -9.097  10.227  10.968  1.00 15.88 ? 304 SO4 C S   1 
HETATM 1085 O O1  . SO4 H 2 .  ? -9.788  9.928   9.760   1.00 14.06 ? 304 SO4 C O1  1 
HETATM 1086 O O2  . SO4 H 2 .  ? -8.453  9.004   11.455  1.00 16.45 ? 304 SO4 C O2  1 
HETATM 1087 O O3  . SO4 H 2 .  ? -8.066  11.253  10.741  1.00 17.82 ? 304 SO4 C O3  1 
HETATM 1088 O O4  . SO4 H 2 .  ? -10.126 10.611  11.966  1.00 20.74 ? 304 SO4 C O4  1 
HETATM 1089 S S   . SO4 I 2 .  ? 1.266   -13.219 -3.439  1.00 29.86 ? 305 SO4 D S   1 
HETATM 1090 O O1  . SO4 I 2 .  ? 0.661   -14.344 -4.133  1.00 33.29 ? 305 SO4 D O1  1 
HETATM 1091 O O2  . SO4 I 2 .  ? 1.502   -13.664 -2.043  1.00 33.18 ? 305 SO4 D O2  1 
HETATM 1092 O O3  . SO4 I 2 .  ? 2.577   -12.900 -3.987  1.00 29.61 ? 305 SO4 D O3  1 
HETATM 1093 O O4  . SO4 I 2 .  ? 0.336   -12.117 -3.443  1.00 30.16 ? 305 SO4 D O4  1 
HETATM 1094 N N   . GLY J 3 .  ? 2.711   -11.135 -1.226  1.00 33.70 ? 401 GLY D N   1 
HETATM 1095 C CA  . GLY J 3 .  ? 2.785   -12.166 -0.165  1.00 33.79 ? 401 GLY D CA  1 
HETATM 1096 C C   . GLY J 3 .  ? 3.820   -13.190 -0.481  1.00 34.02 ? 401 GLY D C   1 
HETATM 1097 O O   . GLY J 3 .  ? 4.920   -13.266 0.095   1.00 34.57 ? 401 GLY D O   1 
HETATM 1098 O OXT . GLY J 3 .  ? 3.543   -13.984 -1.359  1.00 34.86 ? 401 GLY D OXT 1 
HETATM 1099 C C1  . GOL K 4 .  ? 8.575   -13.711 -9.887  1.00 44.51 ? 501 GOL D C1  1 
HETATM 1100 O O1  . GOL K 4 .  ? 7.235   -13.616 -9.471  1.00 41.94 ? 501 GOL D O1  1 
HETATM 1101 C C2  . GOL K 4 .  ? 9.166   -14.917 -9.172  1.00 44.99 ? 501 GOL D C2  1 
HETATM 1102 O O2  . GOL K 4 .  ? 8.887   -14.796 -7.791  1.00 42.57 ? 501 GOL D O2  1 
HETATM 1103 C C3  . GOL K 4 .  ? 10.665  -14.970 -9.394  1.00 45.68 ? 501 GOL D C3  1 
HETATM 1104 O O3  . GOL K 4 .  ? 11.291  -14.671 -8.161  1.00 45.72 ? 501 GOL D O3  1 
HETATM 1105 O O   . HOH L 5 .  ? -12.714 15.323  -23.298 1.00 17.65 ? 302 HOH A O   1 
HETATM 1106 O O   . HOH L 5 .  ? -19.193 9.235   -26.394 1.00 15.58 ? 303 HOH A O   1 
HETATM 1107 O O   . HOH L 5 .  ? -18.661 11.882  -26.331 1.00 23.15 ? 304 HOH A O   1 
HETATM 1108 O O   . HOH L 5 .  ? -6.888  -3.416  -13.960 1.00 26.56 ? 305 HOH A O   1 
HETATM 1109 O O   . HOH L 5 .  ? -3.695  1.156   -9.157  1.00 26.51 ? 306 HOH A O   1 
HETATM 1110 O O   . HOH L 5 .  ? -13.701 2.246   -22.883 1.00 21.77 ? 307 HOH A O   1 
HETATM 1111 O O   . HOH L 5 .  ? -10.237 5.286   -27.147 1.00 24.53 ? 308 HOH A O   1 
HETATM 1112 O O   . HOH L 5 .  ? -7.984  7.531   -10.729 1.00 20.64 ? 309 HOH A O   1 
HETATM 1113 O O   . HOH L 5 .  ? -11.041 4.020   -12.555 1.00 25.51 ? 310 HOH A O   1 
HETATM 1114 O O   . HOH L 5 .  ? -7.991  3.119   -24.997 1.00 26.54 ? 311 HOH A O   1 
HETATM 1115 O O   . HOH L 5 .  ? -7.819  14.000  -30.946 1.00 20.42 ? 312 HOH A O   1 
HETATM 1116 O O   . HOH L 5 .  ? -3.035  5.491   -25.943 1.00 29.64 ? 313 HOH A O   1 
HETATM 1117 O O   . HOH L 5 .  ? -9.588  -0.602  -17.215 1.00 25.98 ? 314 HOH A O   1 
HETATM 1118 O O   . HOH L 5 .  ? -9.946  7.474   -30.795 1.00 22.06 ? 315 HOH A O   1 
HETATM 1119 O O   . HOH L 5 .  ? -7.093  6.203   -26.408 1.00 36.33 ? 316 HOH A O   1 
HETATM 1120 O O   . HOH L 5 .  ? -8.873  5.172   -11.191 1.00 25.79 ? 317 HOH A O   1 
HETATM 1121 O O   . HOH L 5 .  ? -10.664 19.104  -27.889 1.00 29.52 ? 318 HOH A O   1 
HETATM 1122 O O   . HOH L 5 .  ? -7.428  -2.605  -8.606  1.00 29.95 ? 319 HOH A O   1 
HETATM 1123 O O   . HOH L 5 .  ? -11.762 1.750   -10.943 1.00 24.91 ? 320 HOH A O   1 
HETATM 1124 O O   . HOH L 5 .  ? -8.103  -1.868  -19.389 1.00 27.94 ? 321 HOH A O   1 
HETATM 1125 O O   . HOH L 5 .  ? -5.799  -0.827  -20.916 1.00 36.53 ? 322 HOH A O   1 
HETATM 1126 O O   . HOH L 5 .  ? -6.723  15.045  -21.243 1.00 39.27 ? 323 HOH A O   1 
HETATM 1127 O O   . HOH L 5 .  ? 0.567   7.564   -27.164 1.00 31.12 ? 324 HOH A O   1 
HETATM 1128 O O   . HOH L 5 .  ? -2.069  20.537  -26.832 1.00 38.61 ? 325 HOH A O   1 
HETATM 1129 O O   . HOH L 5 .  ? -2.000  2.020   -7.581  1.00 25.99 ? 326 HOH A O   1 
HETATM 1130 O O   . HOH L 5 .  ? -2.915  4.121   -19.728 1.00 24.04 ? 327 HOH A O   1 
HETATM 1131 O O   . HOH L 5 .  ? -16.015 8.856   -17.985 1.00 36.76 ? 328 HOH A O   1 
HETATM 1132 O O   . HOH L 5 .  ? -16.235 1.767   -13.329 1.00 30.98 ? 329 HOH A O   1 
HETATM 1133 O O   . HOH L 5 .  ? -3.330  4.314   -9.508  1.00 33.53 ? 330 HOH A O   1 
HETATM 1134 O O   . HOH L 5 .  ? 4.692   7.815   -21.751 1.00 29.32 ? 331 HOH A O   1 
HETATM 1135 O O   . HOH L 5 .  ? -6.697  6.535   -29.696 1.00 48.61 ? 332 HOH A O   1 
HETATM 1136 O O   . HOH L 5 .  ? -10.343 17.931  -22.006 1.00 32.77 ? 333 HOH A O   1 
HETATM 1137 O O   . HOH L 5 .  ? 1.024   15.033  -30.622 1.00 33.83 ? 334 HOH A O   1 
HETATM 1138 O O   . HOH L 5 .  ? -6.972  3.051   -11.373 1.00 31.38 ? 335 HOH A O   1 
HETATM 1139 O O   . HOH L 5 .  ? -5.764  3.193   -26.950 1.00 36.99 ? 336 HOH A O   1 
HETATM 1140 O O   . HOH L 5 .  ? -10.729 -2.243  -12.957 1.00 52.11 ? 337 HOH A O   1 
HETATM 1141 O O   . HOH L 5 .  ? 2.341   7.950   -19.559 1.00 46.15 ? 338 HOH A O   1 
HETATM 1142 O O   . HOH L 5 .  ? 0.883   5.656   -18.762 1.00 50.51 ? 339 HOH A O   1 
HETATM 1143 O O   . HOH L 5 .  ? -0.372  17.204  -24.591 1.00 38.87 ? 340 HOH A O   1 
HETATM 1144 O O   . HOH L 5 .  ? -5.800  -0.826  -8.127  1.00 28.90 ? 341 HOH A O   1 
HETATM 1145 O O   . HOH L 5 .  ? 1.452   2.076   -15.688 1.00 43.24 ? 342 HOH A O   1 
HETATM 1146 O O   . HOH L 5 .  ? 3.818   13.366  -27.815 1.00 44.21 ? 343 HOH A O   1 
HETATM 1147 O O   . HOH L 5 .  ? -9.270  17.483  -19.463 1.00 37.47 ? 344 HOH A O   1 
HETATM 1148 O O   . HOH L 5 .  ? -13.913 5.302   -12.011 1.00 34.62 ? 345 HOH A O   1 
HETATM 1149 O O   . HOH L 5 .  ? 4.158   10.170  -25.137 1.00 34.54 ? 346 HOH A O   1 
HETATM 1150 O O   . HOH L 5 .  ? -14.990 11.565  -17.558 1.00 35.31 ? 347 HOH A O   1 
HETATM 1151 O O   . HOH L 5 .  ? -4.087  14.989  -20.830 1.00 35.36 ? 348 HOH A O   1 
HETATM 1152 O O   . HOH L 5 .  ? -21.075 12.972  -24.736 1.00 46.10 ? 349 HOH A O   1 
HETATM 1153 O O   . HOH L 5 .  ? 0.224   20.110  -30.110 1.00 33.20 ? 350 HOH A O   1 
HETATM 1154 O O   . HOH L 5 .  ? -9.950  -0.445  -11.329 1.00 47.48 ? 351 HOH A O   1 
HETATM 1155 O O   . HOH L 5 .  ? 2.370   12.129  -18.331 1.00 49.45 ? 352 HOH A O   1 
HETATM 1156 O O   . HOH L 5 .  ? -8.622  14.334  -13.588 1.00 36.45 ? 353 HOH A O   1 
HETATM 1157 O O   . HOH L 5 .  ? -11.861 17.378  -17.956 1.00 47.78 ? 354 HOH A O   1 
HETATM 1158 O O   . HOH L 5 .  ? -11.748 13.081  -15.483 1.00 42.03 ? 355 HOH A O   1 
HETATM 1159 O O   . HOH L 5 .  ? -19.308 3.368   -16.749 1.00 43.13 ? 356 HOH A O   1 
HETATM 1160 O O   . HOH L 5 .  ? -14.173 7.939   -11.492 1.00 36.03 ? 357 HOH A O   1 
HETATM 1161 O O   . HOH L 5 .  ? -4.583  2.673   -19.140 1.00 53.32 ? 358 HOH A O   1 
HETATM 1162 O O   . HOH L 5 .  ? -16.179 15.230  -18.052 1.00 39.38 ? 359 HOH A O   1 
HETATM 1163 O O   . HOH L 5 .  ? -6.593  18.481  -22.763 1.00 49.84 ? 360 HOH A O   1 
HETATM 1164 O O   . HOH L 5 .  ? -19.826 14.317  -21.218 1.00 48.46 ? 361 HOH A O   1 
HETATM 1165 O O   . HOH L 5 .  ? 2.415   16.085  -23.689 1.00 42.67 ? 362 HOH A O   1 
HETATM 1166 O O   . HOH L 5 .  ? -12.685 9.196   -9.741  1.00 51.21 ? 363 HOH A O   1 
HETATM 1167 O O   . HOH L 5 .  ? -6.298  -4.047  -18.159 1.00 50.93 ? 364 HOH A O   1 
HETATM 1168 O O   . HOH L 5 .  ? -0.233  6.986   -12.894 1.00 41.37 ? 365 HOH A O   1 
HETATM 1169 O O   . HOH L 5 .  ? -17.153 5.113   -15.012 1.00 45.68 ? 366 HOH A O   1 
HETATM 1170 O O   . HOH L 5 .  ? -18.647 18.219  -23.021 1.00 56.46 ? 367 HOH A O   1 
HETATM 1171 O O   . HOH L 5 .  ? -0.475  7.840   -24.977 1.00 33.64 ? 368 HOH A O   1 
HETATM 1172 O O   . HOH L 5 .  ? -20.532 15.308  -23.672 1.00 49.07 ? 369 HOH A O   1 
HETATM 1173 O O   . HOH L 5 .  ? -4.124  13.912  -11.290 1.00 43.01 ? 370 HOH A O   1 
HETATM 1174 O O   . HOH L 5 .  ? -2.980  2.818   -25.888 1.00 39.85 ? 371 HOH A O   1 
HETATM 1175 O O   . HOH L 5 .  ? -0.453  17.552  -27.097 1.00 48.70 ? 372 HOH A O   1 
HETATM 1176 O O   . HOH L 5 .  ? -21.071 8.714   -24.314 1.00 40.62 ? 373 HOH A O   1 
HETATM 1177 O O   . HOH L 5 .  ? -4.303  6.373   -30.212 1.00 57.67 ? 374 HOH A O   1 
HETATM 1178 O O   . HOH L 5 .  ? -4.126  21.655  -25.226 1.00 45.38 ? 375 HOH A O   1 
HETATM 1179 O O   . HOH L 5 .  ? -11.417 11.436  -10.521 1.00 53.64 ? 376 HOH A O   1 
HETATM 1180 O O   . HOH L 5 .  ? 1.437   9.468   -14.899 1.00 46.92 ? 377 HOH A O   1 
HETATM 1181 O O   . HOH M 5 .  ? 25.709  10.768  11.477  1.00 13.92 ? 303 HOH B O   1 
HETATM 1182 O O   . HOH M 5 .  ? 8.972   2.268   1.765   1.00 16.33 ? 304 HOH B O   1 
HETATM 1183 O O   . HOH M 5 .  ? 19.411  13.582  9.168   1.00 15.64 ? 305 HOH B O   1 
HETATM 1184 O O   . HOH M 5 .  ? 3.608   5.118   9.758   1.00 20.07 ? 306 HOH B O   1 
HETATM 1185 O O   . HOH M 5 .  ? 16.733  -2.578  -5.129  1.00 16.10 ? 307 HOH B O   1 
HETATM 1186 O O   . HOH M 5 .  ? 19.263  -0.424  -1.757  1.00 22.29 ? 308 HOH B O   1 
HETATM 1187 O O   . HOH M 5 .  ? 15.041  3.032   8.825   1.00 27.20 ? 309 HOH B O   1 
HETATM 1188 O O   . HOH M 5 .  ? 26.743  8.329   10.582  1.00 14.69 ? 310 HOH B O   1 
HETATM 1189 O O   . HOH M 5 .  ? 13.708  22.036  1.624   1.00 15.93 ? 311 HOH B O   1 
HETATM 1190 O O   . HOH M 5 .  ? 14.663  8.625   15.654  1.00 19.84 ? 312 HOH B O   1 
HETATM 1191 O O   . HOH M 5 .  ? 12.936  2.617   -9.082  1.00 20.42 ? 313 HOH B O   1 
HETATM 1192 O O   . HOH M 5 .  ? 6.575   9.070   19.400  1.00 25.77 ? 314 HOH B O   1 
HETATM 1193 O O   . HOH M 5 .  ? 16.334  22.426  -0.265  1.00 17.79 ? 315 HOH B O   1 
HETATM 1194 O O   . HOH M 5 .  ? 11.813  2.947   1.604   1.00 21.28 ? 316 HOH B O   1 
HETATM 1195 O O   . HOH M 5 .  ? 19.083  2.488   9.349   1.00 25.09 ? 317 HOH B O   1 
HETATM 1196 O O   . HOH M 5 .  ? 6.954   12.069  8.653   1.00 34.26 ? 318 HOH B O   1 
HETATM 1197 O O   . HOH M 5 .  ? 14.845  2.226   11.968  1.00 31.72 ? 319 HOH B O   1 
HETATM 1198 O O   . HOH M 5 .  ? 27.818  8.899   5.408   1.00 29.12 ? 320 HOH B O   1 
HETATM 1199 O O   . HOH M 5 .  ? 17.152  0.759   6.564   1.00 21.50 ? 321 HOH B O   1 
HETATM 1200 O O   . HOH M 5 .  ? 2.550   9.412   9.040   1.00 47.14 ? 322 HOH B O   1 
HETATM 1201 O O   . HOH M 5 .  ? 18.951  1.384   -6.761  1.00 37.27 ? 323 HOH B O   1 
HETATM 1202 O O   . HOH M 5 .  ? 12.787  5.185   -7.912  1.00 33.41 ? 324 HOH B O   1 
HETATM 1203 O O   . HOH M 5 .  ? 18.028  3.397   13.719  1.00 17.47 ? 325 HOH B O   1 
HETATM 1204 O O   . HOH M 5 .  ? 16.118  -2.014  1.919   1.00 22.67 ? 326 HOH B O   1 
HETATM 1205 O O   . HOH M 5 .  ? 19.090  -1.097  6.868   1.00 31.73 ? 327 HOH B O   1 
HETATM 1206 O O   . HOH M 5 .  ? 7.872   3.247   -0.477  1.00 21.69 ? 328 HOH B O   1 
HETATM 1207 O O   . HOH M 5 .  ? 3.265   5.339   5.497   1.00 21.63 ? 329 HOH B O   1 
HETATM 1208 O O   . HOH M 5 .  ? 1.745   7.183   6.876   1.00 29.79 ? 330 HOH B O   1 
HETATM 1209 O O   . HOH M 5 .  ? 16.934  8.678   -5.556  1.00 24.34 ? 331 HOH B O   1 
HETATM 1210 O O   . HOH M 5 .  ? 10.388  12.072  6.011   1.00 33.88 ? 332 HOH B O   1 
HETATM 1211 O O   . HOH M 5 .  ? 4.333   6.348   2.323   1.00 37.90 ? 333 HOH B O   1 
HETATM 1212 O O   . HOH M 5 .  ? 14.323  12.349  -5.100  1.00 23.73 ? 334 HOH B O   1 
HETATM 1213 O O   . HOH M 5 .  ? 20.565  3.296   -6.984  1.00 30.86 ? 335 HOH B O   1 
HETATM 1214 O O   . HOH M 5 .  ? 3.911   7.459   15.944  1.00 32.66 ? 336 HOH B O   1 
HETATM 1215 O O   . HOH M 5 .  ? -0.284  11.178  8.726   1.00 36.99 ? 337 HOH B O   1 
HETATM 1216 O O   . HOH M 5 .  ? 6.847   2.518   -8.348  1.00 38.19 ? 338 HOH B O   1 
HETATM 1217 O O   . HOH M 5 .  ? 9.173   7.069   -4.693  1.00 36.06 ? 339 HOH B O   1 
HETATM 1218 O O   . HOH M 5 .  ? 18.287  10.515  -6.675  1.00 33.57 ? 340 HOH B O   1 
HETATM 1219 O O   . HOH M 5 .  ? 16.041  3.964   -6.163  1.00 27.92 ? 341 HOH B O   1 
HETATM 1220 O O   . HOH M 5 .  ? 8.351   1.398   -2.335  1.00 39.32 ? 342 HOH B O   1 
HETATM 1221 O O   . HOH M 5 .  ? 23.973  9.163   2.237   1.00 27.65 ? 343 HOH B O   1 
HETATM 1222 O O   . HOH M 5 .  ? 10.069  5.731   -7.144  1.00 32.70 ? 344 HOH B O   1 
HETATM 1223 O O   . HOH M 5 .  ? 17.765  6.361   -6.389  1.00 31.30 ? 345 HOH B O   1 
HETATM 1224 O O   . HOH M 5 .  ? 11.103  12.898  3.893   1.00 33.95 ? 346 HOH B O   1 
HETATM 1225 O O   . HOH M 5 .  ? 4.655   8.284   13.891  1.00 34.51 ? 347 HOH B O   1 
HETATM 1226 O O   . HOH M 5 .  ? 3.797   9.390   3.616   1.00 34.27 ? 348 HOH B O   1 
HETATM 1227 O O   . HOH M 5 .  ? 7.730   5.100   -3.735  1.00 43.32 ? 349 HOH B O   1 
HETATM 1228 O O   . HOH M 5 .  ? 24.967  17.582  10.279  1.00 46.80 ? 350 HOH B O   1 
HETATM 1229 O O   . HOH M 5 .  ? 13.315  19.921  -4.736  1.00 46.55 ? 351 HOH B O   1 
HETATM 1230 O O   . HOH M 5 .  ? 10.152  2.251   3.640   1.00 55.88 ? 352 HOH B O   1 
HETATM 1231 O O   . HOH M 5 .  ? 14.992  -0.690  8.519   1.00 42.34 ? 353 HOH B O   1 
HETATM 1232 O O   . HOH M 5 .  ? 14.128  1.999   0.576   1.00 33.70 ? 354 HOH B O   1 
HETATM 1233 O O   . HOH M 5 .  ? 21.717  2.058   1.022   1.00 34.65 ? 355 HOH B O   1 
HETATM 1234 O O   . HOH M 5 .  ? 8.173   12.860  6.533   1.00 47.25 ? 356 HOH B O   1 
HETATM 1235 O O   . HOH M 5 .  ? 9.274   3.973   -8.396  1.00 40.76 ? 357 HOH B O   1 
HETATM 1236 O O   . HOH M 5 .  ? 6.926   3.508   -5.645  1.00 44.25 ? 358 HOH B O   1 
HETATM 1237 O O   . HOH M 5 .  ? 27.006  2.879   -1.262  1.00 42.55 ? 359 HOH B O   1 
HETATM 1238 O O   . HOH M 5 .  ? 28.082  3.341   -4.567  1.00 32.20 ? 360 HOH B O   1 
HETATM 1239 O O   . HOH M 5 .  ? 25.929  14.730  7.860   1.00 24.64 ? 361 HOH B O   1 
HETATM 1240 O O   . HOH M 5 .  ? 21.967  1.048   -3.194  1.00 31.54 ? 362 HOH B O   1 
HETATM 1241 O O   . HOH M 5 .  ? 20.065  5.226   -5.372  1.00 32.03 ? 363 HOH B O   1 
HETATM 1242 O O   . HOH M 5 .  ? 23.126  11.887  3.242   1.00 48.44 ? 364 HOH B O   1 
HETATM 1243 O O   . HOH M 5 .  ? 16.042  14.947  -0.718  1.00 43.90 ? 365 HOH B O   1 
HETATM 1244 O O   . HOH M 5 .  ? 25.141  5.881   -3.406  1.00 40.66 ? 366 HOH B O   1 
HETATM 1245 O O   . HOH M 5 .  ? 20.114  12.012  -6.006  1.00 40.45 ? 367 HOH B O   1 
HETATM 1246 O O   . HOH M 5 .  ? 19.292  6.824   -4.037  1.00 36.13 ? 368 HOH B O   1 
HETATM 1247 O O   . HOH M 5 .  ? 2.071   9.065   16.997  1.00 41.43 ? 369 HOH B O   1 
HETATM 1248 O O   . HOH M 5 .  ? 28.822  10.901  6.702   1.00 40.02 ? 370 HOH B O   1 
HETATM 1249 O O   . HOH M 5 .  ? 21.490  7.812   -5.811  1.00 44.13 ? 371 HOH B O   1 
HETATM 1250 O O   . HOH M 5 .  ? 19.017  13.694  -4.394  1.00 35.17 ? 372 HOH B O   1 
HETATM 1251 O O   . HOH M 5 .  ? 24.986  3.519   -3.202  1.00 34.42 ? 373 HOH B O   1 
HETATM 1252 O O   . HOH M 5 .  ? 27.607  7.701   2.606   1.00 54.50 ? 374 HOH B O   1 
HETATM 1253 O O   . HOH M 5 .  ? 23.143  15.135  3.796   1.00 43.36 ? 375 HOH B O   1 
HETATM 1254 O O   . HOH M 5 .  ? 22.257  12.572  -3.386  1.00 51.36 ? 376 HOH B O   1 
HETATM 1255 O O   A HOH N 5 .  ? -9.765  0.876   18.253  0.50 7.64  ? 305 HOH C O   1 
HETATM 1256 O O   B HOH N 5 .  ? -19.781 0.650   -16.372 0.50 12.11 ? 305 HOH C O   1 
HETATM 1257 O O   . HOH N 5 .  ? -12.585 9.644   11.960  1.00 15.64 ? 306 HOH C O   1 
HETATM 1258 O O   . HOH N 5 .  ? -14.459 10.626  19.978  1.00 18.69 ? 307 HOH C O   1 
HETATM 1259 O O   . HOH N 5 .  ? -9.963  7.225   12.674  1.00 15.76 ? 308 HOH C O   1 
HETATM 1260 O O   . HOH N 5 .  ? -21.717 4.884   17.596  1.00 17.05 ? 309 HOH C O   1 
HETATM 1261 O O   . HOH N 5 .  ? -10.328 9.424   14.508  1.00 14.65 ? 310 HOH C O   1 
HETATM 1262 O O   . HOH N 5 .  ? -7.603  -4.069  35.381  1.00 19.83 ? 311 HOH C O   1 
HETATM 1263 O O   . HOH N 5 .  ? -11.866 13.374  15.112  1.00 23.16 ? 312 HOH C O   1 
HETATM 1264 O O   . HOH N 5 .  ? -17.073 -2.167  21.712  1.00 27.14 ? 313 HOH C O   1 
HETATM 1265 O O   . HOH N 5 .  ? -2.693  -3.105  28.854  1.00 27.62 ? 314 HOH C O   1 
HETATM 1266 O O   . HOH N 5 .  ? -9.369  0.283   14.876  1.00 28.08 ? 315 HOH C O   1 
HETATM 1267 O O   . HOH N 5 .  ? -8.837  13.257  8.886   1.00 19.66 ? 316 HOH C O   1 
HETATM 1268 O O   . HOH N 5 .  ? -7.742  -1.433  35.280  1.00 35.14 ? 317 HOH C O   1 
HETATM 1269 O O   . HOH N 5 .  ? -14.642 0.451   31.626  1.00 29.91 ? 318 HOH C O   1 
HETATM 1270 O O   . HOH N 5 .  ? -18.659 -4.563  29.460  1.00 33.98 ? 319 HOH C O   1 
HETATM 1271 O O   . HOH N 5 .  ? -10.772 -8.301  29.680  1.00 23.46 ? 320 HOH C O   1 
HETATM 1272 O O   . HOH N 5 .  ? -12.382 1.523   13.875  1.00 21.10 ? 321 HOH C O   1 
HETATM 1273 O O   . HOH N 5 .  ? -13.373 -5.331  26.715  1.00 29.71 ? 322 HOH C O   1 
HETATM 1274 O O   . HOH N 5 .  ? 1.517   4.310   18.160  1.00 33.78 ? 323 HOH C O   1 
HETATM 1275 O O   . HOH N 5 .  ? -2.787  -0.728  27.419  1.00 27.96 ? 324 HOH C O   1 
HETATM 1276 O O   . HOH N 5 .  ? -6.380  -0.765  25.161  1.00 24.98 ? 325 HOH C O   1 
HETATM 1277 O O   . HOH N 5 .  ? -0.354  0.588   28.570  1.00 29.40 ? 326 HOH C O   1 
HETATM 1278 O O   . HOH N 5 .  ? -11.075 -1.775  33.052  1.00 33.53 ? 327 HOH C O   1 
HETATM 1279 O O   . HOH N 5 .  ? -17.232 1.334   32.149  1.00 38.51 ? 328 HOH C O   1 
HETATM 1280 O O   . HOH N 5 .  ? -6.516  10.513  26.467  1.00 48.21 ? 329 HOH C O   1 
HETATM 1281 O O   . HOH N 5 .  ? -2.871  1.653   19.964  1.00 34.42 ? 330 HOH C O   1 
HETATM 1282 O O   . HOH N 5 .  ? -7.927  13.295  21.105  1.00 36.60 ? 331 HOH C O   1 
HETATM 1283 O O   . HOH N 5 .  ? -13.557 -5.345  31.777  1.00 32.94 ? 332 HOH C O   1 
HETATM 1284 O O   . HOH N 5 .  ? -8.724  6.499   33.828  1.00 39.75 ? 333 HOH C O   1 
HETATM 1285 O O   . HOH N 5 .  ? -10.841 11.821  23.601  1.00 34.75 ? 334 HOH C O   1 
HETATM 1286 O O   . HOH N 5 .  ? -14.350 -6.059  29.227  1.00 43.87 ? 335 HOH C O   1 
HETATM 1287 O O   A HOH N 5 .  ? -20.392 12.945  12.173  0.50 17.40 ? 336 HOH C O   1 
HETATM 1288 O O   B HOH N 5 .  ? -20.851 13.028  13.678  0.50 21.35 ? 336 HOH C O   1 
HETATM 1289 O O   . HOH N 5 .  ? -14.467 13.074  16.299  1.00 33.77 ? 337 HOH C O   1 
HETATM 1290 O O   . HOH N 5 .  ? -4.627  0.038   34.329  1.00 49.20 ? 338 HOH C O   1 
HETATM 1291 O O   . HOH N 5 .  ? -1.924  10.702  20.045  1.00 51.49 ? 339 HOH C O   1 
HETATM 1292 O O   . HOH N 5 .  ? -10.810 -3.770  35.099  1.00 47.01 ? 340 HOH C O   1 
HETATM 1293 O O   . HOH N 5 .  ? 0.621   6.672   14.895  1.00 29.24 ? 341 HOH C O   1 
HETATM 1294 O O   . HOH N 5 .  ? -12.035 13.701  20.159  1.00 44.04 ? 342 HOH C O   1 
HETATM 1295 O O   . HOH N 5 .  ? -15.419 -4.598  33.491  1.00 34.93 ? 343 HOH C O   1 
HETATM 1296 O O   . HOH N 5 .  ? -4.490  6.892   25.463  1.00 37.60 ? 344 HOH C O   1 
HETATM 1297 O O   . HOH N 5 .  ? -5.214  15.961  16.574  1.00 35.50 ? 345 HOH C O   1 
HETATM 1298 O O   . HOH N 5 .  ? -11.844 -6.654  33.526  1.00 35.56 ? 346 HOH C O   1 
HETATM 1299 O O   . HOH N 5 .  ? -12.959 -1.293  12.838  1.00 47.34 ? 347 HOH C O   1 
HETATM 1300 O O   . HOH N 5 .  ? -2.916  0.197   31.523  1.00 39.27 ? 348 HOH C O   1 
HETATM 1301 O O   . HOH N 5 .  ? -19.151 4.533   25.761  1.00 40.48 ? 349 HOH C O   1 
HETATM 1302 O O   . HOH N 5 .  ? -9.002  9.744   22.614  1.00 56.45 ? 350 HOH C O   1 
HETATM 1303 O O   . HOH N 5 .  ? -2.878  13.319  15.731  1.00 37.53 ? 351 HOH C O   1 
HETATM 1304 O O   . HOH N 5 .  ? -2.438  -0.650  21.938  1.00 52.99 ? 352 HOH C O   1 
HETATM 1305 O O   . HOH N 5 .  ? -1.979  4.399   30.432  1.00 57.38 ? 353 HOH C O   1 
HETATM 1306 O O   . HOH N 5 .  ? -16.269 14.001  19.549  1.00 40.46 ? 354 HOH C O   1 
HETATM 1307 O O   . HOH N 5 .  ? -6.348  9.594   23.016  1.00 41.65 ? 355 HOH C O   1 
HETATM 1308 O O   . HOH N 5 .  ? -11.829 1.940   33.340  1.00 36.69 ? 356 HOH C O   1 
HETATM 1309 O O   . HOH N 5 .  ? -2.720  -2.290  34.499  1.00 42.56 ? 357 HOH C O   1 
HETATM 1310 O O   . HOH N 5 .  ? -17.864 11.704  25.163  1.00 43.90 ? 358 HOH C O   1 
HETATM 1311 O O   . HOH N 5 .  ? -14.045 13.622  23.540  1.00 48.98 ? 359 HOH C O   1 
HETATM 1312 O O   . HOH N 5 .  ? -14.235 12.745  18.684  1.00 40.99 ? 360 HOH C O   1 
HETATM 1313 O O   . HOH N 5 .  ? -11.211 -9.078  34.180  1.00 40.83 ? 361 HOH C O   1 
HETATM 1314 O O   . HOH N 5 .  ? -9.614  -5.814  23.948  1.00 47.98 ? 362 HOH C O   1 
HETATM 1315 O O   . HOH N 5 .  ? 0.721   9.647   20.184  1.00 44.13 ? 363 HOH C O   1 
HETATM 1316 O O   . HOH N 5 .  ? -14.636 8.462   28.012  1.00 56.87 ? 364 HOH C O   1 
HETATM 1317 O O   . HOH N 5 .  ? -15.337 -2.096  12.202  1.00 35.94 ? 365 HOH C O   1 
HETATM 1318 O O   . HOH N 5 .  ? -4.001  2.550   32.136  1.00 43.11 ? 366 HOH C O   1 
HETATM 1319 O O   . HOH O 5 .  ? 2.150   -21.905 4.186   1.00 17.03 ? 502 HOH D O   1 
HETATM 1320 O O   . HOH O 5 .  ? 12.654  -13.677 -0.337  1.00 30.43 ? 503 HOH D O   1 
HETATM 1321 O O   . HOH O 5 .  ? 5.834   -11.398 -8.970  1.00 18.45 ? 504 HOH D O   1 
HETATM 1322 O O   . HOH O 5 .  ? 2.779   -15.248 4.186   1.00 27.46 ? 505 HOH D O   1 
HETATM 1323 O O   . HOH O 5 .  ? 12.593  -17.494 0.169   1.00 24.31 ? 506 HOH D O   1 
HETATM 1324 O O   . HOH O 5 .  ? -0.247  -25.443 -11.067 1.00 20.96 ? 507 HOH D O   1 
HETATM 1325 O O   . HOH O 5 .  ? -0.755  -14.450 -15.225 1.00 30.10 ? 508 HOH D O   1 
HETATM 1326 O O   . HOH O 5 .  ? -3.173  -25.815 -10.835 1.00 18.59 ? 509 HOH D O   1 
HETATM 1327 O O   . HOH O 5 .  ? 2.312   -16.797 -16.329 1.00 36.33 ? 510 HOH D O   1 
HETATM 1328 O O   . HOH O 5 .  ? -9.294  -24.908 -0.558  1.00 35.73 ? 511 HOH D O   1 
HETATM 1329 O O   A HOH O 5 .  ? 9.270   -13.288 -13.547 0.50 14.37 ? 512 HOH D O   1 
HETATM 1330 O O   B HOH O 5 .  ? -9.268  14.380  19.028  0.50 22.89 ? 512 HOH D O   1 
HETATM 1331 O O   . HOH O 5 .  ? 4.540   -13.998 2.741   1.00 27.90 ? 513 HOH D O   1 
HETATM 1332 O O   . HOH O 5 .  ? 8.870   -23.965 -16.822 1.00 25.91 ? 514 HOH D O   1 
HETATM 1333 O O   . HOH O 5 .  ? -1.398  -30.085 -0.761  1.00 35.85 ? 515 HOH D O   1 
HETATM 1334 O O   . HOH O 5 .  ? -0.115  -16.685 -4.026  1.00 30.06 ? 516 HOH D O   1 
HETATM 1335 O O   . HOH O 5 .  ? 13.172  -19.364 -1.012  1.00 36.59 ? 517 HOH D O   1 
HETATM 1336 O O   . HOH O 5 .  ? 3.074   -25.946 -4.005  1.00 24.58 ? 518 HOH D O   1 
HETATM 1337 O O   . HOH O 5 .  ? 6.527   -25.949 1.472   1.00 31.49 ? 519 HOH D O   1 
HETATM 1338 O O   . HOH O 5 .  ? 11.183  -17.909 -8.877  1.00 34.23 ? 520 HOH D O   1 
HETATM 1339 O O   . HOH O 5 .  ? -0.187  -23.130 -21.423 1.00 30.63 ? 521 HOH D O   1 
HETATM 1340 O O   . HOH O 5 .  ? -2.035  -13.729 -2.631  1.00 26.20 ? 522 HOH D O   1 
HETATM 1341 O O   . HOH O 5 .  ? 9.656   -12.328 7.460   1.00 39.61 ? 523 HOH D O   1 
HETATM 1342 O O   . HOH O 5 .  ? 5.513   -15.251 -1.230  1.00 25.88 ? 524 HOH D O   1 
HETATM 1343 O O   . HOH O 5 .  ? 4.069   -26.979 -0.943  1.00 46.62 ? 525 HOH D O   1 
HETATM 1344 O O   . HOH O 5 .  ? -6.265  -17.063 3.250   1.00 49.92 ? 526 HOH D O   1 
HETATM 1345 O O   . HOH O 5 .  ? -1.485  -14.698 -0.632  1.00 32.60 ? 527 HOH D O   1 
HETATM 1346 O O   . HOH O 5 .  ? -3.642  -19.068 -7.307  1.00 34.46 ? 528 HOH D O   1 
HETATM 1347 O O   . HOH O 5 .  ? 5.358   -12.505 4.693   1.00 35.99 ? 529 HOH D O   1 
HETATM 1348 O O   . HOH O 5 .  ? -8.146  -24.130 4.263   1.00 25.06 ? 530 HOH D O   1 
HETATM 1349 O O   . HOH O 5 .  ? -2.558  -17.153 -4.970  1.00 43.60 ? 531 HOH D O   1 
HETATM 1350 O O   . HOH O 5 .  ? 7.386   -26.063 -3.142  1.00 35.98 ? 532 HOH D O   1 
HETATM 1351 O O   . HOH O 5 .  ? 5.576   -17.460 -15.731 1.00 32.68 ? 533 HOH D O   1 
HETATM 1352 O O   . HOH O 5 .  ? 2.220   -27.416 -14.659 1.00 53.78 ? 534 HOH D O   1 
HETATM 1353 O O   . HOH O 5 .  ? 8.525   -23.595 -12.840 1.00 47.59 ? 535 HOH D O   1 
HETATM 1354 O O   . HOH O 5 .  ? -0.070  -13.056 0.929   1.00 33.24 ? 536 HOH D O   1 
HETATM 1355 O O   . HOH O 5 .  ? 14.074  -16.632 -6.597  1.00 39.54 ? 537 HOH D O   1 
HETATM 1356 O O   . HOH O 5 .  ? 16.034  -22.849 -13.853 1.00 35.37 ? 538 HOH D O   1 
HETATM 1357 O O   . HOH O 5 .  ? 5.946   -27.393 -5.809  1.00 32.12 ? 539 HOH D O   1 
HETATM 1358 O O   . HOH O 5 .  ? -8.604  -24.747 -5.483  1.00 47.29 ? 540 HOH D O   1 
HETATM 1359 O O   . HOH O 5 .  ? -0.089  -13.309 3.530   1.00 37.78 ? 541 HOH D O   1 
HETATM 1360 O O   . HOH O 5 .  ? 10.078  -16.897 -18.278 1.00 47.47 ? 542 HOH D O   1 
HETATM 1361 O O   . HOH O 5 .  ? 0.483   -10.432 -1.726  1.00 33.79 ? 543 HOH D O   1 
HETATM 1362 O O   . HOH O 5 .  ? 9.259   -17.988 -10.100 1.00 41.37 ? 544 HOH D O   1 
HETATM 1363 O O   . HOH O 5 .  ? 3.511   -29.117 -18.055 1.00 36.46 ? 545 HOH D O   1 
HETATM 1364 O O   . HOH O 5 .  ? -8.559  -20.799 2.184   1.00 42.88 ? 546 HOH D O   1 
HETATM 1365 O O   . HOH O 5 .  ? -0.469  -21.181 -19.574 1.00 35.26 ? 547 HOH D O   1 
HETATM 1366 O O   . HOH O 5 .  ? 1.303   -28.695 -1.341  1.00 35.80 ? 548 HOH D O   1 
HETATM 1367 O O   . HOH O 5 .  ? 9.529   -16.170 -15.739 1.00 39.92 ? 549 HOH D O   1 
HETATM 1368 O O   . HOH O 5 .  ? -2.460  -12.491 2.776   1.00 45.44 ? 550 HOH D O   1 
HETATM 1369 O O   . HOH O 5 .  ? 12.736  -21.177 -15.352 1.00 44.16 ? 551 HOH D O   1 
HETATM 1370 O O   . HOH O 5 .  ? 14.731  -21.065 -11.686 1.00 54.12 ? 552 HOH D O   1 
HETATM 1371 O O   . HOH O 5 .  ? 11.752  -10.918 8.381   1.00 52.60 ? 553 HOH D O   1 
HETATM 1372 O O   . HOH O 5 .  ? 12.723  -19.032 -14.016 1.00 43.80 ? 554 HOH D O   1 
HETATM 1373 O O   . HOH O 5 .  ? -5.027  -24.766 -13.120 1.00 42.12 ? 555 HOH D O   1 
# 
